data_2UZY
#
_entry.id   2UZY
#
_cell.length_a   139.000
_cell.length_b   144.980
_cell.length_c   150.500
_cell.angle_alpha   90.00
_cell.angle_beta   90.00
_cell.angle_gamma   90.00
#
_symmetry.space_group_name_H-M   'P 21 21 21'
#
loop_
_entity.id
_entity.type
_entity.pdbx_description
1 polymer 'INTERNALIN B'
2 polymer 'HEPATOCYTE GROWTH FACTOR RECEPTOR'
#
loop_
_entity_poly.entity_id
_entity_poly.type
_entity_poly.pdbx_seq_one_letter_code
_entity_poly.pdbx_strand_id
1 'polypeptide(L)'
;GAMETITVPTPIKQIFSDDAFAETIKDNLKKKSVTDAVTQNELNSIDQIIANNSDIKSVQGIQYLPNVTKLFLNGNKLTD
IKPLANLKNLGWLFLDENKVKDLSSLKDLKKLKSLSLEHNGISDINGLVHLPQLESLYLGNNKITDITVLSRLTKLDTLS
LEDNQISDIVPLAGLTKLQNLYLSKNHISDLRALAGLKNLDVLELFSQECLNKPINHQSNLVVPNTVKNTDGSLVTPEII
SDDGDYEKPNVKWHLPEFTNEVSFIFYQPVTIGKAKARFHGRVTQPLKE
;
A,C
2 'polypeptide(L)'
;ETRECKEALAKSEMNVNMKCQLPNFTAETPIQNVILHEHHIFLGATNYIYVLNEEDLQKVAEYKTGPVLEHPDCFPCQDC
SSKANLSGGVWKDNINMALVVDTYYDDQLISCGSVNRGTCQRHVFPHNHTADIQSEVHCIFSPQIEEPSQCPDCVVSALG
AKVLSSVKDRFINFFVGNTINSSYFPDHPLHSISVRRLKETKDGFMFLTDQSYIDVLPEFRDSYPIKYVHAFESNNFIYF
LTVQRETLDAQTFHTRIIRFCSINSGLHSYMEMPLECILTEKRKKRSTKKEVFNILQAAYVSKPGAQLARQIGASLNDDI
LFAVFAQSKPDSAEPMDRSAMCAFPIKYVNDFFNKIVNKNNVRCLQHFYGPNHEHCFNRTLLRNSSGCEARRDEYRTEFT
TALQRVDLFMGQFSEVLLTSISTFIKGDLTIANLGTSEGRFMQVVVSRSGPSTPHVNFLLDSHPVSPEVIVEHTLNQNGY
TLVITGKKITKIPLNGLGCRHFQSCSQCLSAPPFVQCGWCHDKCVRSEECLSGTWTQQICLPAIYKVFPNSAPLEGGTRL
TICGWDFGFRRNNKFDLKKTRVLLGNESCTLTLSESTMNTLKCTVGPAMNKHFNMSIIISNGHGTTQYSTFSYVDPVITS
ISPKYGPMAGGTLLTLTGNYLNSGNSRHISIGGKTCTLKSVSNSILECYTPAQTISTEFAVKLKIDLANRETSIFSYRED
LHHHHHH
;
B,D
#
# COMPACT_ATOMS: atom_id res chain seq x y z
N MET A 3 53.97 2.94 -47.79
CA MET A 3 55.07 2.70 -48.72
C MET A 3 55.46 1.22 -48.77
N GLU A 4 54.96 0.45 -47.81
CA GLU A 4 55.27 -0.97 -47.74
C GLU A 4 54.38 -1.80 -48.67
N THR A 5 54.98 -2.34 -49.72
CA THR A 5 54.24 -3.07 -50.74
C THR A 5 54.98 -4.33 -51.21
N ILE A 6 54.46 -5.49 -50.85
CA ILE A 6 55.00 -6.74 -51.38
C ILE A 6 54.56 -6.92 -52.83
N THR A 7 55.52 -6.90 -53.74
CA THR A 7 55.22 -6.98 -55.16
C THR A 7 55.07 -8.42 -55.63
N VAL A 8 55.68 -9.35 -54.90
CA VAL A 8 55.62 -10.77 -55.25
C VAL A 8 54.80 -11.57 -54.25
N PRO A 9 54.02 -12.54 -54.73
CA PRO A 9 53.26 -13.45 -53.88
C PRO A 9 54.16 -14.13 -52.84
N THR A 10 53.95 -13.80 -51.58
CA THR A 10 54.78 -14.31 -50.49
C THR A 10 53.91 -14.92 -49.41
N PRO A 11 54.32 -16.08 -48.88
CA PRO A 11 53.62 -16.75 -47.78
C PRO A 11 53.48 -15.83 -46.56
N ILE A 12 52.48 -16.12 -45.72
CA ILE A 12 52.19 -15.29 -44.56
C ILE A 12 53.23 -15.48 -43.46
N LYS A 13 53.85 -16.66 -43.43
CA LYS A 13 54.87 -16.98 -42.44
C LYS A 13 56.09 -16.06 -42.54
N GLN A 14 56.43 -15.67 -43.77
CA GLN A 14 57.61 -14.85 -44.01
C GLN A 14 57.34 -13.38 -43.72
N ILE A 15 56.13 -12.93 -44.02
CA ILE A 15 55.74 -11.53 -43.79
C ILE A 15 55.81 -11.17 -42.32
N PHE A 16 54.98 -11.83 -41.52
CA PHE A 16 54.95 -11.60 -40.08
C PHE A 16 55.86 -12.60 -39.39
N SER A 17 56.95 -12.11 -38.83
CA SER A 17 57.95 -12.98 -38.21
C SER A 17 57.43 -13.68 -36.96
N ASP A 18 56.52 -13.03 -36.25
CA ASP A 18 55.94 -13.62 -35.03
C ASP A 18 54.91 -14.68 -35.36
N ASP A 19 55.17 -15.90 -34.88
CA ASP A 19 54.31 -17.05 -35.16
C ASP A 19 52.85 -16.73 -34.88
N ALA A 20 52.59 -16.15 -33.70
CA ALA A 20 51.23 -15.85 -33.27
C ALA A 20 50.50 -14.91 -34.22
N PHE A 21 51.08 -13.73 -34.44
CA PHE A 21 50.45 -12.71 -35.27
C PHE A 21 50.25 -13.19 -36.71
N ALA A 22 51.12 -14.11 -37.14
CA ALA A 22 51.04 -14.68 -38.47
C ALA A 22 49.79 -15.55 -38.61
N GLU A 23 49.56 -16.41 -37.62
CA GLU A 23 48.36 -17.25 -37.61
C GLU A 23 47.10 -16.40 -37.58
N THR A 24 47.14 -15.31 -36.81
CA THR A 24 46.01 -14.40 -36.72
C THR A 24 45.58 -13.95 -38.11
N ILE A 25 46.54 -13.43 -38.88
CA ILE A 25 46.27 -12.97 -40.24
C ILE A 25 45.77 -14.13 -41.10
N LYS A 26 46.30 -15.32 -40.83
CA LYS A 26 45.90 -16.52 -41.58
C LYS A 26 44.41 -16.78 -41.43
N ASP A 27 43.94 -16.82 -40.19
CA ASP A 27 42.53 -17.04 -39.91
C ASP A 27 41.68 -15.93 -40.48
N ASN A 28 42.21 -14.71 -40.40
CA ASN A 28 41.53 -13.54 -40.94
C ASN A 28 41.24 -13.70 -42.43
N LEU A 29 42.22 -14.25 -43.16
CA LEU A 29 42.13 -14.36 -44.61
C LEU A 29 41.60 -15.71 -45.08
N LYS A 30 40.95 -16.44 -44.17
CA LYS A 30 40.32 -17.72 -44.50
C LYS A 30 41.33 -18.72 -45.05
N LYS A 31 42.61 -18.46 -44.83
CA LYS A 31 43.69 -19.30 -45.36
C LYS A 31 43.74 -20.67 -44.69
N LYS A 32 44.54 -21.56 -45.26
CA LYS A 32 44.66 -22.93 -44.76
C LYS A 32 45.83 -23.08 -43.79
N SER A 33 46.90 -22.31 -44.02
CA SER A 33 48.07 -22.36 -43.16
C SER A 33 48.92 -21.12 -43.33
N VAL A 34 49.96 -20.98 -42.50
CA VAL A 34 50.86 -19.84 -42.57
C VAL A 34 51.76 -19.96 -43.80
N THR A 35 51.77 -21.14 -44.42
CA THR A 35 52.60 -21.38 -45.59
C THR A 35 51.91 -20.96 -46.89
N ASP A 36 50.69 -20.43 -46.77
CA ASP A 36 49.94 -19.98 -47.93
C ASP A 36 50.44 -18.62 -48.41
N ALA A 37 50.53 -18.46 -49.73
CA ALA A 37 50.97 -17.20 -50.32
C ALA A 37 49.84 -16.18 -50.31
N VAL A 38 50.19 -14.91 -50.23
CA VAL A 38 49.21 -13.83 -50.23
C VAL A 38 49.68 -12.65 -51.08
N THR A 39 48.71 -11.87 -51.57
CA THR A 39 49.02 -10.71 -52.41
C THR A 39 48.80 -9.41 -51.64
N GLN A 40 49.32 -8.32 -52.19
CA GLN A 40 49.18 -7.01 -51.57
C GLN A 40 47.72 -6.55 -51.60
N ASN A 41 46.98 -7.02 -52.61
CA ASN A 41 45.55 -6.73 -52.70
C ASN A 41 44.79 -7.34 -51.52
N GLU A 42 45.15 -8.56 -51.17
CA GLU A 42 44.53 -9.26 -50.05
C GLU A 42 44.89 -8.57 -48.74
N LEU A 43 46.08 -7.99 -48.67
CA LEU A 43 46.53 -7.28 -47.48
C LEU A 43 45.84 -5.92 -47.35
N ASN A 44 45.53 -5.30 -48.49
CA ASN A 44 44.89 -4.00 -48.49
C ASN A 44 43.45 -4.06 -47.98
N SER A 45 42.79 -5.18 -48.26
CA SER A 45 41.37 -5.35 -47.89
C SER A 45 41.18 -5.72 -46.42
N ILE A 46 42.27 -5.74 -45.65
CA ILE A 46 42.20 -6.02 -44.22
C ILE A 46 41.94 -4.74 -43.43
N ASP A 47 40.70 -4.58 -42.99
CA ASP A 47 40.31 -3.37 -42.26
C ASP A 47 40.35 -3.55 -40.75
N GLN A 48 39.91 -4.72 -40.29
CA GLN A 48 39.80 -4.96 -38.87
C GLN A 48 40.44 -6.27 -38.43
N ILE A 49 41.51 -6.16 -37.65
CA ILE A 49 42.13 -7.32 -37.03
C ILE A 49 41.67 -7.44 -35.57
N ILE A 50 41.35 -8.66 -35.16
CA ILE A 50 40.94 -8.91 -33.78
C ILE A 50 41.81 -9.99 -33.17
N ALA A 51 42.78 -9.58 -32.36
CA ALA A 51 43.77 -10.51 -31.82
C ALA A 51 44.06 -10.27 -30.34
N ASN A 52 43.01 -10.24 -29.53
CA ASN A 52 43.16 -10.13 -28.09
C ASN A 52 43.56 -11.47 -27.47
N ASN A 53 44.59 -11.45 -26.63
CA ASN A 53 45.08 -12.65 -25.97
C ASN A 53 45.55 -13.70 -26.97
N SER A 54 46.50 -13.31 -27.81
CA SER A 54 47.03 -14.19 -28.85
C SER A 54 48.51 -14.49 -28.59
N ASP A 55 49.03 -13.96 -27.49
CA ASP A 55 50.43 -14.13 -27.13
C ASP A 55 51.37 -13.52 -28.18
N ILE A 56 50.83 -12.64 -29.00
CA ILE A 56 51.61 -11.97 -30.03
C ILE A 56 52.72 -11.14 -29.38
N LYS A 57 53.96 -11.38 -29.81
CA LYS A 57 55.11 -10.67 -29.24
C LYS A 57 55.53 -9.48 -30.10
N SER A 58 55.23 -9.55 -31.39
CA SER A 58 55.56 -8.48 -32.31
C SER A 58 54.58 -8.46 -33.47
N VAL A 59 54.31 -7.28 -34.01
CA VAL A 59 53.40 -7.15 -35.13
C VAL A 59 54.16 -6.75 -36.39
N GLN A 60 55.36 -7.29 -36.55
CA GLN A 60 56.18 -6.99 -37.71
C GLN A 60 55.55 -7.56 -38.98
N GLY A 61 55.16 -6.67 -39.88
CA GLY A 61 54.52 -7.07 -41.12
C GLY A 61 53.22 -6.31 -41.29
N ILE A 62 52.79 -5.64 -40.23
CA ILE A 62 51.54 -4.90 -40.24
C ILE A 62 51.62 -3.71 -41.18
N GLN A 63 52.83 -3.29 -41.52
CA GLN A 63 53.04 -2.15 -42.41
C GLN A 63 52.37 -2.34 -43.76
N TYR A 64 52.16 -3.60 -44.14
CA TYR A 64 51.59 -3.92 -45.44
C TYR A 64 50.06 -3.92 -45.41
N LEU A 65 49.50 -3.43 -44.32
CA LEU A 65 48.05 -3.33 -44.18
C LEU A 65 47.67 -1.86 -43.97
N PRO A 66 47.76 -1.06 -45.03
CA PRO A 66 47.53 0.39 -44.95
C PRO A 66 46.10 0.74 -44.55
N ASN A 67 45.14 -0.08 -44.97
CA ASN A 67 43.73 0.21 -44.72
C ASN A 67 43.20 -0.39 -43.42
N VAL A 68 44.07 -0.51 -42.42
CA VAL A 68 43.65 -1.05 -41.12
C VAL A 68 43.23 0.08 -40.17
N THR A 69 41.97 0.07 -39.76
CA THR A 69 41.44 1.12 -38.89
C THR A 69 40.84 0.56 -37.60
N LYS A 70 41.02 -0.75 -37.38
CA LYS A 70 40.56 -1.37 -36.14
C LYS A 70 41.61 -2.38 -35.66
N LEU A 71 42.21 -2.10 -34.51
CA LEU A 71 43.21 -3.00 -33.94
C LEU A 71 42.86 -3.42 -32.52
N PHE A 72 42.91 -4.72 -32.28
CA PHE A 72 42.65 -5.25 -30.94
C PHE A 72 43.78 -6.18 -30.56
N LEU A 73 44.61 -5.73 -29.62
CA LEU A 73 45.81 -6.48 -29.25
C LEU A 73 45.99 -6.55 -27.74
N ASN A 74 44.90 -6.32 -27.00
CA ASN A 74 44.93 -6.46 -25.56
C ASN A 74 45.30 -7.90 -25.19
N GLY A 75 46.08 -8.06 -24.12
CA GLY A 75 46.44 -9.38 -23.64
C GLY A 75 47.53 -10.04 -24.45
N ASN A 76 48.51 -9.24 -24.86
CA ASN A 76 49.62 -9.75 -25.63
C ASN A 76 50.95 -9.53 -24.91
N LYS A 77 52.04 -9.53 -25.68
CA LYS A 77 53.36 -9.34 -25.12
C LYS A 77 54.04 -8.19 -25.84
N LEU A 78 53.24 -7.39 -26.55
CA LEU A 78 53.76 -6.29 -27.35
C LEU A 78 54.61 -5.35 -26.53
N THR A 79 55.81 -5.05 -27.05
CA THR A 79 56.73 -4.16 -26.36
C THR A 79 57.19 -3.07 -27.33
N ASP A 80 56.88 -3.26 -28.60
CA ASP A 80 57.24 -2.30 -29.62
C ASP A 80 56.02 -1.94 -30.47
N ILE A 81 55.96 -0.69 -30.89
CA ILE A 81 54.88 -0.24 -31.77
C ILE A 81 55.44 0.56 -32.95
N LYS A 82 56.69 0.29 -33.31
CA LYS A 82 57.29 0.91 -34.49
C LYS A 82 56.60 0.50 -35.80
N PRO A 83 56.18 -0.78 -35.89
CA PRO A 83 55.45 -1.22 -37.09
C PRO A 83 54.19 -0.39 -37.33
N LEU A 84 53.52 0.00 -36.26
CA LEU A 84 52.29 0.77 -36.34
C LEU A 84 52.56 2.23 -36.68
N ALA A 85 53.82 2.63 -36.57
CA ALA A 85 54.21 4.04 -36.69
C ALA A 85 53.68 4.70 -37.96
N ASN A 86 53.51 3.91 -39.02
CA ASN A 86 53.01 4.45 -40.27
C ASN A 86 51.83 3.68 -40.85
N LEU A 87 50.83 3.44 -40.01
CA LEU A 87 49.56 2.89 -40.48
C LEU A 87 48.57 4.03 -40.68
N LYS A 88 48.59 4.60 -41.88
CA LYS A 88 47.88 5.84 -42.20
C LYS A 88 46.51 6.00 -41.57
N ASN A 89 45.61 5.04 -41.81
CA ASN A 89 44.22 5.21 -41.42
C ASN A 89 43.78 4.55 -40.10
N LEU A 90 44.75 4.21 -39.26
CA LEU A 90 44.43 3.57 -37.99
C LEU A 90 43.46 4.43 -37.18
N GLY A 91 42.26 3.91 -36.95
CA GLY A 91 41.24 4.63 -36.22
C GLY A 91 41.19 4.27 -34.75
N TRP A 92 40.81 3.03 -34.46
CA TRP A 92 40.80 2.54 -33.09
C TRP A 92 42.01 1.66 -32.80
N LEU A 93 42.58 1.82 -31.62
CA LEU A 93 43.73 1.02 -31.18
C LEU A 93 43.61 0.62 -29.72
N PHE A 94 43.89 -0.65 -29.43
CA PHE A 94 43.82 -1.16 -28.06
C PHE A 94 44.98 -2.09 -27.74
N LEU A 95 45.92 -1.61 -26.92
CA LEU A 95 47.13 -2.34 -26.57
C LEU A 95 47.23 -2.60 -25.08
N ASP A 96 46.10 -2.90 -24.45
CA ASP A 96 46.09 -3.10 -23.01
C ASP A 96 46.82 -4.38 -22.59
N GLU A 97 47.19 -4.43 -21.31
CA GLU A 97 47.87 -5.58 -20.74
C GLU A 97 49.12 -5.97 -21.50
N ASN A 98 49.84 -4.96 -22.01
CA ASN A 98 51.09 -5.17 -22.70
C ASN A 98 52.24 -4.45 -21.99
N LYS A 99 53.24 -4.05 -22.78
CA LYS A 99 54.37 -3.29 -22.24
C LYS A 99 54.80 -2.20 -23.20
N VAL A 100 53.86 -1.70 -23.99
CA VAL A 100 54.13 -0.58 -24.87
C VAL A 100 54.43 0.64 -24.00
N LYS A 101 55.58 1.28 -24.24
CA LYS A 101 55.98 2.44 -23.45
C LYS A 101 56.48 3.58 -24.32
N ASP A 102 57.13 3.24 -25.43
CA ASP A 102 57.59 4.24 -26.39
C ASP A 102 56.44 4.74 -27.25
N LEU A 103 55.38 5.19 -26.58
CA LEU A 103 54.17 5.66 -27.24
C LEU A 103 54.43 6.77 -28.26
N SER A 104 55.65 7.30 -28.25
CA SER A 104 56.06 8.29 -29.25
C SER A 104 55.93 7.71 -30.64
N SER A 105 55.85 6.39 -30.74
CA SER A 105 55.79 5.70 -32.02
C SER A 105 54.46 5.92 -32.75
N LEU A 106 53.56 6.66 -32.11
CA LEU A 106 52.26 6.94 -32.70
C LEU A 106 52.22 8.35 -33.29
N LYS A 107 53.26 9.13 -33.02
CA LYS A 107 53.35 10.54 -33.43
C LYS A 107 52.52 10.90 -34.66
N ASP A 108 52.78 10.22 -35.76
CA ASP A 108 52.10 10.55 -37.02
C ASP A 108 50.93 9.62 -37.30
N LEU A 109 50.01 9.54 -36.34
CA LEU A 109 48.77 8.78 -36.50
C LEU A 109 47.58 9.71 -36.34
N LYS A 110 47.54 10.75 -37.17
CA LYS A 110 46.54 11.81 -37.02
C LYS A 110 45.12 11.38 -37.41
N LYS A 111 44.93 10.09 -37.66
CA LYS A 111 43.60 9.56 -37.90
C LYS A 111 43.14 8.66 -36.76
N LEU A 112 43.96 8.60 -35.71
CA LEU A 112 43.66 7.80 -34.54
C LEU A 112 42.65 8.51 -33.65
N LYS A 113 41.57 7.81 -33.30
CA LYS A 113 40.51 8.35 -32.46
C LYS A 113 40.57 7.78 -31.04
N SER A 114 40.32 6.49 -30.91
CA SER A 114 40.25 5.85 -29.60
C SER A 114 41.49 5.00 -29.30
N LEU A 115 42.30 5.45 -28.34
CA LEU A 115 43.50 4.73 -27.94
C LEU A 115 43.38 4.15 -26.53
N SER A 116 43.87 2.94 -26.31
CA SER A 116 43.86 2.32 -24.99
C SER A 116 45.19 1.68 -24.64
N LEU A 117 45.76 2.08 -23.50
CA LEU A 117 47.09 1.60 -23.10
C LEU A 117 47.17 1.23 -21.62
N GLU A 118 46.05 0.84 -21.03
CA GLU A 118 46.01 0.47 -19.61
C GLU A 118 46.87 -0.76 -19.36
N HIS A 119 47.34 -0.91 -18.13
CA HIS A 119 48.12 -2.08 -17.72
C HIS A 119 49.47 -2.19 -18.41
N ASN A 120 49.95 -1.11 -19.01
CA ASN A 120 51.21 -1.14 -19.74
C ASN A 120 52.41 -0.64 -18.95
N GLY A 121 52.22 -0.40 -17.66
CA GLY A 121 53.30 0.08 -16.80
C GLY A 121 53.88 1.40 -17.28
N ILE A 122 53.03 2.22 -17.89
CA ILE A 122 53.46 3.48 -18.48
C ILE A 122 53.75 4.54 -17.42
N SER A 123 54.95 5.12 -17.48
CA SER A 123 55.35 6.17 -16.55
C SER A 123 55.10 7.54 -17.16
N ASP A 124 55.70 7.80 -18.31
CA ASP A 124 55.47 9.04 -19.03
C ASP A 124 54.46 8.85 -20.17
N ILE A 125 53.76 9.92 -20.52
CA ILE A 125 52.73 9.86 -21.54
C ILE A 125 52.81 11.04 -22.49
N ASN A 126 53.84 11.86 -22.29
CA ASN A 126 53.98 13.12 -23.02
C ASN A 126 53.87 12.97 -24.53
N GLY A 127 54.19 11.78 -25.03
CA GLY A 127 54.12 11.52 -26.46
C GLY A 127 52.75 11.81 -27.02
N LEU A 128 51.74 11.74 -26.17
CA LEU A 128 50.35 11.90 -26.61
C LEU A 128 50.05 13.29 -27.15
N VAL A 129 50.93 14.25 -26.85
CA VAL A 129 50.77 15.62 -27.35
C VAL A 129 50.52 15.62 -28.85
N HIS A 130 51.15 14.68 -29.55
CA HIS A 130 51.07 14.61 -31.00
C HIS A 130 49.75 13.99 -31.46
N LEU A 131 48.76 13.97 -30.58
CA LEU A 131 47.43 13.48 -30.94
C LEU A 131 46.32 14.38 -30.41
N PRO A 132 46.31 15.65 -30.84
CA PRO A 132 45.24 16.58 -30.48
C PRO A 132 43.89 16.16 -31.06
N GLN A 133 43.89 15.07 -31.82
CA GLN A 133 42.68 14.59 -32.48
C GLN A 133 42.04 13.43 -31.72
N LEU A 134 42.75 12.93 -30.71
CA LEU A 134 42.25 11.84 -29.86
C LEU A 134 40.84 12.17 -29.37
N GLU A 135 40.00 11.15 -29.29
CA GLU A 135 38.63 11.33 -28.81
C GLU A 135 38.28 10.39 -27.65
N SER A 136 39.12 9.38 -27.42
CA SER A 136 38.91 8.45 -26.32
C SER A 136 40.24 7.93 -25.78
N LEU A 137 40.73 8.53 -24.70
CA LEU A 137 41.97 8.08 -24.09
C LEU A 137 41.68 7.09 -22.95
N TYR A 138 42.55 6.09 -22.79
CA TYR A 138 42.36 5.05 -21.78
C TYR A 138 43.68 4.69 -21.12
N LEU A 139 44.10 5.50 -20.15
CA LEU A 139 45.40 5.30 -19.51
C LEU A 139 45.29 4.78 -18.07
N GLY A 140 44.26 3.97 -17.82
CA GLY A 140 44.07 3.42 -16.49
C GLY A 140 45.13 2.39 -16.12
N ASN A 141 45.13 1.99 -14.86
CA ASN A 141 45.98 0.91 -14.37
C ASN A 141 47.45 1.04 -14.74
N ASN A 142 48.04 2.20 -14.44
CA ASN A 142 49.44 2.45 -14.75
C ASN A 142 50.22 3.10 -13.61
N LYS A 143 51.27 3.84 -13.98
CA LYS A 143 52.12 4.53 -13.01
C LYS A 143 52.29 5.99 -13.38
N ILE A 144 51.30 6.55 -14.06
CA ILE A 144 51.36 7.94 -14.51
C ILE A 144 51.34 8.90 -13.33
N THR A 145 52.25 9.86 -13.35
CA THR A 145 52.34 10.88 -12.30
C THR A 145 51.85 12.22 -12.83
N ASP A 146 52.65 12.86 -13.68
CA ASP A 146 52.25 14.10 -14.31
C ASP A 146 51.28 13.85 -15.46
N ILE A 147 50.45 14.83 -15.78
CA ILE A 147 49.48 14.69 -16.86
C ILE A 147 49.25 15.97 -17.66
N THR A 148 50.13 16.96 -17.50
CA THR A 148 49.94 18.26 -18.14
C THR A 148 49.77 18.11 -19.64
N VAL A 149 50.24 17.00 -20.17
CA VAL A 149 50.12 16.69 -21.59
C VAL A 149 48.68 16.75 -22.08
N LEU A 150 47.78 16.19 -21.27
CA LEU A 150 46.38 16.04 -21.63
C LEU A 150 45.69 17.39 -21.90
N SER A 151 46.36 18.47 -21.51
CA SER A 151 45.83 19.82 -21.69
C SER A 151 45.52 20.13 -23.14
N ARG A 152 46.08 19.34 -24.04
CA ARG A 152 46.00 19.63 -25.46
C ARG A 152 45.17 18.60 -26.22
N LEU A 153 44.83 17.50 -25.54
CA LEU A 153 43.92 16.52 -26.09
C LEU A 153 42.50 17.03 -25.92
N THR A 154 42.28 18.24 -26.43
CA THR A 154 41.02 18.96 -26.23
C THR A 154 39.92 18.49 -27.18
N LYS A 155 39.83 17.17 -27.36
CA LYS A 155 38.79 16.60 -28.20
C LYS A 155 38.19 15.38 -27.50
N LEU A 156 38.94 14.85 -26.54
CA LEU A 156 38.53 13.67 -25.77
C LEU A 156 37.14 13.84 -25.17
N ASP A 157 36.19 13.03 -25.62
CA ASP A 157 34.87 13.00 -25.00
C ASP A 157 34.82 11.91 -23.93
N THR A 158 35.86 11.09 -23.92
CA THR A 158 36.05 10.07 -22.90
C THR A 158 37.47 10.21 -22.37
N LEU A 159 37.77 9.55 -21.26
CA LEU A 159 39.10 9.63 -20.68
C LEU A 159 39.18 8.79 -19.41
N SER A 160 40.00 7.74 -19.45
CA SER A 160 40.29 6.98 -18.25
C SER A 160 41.52 7.61 -17.62
N LEU A 161 41.93 7.07 -16.47
CA LEU A 161 43.11 7.52 -15.73
C LEU A 161 43.12 6.85 -14.37
N GLU A 162 42.14 5.97 -14.17
CA GLU A 162 41.97 5.28 -12.90
C GLU A 162 43.20 4.46 -12.52
N ASP A 163 43.45 4.38 -11.21
CA ASP A 163 44.58 3.63 -10.67
C ASP A 163 45.93 4.09 -11.23
N ASN A 164 46.30 5.32 -10.90
CA ASN A 164 47.65 5.79 -11.15
C ASN A 164 48.18 6.49 -9.91
N GLN A 165 48.89 7.59 -10.10
CA GLN A 165 49.42 8.36 -9.00
C GLN A 165 49.21 9.84 -9.27
N ILE A 166 48.17 10.12 -10.05
CA ILE A 166 47.81 11.48 -10.38
C ILE A 166 47.42 12.24 -9.11
N SER A 167 48.26 13.20 -8.73
CA SER A 167 48.00 14.02 -7.55
C SER A 167 47.44 15.37 -7.98
N ASP A 168 47.94 15.88 -9.09
CA ASP A 168 47.44 17.11 -9.67
C ASP A 168 46.60 16.80 -10.90
N ILE A 169 45.34 17.24 -10.89
CA ILE A 169 44.45 17.02 -12.01
C ILE A 169 44.12 18.33 -12.72
N VAL A 170 44.68 19.43 -12.24
CA VAL A 170 44.43 20.76 -12.80
C VAL A 170 44.45 20.79 -14.32
N PRO A 171 45.43 20.11 -14.94
CA PRO A 171 45.54 20.10 -16.40
C PRO A 171 44.22 19.81 -17.12
N LEU A 172 43.39 18.97 -16.53
CA LEU A 172 42.11 18.60 -17.13
C LEU A 172 41.13 19.77 -17.21
N ALA A 173 41.49 20.89 -16.58
CA ALA A 173 40.60 22.04 -16.44
C ALA A 173 39.86 22.45 -17.73
N GLY A 174 40.60 22.65 -18.81
CA GLY A 174 40.03 23.18 -20.03
C GLY A 174 39.40 22.17 -20.98
N LEU A 175 39.25 20.94 -20.53
CA LEU A 175 38.72 19.85 -21.35
C LEU A 175 37.20 19.87 -21.38
N THR A 176 36.63 21.05 -21.63
CA THR A 176 35.18 21.24 -21.52
C THR A 176 34.36 20.36 -22.46
N LYS A 177 35.01 19.81 -23.49
CA LYS A 177 34.31 18.92 -24.40
C LYS A 177 34.30 17.48 -23.88
N LEU A 178 34.72 17.31 -22.64
CA LEU A 178 34.68 16.00 -21.99
C LEU A 178 33.24 15.54 -21.78
N GLN A 179 33.08 14.41 -21.09
CA GLN A 179 31.75 13.84 -20.84
C GLN A 179 31.83 12.64 -19.92
N ASN A 180 32.81 11.78 -20.17
CA ASN A 180 32.98 10.58 -19.36
C ASN A 180 34.38 10.50 -18.76
N LEU A 181 34.53 11.01 -17.55
CA LEU A 181 35.82 11.05 -16.87
C LEU A 181 35.91 10.01 -15.78
N TYR A 182 37.10 9.43 -15.59
CA TYR A 182 37.30 8.34 -14.65
C TYR A 182 38.61 8.53 -13.88
N LEU A 183 38.50 9.05 -12.65
CA LEU A 183 39.70 9.39 -11.87
C LEU A 183 39.84 8.60 -10.57
N SER A 184 39.28 7.39 -10.54
CA SER A 184 39.33 6.54 -9.36
C SER A 184 40.75 6.20 -8.96
N LYS A 185 40.90 5.56 -7.81
CA LYS A 185 42.17 4.95 -7.38
C LYS A 185 43.42 5.84 -7.45
N ASN A 186 43.22 7.15 -7.56
CA ASN A 186 44.34 8.09 -7.65
C ASN A 186 44.60 8.78 -6.33
N HIS A 187 45.49 9.79 -6.35
CA HIS A 187 45.77 10.58 -5.17
C HIS A 187 45.13 11.95 -5.30
N ILE A 188 43.83 11.96 -5.54
CA ILE A 188 43.09 13.20 -5.75
C ILE A 188 42.74 13.88 -4.41
N SER A 189 43.46 14.95 -4.10
CA SER A 189 43.14 15.74 -2.90
C SER A 189 42.21 16.89 -3.27
N ASP A 190 42.62 17.67 -4.25
CA ASP A 190 41.85 18.82 -4.70
C ASP A 190 40.79 18.40 -5.73
N LEU A 191 39.81 19.27 -5.93
CA LEU A 191 38.76 19.02 -6.90
C LEU A 191 38.34 20.30 -7.60
N ARG A 192 38.81 21.44 -7.08
CA ARG A 192 38.51 22.74 -7.68
C ARG A 192 38.83 22.71 -9.16
N ALA A 193 39.71 21.79 -9.54
CA ALA A 193 40.19 21.65 -10.90
C ALA A 193 39.06 21.50 -11.92
N LEU A 194 38.23 20.49 -11.72
CA LEU A 194 37.21 20.13 -12.71
C LEU A 194 36.00 21.03 -12.61
N ALA A 195 36.15 22.16 -11.95
CA ALA A 195 35.05 23.09 -11.71
C ALA A 195 34.28 23.47 -12.98
N GLY A 196 34.90 23.28 -14.14
CA GLY A 196 34.31 23.77 -15.38
C GLY A 196 33.84 22.73 -16.38
N LEU A 197 33.85 21.45 -16.01
CA LEU A 197 33.45 20.39 -16.92
C LEU A 197 31.94 20.33 -17.11
N LYS A 198 31.35 21.46 -17.49
CA LYS A 198 29.91 21.65 -17.51
C LYS A 198 29.19 20.77 -18.53
N ASN A 199 29.92 19.83 -19.13
CA ASN A 199 29.31 18.91 -20.08
C ASN A 199 29.41 17.45 -19.65
N LEU A 200 29.97 17.20 -18.48
CA LEU A 200 30.10 15.84 -17.97
C LEU A 200 28.76 15.10 -17.97
N ASP A 201 28.83 13.78 -17.94
CA ASP A 201 27.66 12.91 -17.94
C ASP A 201 27.90 11.75 -16.99
N VAL A 202 29.11 11.23 -17.04
CA VAL A 202 29.54 10.14 -16.17
C VAL A 202 30.86 10.51 -15.51
N LEU A 203 30.99 10.20 -14.23
CA LEU A 203 32.20 10.53 -13.48
C LEU A 203 32.48 9.48 -12.41
N GLU A 204 33.76 9.26 -12.14
CA GLU A 204 34.16 8.33 -11.10
C GLU A 204 35.35 8.86 -10.31
N LEU A 205 35.06 9.60 -9.25
CA LEU A 205 36.09 10.10 -8.36
C LEU A 205 36.12 9.25 -7.10
N PHE A 206 36.55 8.00 -7.23
CA PHE A 206 36.44 7.07 -6.11
C PHE A 206 37.75 6.44 -5.64
N SER A 207 37.89 6.34 -4.32
CA SER A 207 38.98 5.61 -3.67
C SER A 207 40.35 6.26 -3.77
N GLN A 208 40.41 7.57 -3.57
CA GLN A 208 41.70 8.27 -3.54
C GLN A 208 42.53 7.77 -2.37
N GLU A 209 43.84 7.84 -2.49
CA GLU A 209 44.72 7.36 -1.44
C GLU A 209 45.84 8.36 -1.18
N CYS A 210 45.46 9.57 -0.79
CA CYS A 210 46.40 10.67 -0.60
C CYS A 210 47.29 10.51 0.62
N LEU A 211 48.46 11.13 0.56
CA LEU A 211 49.42 11.08 1.64
C LEU A 211 49.96 12.49 1.90
N ASN A 212 50.39 12.73 3.14
CA ASN A 212 51.02 14.00 3.49
C ASN A 212 52.45 13.75 3.94
N LYS A 213 53.27 14.80 3.88
CA LYS A 213 54.65 14.69 4.32
C LYS A 213 54.72 14.48 5.83
N PRO A 214 55.57 13.53 6.26
CA PRO A 214 55.74 13.10 7.66
C PRO A 214 55.81 14.25 8.66
N ILE A 215 55.05 14.13 9.75
CA ILE A 215 55.05 15.12 10.82
C ILE A 215 55.53 14.51 12.12
N ASN A 216 56.18 15.32 12.95
CA ASN A 216 56.65 14.87 14.25
C ASN A 216 55.49 14.60 15.21
N HIS A 217 55.38 13.35 15.64
CA HIS A 217 54.28 12.91 16.50
C HIS A 217 54.38 13.47 17.91
N GLN A 218 53.29 14.06 18.38
CA GLN A 218 53.19 14.50 19.77
C GLN A 218 52.02 13.82 20.47
N SER A 219 51.87 14.08 21.76
CA SER A 219 50.74 13.56 22.52
C SER A 219 49.46 14.27 22.14
N ASN A 220 49.61 15.50 21.63
CA ASN A 220 48.49 16.26 21.08
C ASN A 220 48.83 16.70 19.67
N LEU A 221 48.14 16.12 18.69
CA LEU A 221 48.48 16.37 17.28
C LEU A 221 47.34 17.04 16.52
N VAL A 222 47.71 17.88 15.57
CA VAL A 222 46.73 18.59 14.74
C VAL A 222 47.25 18.82 13.33
N VAL A 223 46.66 18.11 12.37
CA VAL A 223 47.00 18.29 10.96
C VAL A 223 45.81 18.86 10.20
N PRO A 224 46.04 19.96 9.46
CA PRO A 224 45.00 20.65 8.69
C PRO A 224 44.35 19.77 7.63
N ASN A 225 43.05 19.87 7.49
CA ASN A 225 42.31 19.18 6.43
C ASN A 225 42.75 19.69 5.07
N THR A 226 43.06 18.78 4.15
CA THR A 226 43.57 19.16 2.85
C THR A 226 42.52 19.00 1.76
N VAL A 227 41.69 17.97 1.91
CA VAL A 227 40.65 17.66 0.93
C VAL A 227 39.83 18.91 0.60
N LYS A 228 39.46 19.04 -0.67
CA LYS A 228 38.63 20.16 -1.10
C LYS A 228 37.57 19.69 -2.08
N ASN A 229 36.45 20.40 -2.12
CA ASN A 229 35.36 20.03 -3.00
C ASN A 229 35.47 20.80 -4.31
N THR A 230 34.46 20.68 -5.17
CA THR A 230 34.49 21.34 -6.47
C THR A 230 34.40 22.86 -6.32
N ASP A 231 33.77 23.33 -5.25
CA ASP A 231 33.65 24.76 -4.99
C ASP A 231 34.80 25.27 -4.13
N GLY A 232 35.65 24.34 -3.68
CA GLY A 232 36.81 24.68 -2.88
C GLY A 232 36.56 24.59 -1.39
N SER A 233 35.44 23.99 -1.00
CA SER A 233 35.08 23.85 0.40
C SER A 233 35.75 22.62 1.01
N LEU A 234 36.27 22.77 2.22
CA LEU A 234 36.91 21.66 2.93
C LEU A 234 35.94 20.52 3.15
N VAL A 235 36.07 19.46 2.35
CA VAL A 235 35.22 18.28 2.50
C VAL A 235 35.35 17.71 3.91
N THR A 236 34.21 17.55 4.57
CA THR A 236 34.18 17.10 5.96
C THR A 236 34.45 15.60 6.09
N PRO A 237 35.49 15.24 6.87
CA PRO A 237 35.96 13.87 7.06
C PRO A 237 34.85 12.94 7.54
N GLU A 238 34.61 11.86 6.82
CA GLU A 238 33.58 10.91 7.21
C GLU A 238 33.98 10.14 8.47
N ILE A 239 34.98 9.27 8.33
CA ILE A 239 35.43 8.45 9.44
C ILE A 239 36.89 8.69 9.78
N ILE A 240 37.15 9.32 10.92
CA ILE A 240 38.52 9.51 11.37
C ILE A 240 38.94 8.30 12.20
N SER A 241 40.24 8.13 12.40
CA SER A 241 40.74 6.97 13.12
C SER A 241 41.49 7.38 14.39
N ASP A 242 41.48 6.49 15.38
CA ASP A 242 42.31 6.65 16.57
C ASP A 242 41.91 7.84 17.43
N ASP A 243 40.63 7.91 17.81
CA ASP A 243 40.13 9.01 18.62
C ASP A 243 40.36 10.36 17.94
N GLY A 244 39.98 10.45 16.67
CA GLY A 244 40.16 11.67 15.91
C GLY A 244 38.88 12.45 15.75
N ASP A 245 38.96 13.76 16.00
CA ASP A 245 37.81 14.64 15.88
C ASP A 245 38.10 15.77 14.90
N TYR A 246 37.09 16.21 14.16
CA TYR A 246 37.27 17.25 13.15
C TYR A 246 36.79 18.62 13.63
N GLU A 247 37.71 19.37 14.22
CA GLU A 247 37.45 20.77 14.58
C GLU A 247 37.87 21.68 13.43
N LYS A 248 36.94 21.91 12.50
CA LYS A 248 37.19 22.71 11.29
C LYS A 248 38.17 23.86 11.53
N PRO A 249 39.24 23.93 10.70
CA PRO A 249 39.54 23.07 9.57
C PRO A 249 40.56 21.99 9.92
N ASN A 250 40.86 21.84 11.21
CA ASN A 250 41.94 20.97 11.63
C ASN A 250 41.47 19.69 12.30
N VAL A 251 41.95 18.54 11.83
CA VAL A 251 41.64 17.28 12.47
C VAL A 251 42.61 17.02 13.61
N LYS A 252 42.08 16.90 14.82
CA LYS A 252 42.91 16.76 16.01
C LYS A 252 42.88 15.34 16.56
N TRP A 253 43.97 14.95 17.23
CA TRP A 253 44.09 13.60 17.77
C TRP A 253 44.65 13.60 19.18
N HIS A 254 44.18 12.68 20.01
CA HIS A 254 44.74 12.48 21.33
C HIS A 254 45.58 11.22 21.33
N LEU A 255 46.89 11.38 21.13
CA LEU A 255 47.81 10.25 20.97
C LEU A 255 48.80 10.11 22.13
N PRO A 256 48.40 9.39 23.19
CA PRO A 256 49.25 9.18 24.37
C PRO A 256 50.60 8.55 24.00
N GLU A 257 50.56 7.33 23.45
CA GLU A 257 51.77 6.65 23.03
C GLU A 257 52.09 6.95 21.57
N PHE A 258 53.15 6.36 21.06
CA PHE A 258 53.58 6.62 19.68
C PHE A 258 52.99 5.64 18.67
N THR A 259 52.40 6.19 17.61
CA THR A 259 51.92 5.39 16.50
C THR A 259 52.64 5.82 15.23
N ASN A 260 52.64 4.95 14.23
CA ASN A 260 53.34 5.23 12.98
C ASN A 260 52.60 6.21 12.09
N GLU A 261 51.28 6.20 12.16
CA GLU A 261 50.47 7.06 11.32
C GLU A 261 49.01 7.10 11.75
N VAL A 262 48.31 8.14 11.32
CA VAL A 262 46.87 8.23 11.49
C VAL A 262 46.22 8.45 10.12
N SER A 263 44.92 8.21 10.05
CA SER A 263 44.20 8.32 8.78
C SER A 263 42.77 8.76 8.99
N PHE A 264 42.15 9.26 7.93
CA PHE A 264 40.72 9.54 7.95
C PHE A 264 40.08 9.41 6.57
N ILE A 265 39.35 8.32 6.39
CA ILE A 265 38.59 8.09 5.17
C ILE A 265 37.54 9.18 5.05
N PHE A 266 37.33 9.69 3.84
CA PHE A 266 36.33 10.71 3.62
C PHE A 266 35.31 10.28 2.59
N TYR A 267 34.29 11.13 2.40
CA TYR A 267 33.20 10.83 1.49
C TYR A 267 32.48 12.16 1.28
N GLN A 268 32.02 12.41 0.05
CA GLN A 268 31.41 13.68 -0.28
C GLN A 268 30.85 13.68 -1.70
N PRO A 269 29.71 13.00 -1.89
CA PRO A 269 29.11 12.89 -3.22
C PRO A 269 28.98 14.24 -3.91
N VAL A 270 29.57 14.36 -5.09
CA VAL A 270 29.52 15.61 -5.86
C VAL A 270 28.77 15.46 -7.17
N THR A 271 28.28 16.58 -7.67
CA THR A 271 27.60 16.63 -8.95
C THR A 271 28.21 17.75 -9.80
N ILE A 272 28.93 17.35 -10.84
CA ILE A 272 29.53 18.30 -11.76
C ILE A 272 28.79 18.27 -13.08
N GLY A 273 28.32 19.44 -13.52
CA GLY A 273 27.58 19.55 -14.75
C GLY A 273 26.29 18.76 -14.74
N LYS A 274 26.36 17.53 -15.24
CA LYS A 274 25.20 16.66 -15.31
C LYS A 274 25.56 15.30 -14.73
N ALA A 275 26.78 15.20 -14.22
CA ALA A 275 27.27 13.94 -13.67
C ALA A 275 27.16 13.89 -12.16
N LYS A 276 26.78 12.74 -11.62
CA LYS A 276 26.64 12.54 -10.19
C LYS A 276 27.55 11.43 -9.70
N ALA A 277 28.71 11.80 -9.16
CA ALA A 277 29.66 10.83 -8.64
C ALA A 277 29.92 11.12 -7.17
N ARG A 278 30.69 10.26 -6.52
CA ARG A 278 30.96 10.42 -5.10
C ARG A 278 32.44 10.40 -4.78
N PHE A 279 32.96 11.58 -4.46
CA PHE A 279 34.37 11.74 -4.11
C PHE A 279 34.67 11.04 -2.80
N HIS A 280 35.50 10.00 -2.86
CA HIS A 280 35.82 9.20 -1.69
C HIS A 280 37.32 8.96 -1.64
N GLY A 281 37.87 8.78 -0.44
CA GLY A 281 39.29 8.52 -0.31
C GLY A 281 39.76 8.40 1.13
N ARG A 282 41.07 8.22 1.30
CA ARG A 282 41.64 8.06 2.64
C ARG A 282 42.94 8.83 2.79
N VAL A 283 42.86 9.99 3.45
CA VAL A 283 44.03 10.81 3.74
C VAL A 283 44.85 10.16 4.85
N THR A 284 46.17 10.18 4.70
CA THR A 284 47.05 9.56 5.69
C THR A 284 48.21 10.46 6.09
N GLN A 285 48.62 10.36 7.35
CA GLN A 285 49.66 11.20 7.90
C GLN A 285 50.74 10.40 8.62
N PRO A 286 51.97 10.41 8.08
CA PRO A 286 53.13 9.76 8.70
C PRO A 286 53.45 10.38 10.04
N LEU A 287 54.07 9.61 10.94
CA LEU A 287 54.38 10.10 12.27
C LEU A 287 55.77 9.65 12.74
N LYS A 288 56.40 10.49 13.55
CA LYS A 288 57.73 10.21 14.06
C LYS A 288 58.02 11.02 15.32
N GLN B 21 13.31 -25.49 -7.64
CA GLN B 21 14.63 -25.86 -8.16
C GLN B 21 15.62 -26.09 -7.02
N LEU B 22 15.44 -25.37 -5.92
CA LEU B 22 16.32 -25.47 -4.76
C LEU B 22 15.55 -25.99 -3.54
N PRO B 23 16.28 -26.47 -2.52
CA PRO B 23 15.66 -27.06 -1.33
C PRO B 23 14.63 -26.12 -0.68
N ASN B 24 13.37 -26.56 -0.66
CA ASN B 24 12.28 -25.74 -0.13
C ASN B 24 11.46 -26.43 0.96
N PHE B 25 10.78 -25.63 1.78
CA PHE B 25 9.87 -26.16 2.79
C PHE B 25 8.78 -25.15 3.14
N THR B 26 7.54 -25.62 3.19
CA THR B 26 6.41 -24.77 3.54
C THR B 26 5.58 -25.43 4.64
N ALA B 27 5.06 -24.62 5.55
CA ALA B 27 4.29 -25.14 6.68
C ALA B 27 2.79 -25.04 6.44
N GLU B 28 2.01 -25.12 7.51
CA GLU B 28 0.58 -24.92 7.45
C GLU B 28 0.28 -23.43 7.58
N THR B 29 1.19 -22.70 8.25
CA THR B 29 1.02 -21.28 8.50
C THR B 29 2.36 -20.55 8.38
N PRO B 30 2.32 -19.20 8.35
CA PRO B 30 3.52 -18.37 8.22
C PRO B 30 4.56 -18.61 9.31
N ILE B 31 5.84 -18.59 8.93
CA ILE B 31 6.93 -18.78 9.87
C ILE B 31 7.37 -17.43 10.43
N GLN B 32 7.30 -17.30 11.75
CA GLN B 32 7.67 -16.05 12.40
C GLN B 32 9.16 -15.95 12.72
N ASN B 33 9.72 -17.04 13.25
CA ASN B 33 11.13 -17.06 13.63
C ASN B 33 11.82 -18.35 13.23
N VAL B 34 13.13 -18.28 13.00
CA VAL B 34 13.89 -19.46 12.62
C VAL B 34 15.20 -19.53 13.39
N ILE B 35 15.54 -20.72 13.87
CA ILE B 35 16.82 -20.95 14.53
C ILE B 35 17.37 -22.32 14.16
N LEU B 36 18.65 -22.53 14.44
CA LEU B 36 19.33 -23.75 14.04
C LEU B 36 20.22 -24.28 15.16
N HIS B 37 19.80 -25.39 15.77
CA HIS B 37 20.66 -26.07 16.74
C HIS B 37 21.14 -27.41 16.23
N GLU B 38 22.42 -27.47 15.89
CA GLU B 38 23.09 -28.71 15.49
C GLU B 38 22.32 -29.53 14.46
N HIS B 39 22.44 -29.12 13.21
CA HIS B 39 21.93 -29.88 12.08
C HIS B 39 20.41 -30.06 12.12
N HIS B 40 19.73 -29.14 12.78
CA HIS B 40 18.27 -29.19 12.86
C HIS B 40 17.67 -27.79 12.89
N ILE B 41 16.81 -27.51 11.91
CA ILE B 41 16.15 -26.23 11.82
C ILE B 41 14.92 -26.19 12.71
N PHE B 42 14.59 -25.01 13.23
CA PHE B 42 13.40 -24.83 14.04
C PHE B 42 12.60 -23.65 13.53
N LEU B 43 11.35 -23.92 13.12
CA LEU B 43 10.51 -22.88 12.55
C LEU B 43 9.34 -22.56 13.47
N GLY B 44 9.48 -21.50 14.24
CA GLY B 44 8.40 -21.02 15.08
C GLY B 44 7.35 -20.31 14.26
N ALA B 45 6.33 -21.04 13.84
CA ALA B 45 5.27 -20.49 13.00
C ALA B 45 4.01 -20.25 13.81
N THR B 46 2.93 -19.90 13.11
CA THR B 46 1.64 -19.72 13.76
C THR B 46 1.12 -21.07 14.22
N ASN B 47 0.79 -21.17 15.51
CA ASN B 47 0.24 -22.40 16.08
C ASN B 47 1.17 -23.61 16.00
N TYR B 48 2.40 -23.42 15.52
CA TYR B 48 3.31 -24.54 15.30
C TYR B 48 4.78 -24.23 15.52
N ILE B 49 5.55 -25.27 15.79
CA ILE B 49 7.00 -25.18 15.89
C ILE B 49 7.61 -26.40 15.22
N TYR B 50 7.91 -26.29 13.94
CA TYR B 50 8.43 -27.42 13.17
C TYR B 50 9.92 -27.65 13.41
N VAL B 51 10.33 -28.91 13.30
CA VAL B 51 11.73 -29.27 13.43
C VAL B 51 12.24 -29.94 12.16
N LEU B 52 12.94 -29.17 11.33
CA LEU B 52 13.42 -29.66 10.05
C LEU B 52 14.81 -30.27 10.18
N ASN B 53 15.33 -30.76 9.05
CA ASN B 53 16.65 -31.37 9.02
C ASN B 53 17.59 -30.50 8.18
N GLU B 54 18.77 -30.21 8.73
CA GLU B 54 19.70 -29.27 8.11
C GLU B 54 20.11 -29.67 6.69
N GLU B 55 20.12 -30.97 6.42
CA GLU B 55 20.65 -31.47 5.17
C GLU B 55 19.78 -31.23 3.93
N ASP B 56 18.50 -31.55 4.04
CA ASP B 56 17.61 -31.51 2.88
C ASP B 56 16.31 -30.74 3.12
N LEU B 57 16.27 -29.96 4.19
CA LEU B 57 15.06 -29.25 4.59
C LEU B 57 13.90 -30.23 4.77
N GLN B 58 14.21 -31.42 5.28
CA GLN B 58 13.21 -32.46 5.47
C GLN B 58 12.58 -32.34 6.86
N LYS B 59 11.26 -32.18 6.90
CA LYS B 59 10.53 -32.11 8.15
C LYS B 59 10.63 -33.44 8.88
N VAL B 60 11.14 -33.41 10.12
CA VAL B 60 11.33 -34.61 10.90
C VAL B 60 10.32 -34.71 12.04
N ALA B 61 10.34 -33.73 12.93
CA ALA B 61 9.40 -33.68 14.03
C ALA B 61 8.68 -32.32 14.05
N GLU B 62 7.79 -32.15 15.02
CA GLU B 62 7.06 -30.90 15.16
C GLU B 62 6.24 -30.87 16.45
N TYR B 63 5.77 -29.69 16.82
CA TYR B 63 4.94 -29.52 18.01
C TYR B 63 3.81 -28.54 17.72
N LYS B 64 2.59 -28.95 18.03
CA LYS B 64 1.41 -28.11 17.79
C LYS B 64 1.03 -27.32 19.04
N THR B 65 1.39 -26.05 19.05
CA THR B 65 0.92 -25.14 20.10
C THR B 65 -0.55 -24.84 19.84
N GLY B 66 -0.92 -24.83 18.56
CA GLY B 66 -2.29 -24.72 18.13
C GLY B 66 -2.99 -23.43 18.52
N PRO B 67 -4.21 -23.24 17.99
CA PRO B 67 -5.07 -22.12 18.37
C PRO B 67 -5.60 -22.29 19.80
N VAL B 68 -5.02 -21.50 20.73
CA VAL B 68 -5.26 -21.63 22.17
C VAL B 68 -6.45 -20.83 22.66
N LEU B 69 -6.93 -21.15 23.85
CA LEU B 69 -8.11 -20.50 24.39
C LEU B 69 -7.87 -19.51 25.53
N GLU B 70 -7.89 -18.22 25.26
CA GLU B 70 -7.87 -17.12 26.27
C GLU B 70 -9.19 -17.26 27.00
N VAL B 90 -12.57 -16.89 24.91
CA VAL B 90 -12.31 -16.67 23.45
C VAL B 90 -11.14 -17.54 22.85
N TRP B 91 -11.17 -17.64 21.53
CA TRP B 91 -10.13 -18.37 20.86
C TRP B 91 -9.13 -17.43 20.23
N LYS B 92 -7.84 -17.69 20.41
CA LYS B 92 -6.80 -16.84 19.88
C LYS B 92 -5.67 -17.66 19.23
N ASP B 93 -5.05 -17.03 17.86
CA ASP B 93 -3.92 -17.73 17.23
C ASP B 93 -2.64 -17.56 18.03
N ASN B 94 -1.84 -18.62 18.06
CA ASN B 94 -0.58 -18.63 18.79
C ASN B 94 0.60 -18.25 17.90
N ILE B 95 0.61 -17.00 17.46
CA ILE B 95 1.71 -16.48 16.67
C ILE B 95 2.98 -16.49 17.49
N ASN B 96 3.96 -17.27 17.06
CA ASN B 96 5.23 -17.34 17.77
C ASN B 96 5.93 -15.99 17.79
N MET B 97 6.63 -15.71 18.90
CA MET B 97 7.26 -14.41 19.09
C MET B 97 8.74 -14.53 19.42
N ALA B 98 9.23 -15.74 19.65
CA ALA B 98 10.65 -15.96 19.91
C ALA B 98 11.05 -17.44 19.97
N LEU B 99 12.24 -17.74 19.48
CA LEU B 99 12.85 -19.06 19.63
C LEU B 99 14.25 -18.92 20.21
N VAL B 100 14.50 -19.62 21.31
CA VAL B 100 15.81 -19.58 21.95
C VAL B 100 16.20 -20.94 22.48
N VAL B 101 17.39 -21.40 22.11
CA VAL B 101 17.92 -22.67 22.60
C VAL B 101 19.17 -22.45 23.44
N ASP B 102 19.29 -23.19 24.54
CA ASP B 102 20.48 -23.12 25.36
C ASP B 102 20.81 -24.48 25.95
N THR B 103 22.01 -24.97 25.63
CA THR B 103 22.47 -26.27 26.10
C THR B 103 23.21 -26.17 27.42
N TYR B 104 23.17 -24.98 28.03
CA TYR B 104 23.87 -24.71 29.29
C TYR B 104 23.48 -25.71 30.38
N TYR B 105 22.30 -25.51 30.97
CA TYR B 105 21.78 -26.45 31.96
C TYR B 105 21.72 -27.82 31.32
N ASP B 106 20.62 -28.06 30.62
CA ASP B 106 20.47 -29.23 29.77
C ASP B 106 20.02 -28.72 28.41
N ASP B 107 20.15 -29.56 27.38
CA ASP B 107 19.76 -29.16 26.05
C ASP B 107 18.24 -28.98 25.97
N GLN B 108 17.81 -27.79 25.56
CA GLN B 108 16.38 -27.49 25.50
C GLN B 108 16.07 -26.25 24.65
N LEU B 109 14.97 -26.33 23.92
CA LEU B 109 14.42 -25.17 23.23
C LEU B 109 13.40 -24.49 24.13
N ILE B 110 13.19 -23.20 23.90
CA ILE B 110 12.17 -22.45 24.63
C ILE B 110 11.40 -21.54 23.68
N SER B 111 10.14 -21.89 23.44
CA SER B 111 9.28 -21.11 22.57
C SER B 111 8.52 -20.09 23.39
N CYS B 112 8.01 -19.05 22.73
CA CYS B 112 7.26 -18.00 23.40
C CYS B 112 6.06 -17.59 22.56
N GLY B 113 4.87 -18.02 22.99
CA GLY B 113 3.65 -17.76 22.26
C GLY B 113 3.20 -16.31 22.27
N SER B 114 1.89 -16.11 22.31
CA SER B 114 1.33 -14.77 22.22
C SER B 114 -0.07 -14.72 22.80
N VAL B 115 -0.59 -15.88 23.18
CA VAL B 115 -1.95 -15.98 23.69
C VAL B 115 -2.02 -15.80 25.21
N ASN B 116 -1.22 -16.58 25.93
CA ASN B 116 -1.21 -16.51 27.39
C ASN B 116 -0.22 -15.47 27.91
N ARG B 117 -0.59 -14.20 27.79
CA ARG B 117 0.23 -13.10 28.28
C ARG B 117 1.67 -13.25 27.83
N GLY B 118 1.85 -13.75 26.61
CA GLY B 118 3.17 -13.94 26.04
C GLY B 118 4.09 -14.75 26.92
N THR B 119 3.62 -15.90 27.38
CA THR B 119 4.38 -16.76 28.27
C THR B 119 5.26 -17.75 27.49
N CYS B 120 6.41 -18.08 28.05
CA CYS B 120 7.33 -19.03 27.41
C CYS B 120 7.11 -20.45 27.92
N GLN B 121 7.47 -21.43 27.10
CA GLN B 121 7.42 -22.83 27.51
C GLN B 121 8.69 -23.57 27.13
N ARG B 122 9.09 -24.51 27.99
CA ARG B 122 10.32 -25.27 27.79
C ARG B 122 10.13 -26.39 26.79
N HIS B 123 11.24 -26.94 26.32
CA HIS B 123 11.22 -28.08 25.41
C HIS B 123 12.45 -28.96 25.62
N VAL B 124 12.44 -29.72 26.71
CA VAL B 124 13.53 -30.63 27.01
C VAL B 124 13.69 -31.65 25.89
N PHE B 125 14.82 -31.60 25.19
CA PHE B 125 15.07 -32.50 24.09
C PHE B 125 15.02 -33.96 24.51
N PRO B 126 14.65 -34.85 23.58
CA PRO B 126 14.63 -36.29 23.79
C PRO B 126 15.97 -36.80 24.35
N HIS B 127 16.94 -37.03 23.46
CA HIS B 127 18.28 -37.42 23.89
C HIS B 127 19.29 -37.11 22.79
N ASN B 128 19.08 -37.71 21.62
CA ASN B 128 19.91 -37.43 20.45
C ASN B 128 19.16 -36.53 19.46
N HIS B 129 17.87 -36.32 19.73
CA HIS B 129 17.04 -35.42 18.94
C HIS B 129 16.39 -34.37 19.84
N SER B 135 8.02 -35.75 21.96
CA SER B 135 7.27 -34.85 22.82
C SER B 135 8.15 -34.23 23.91
N GLU B 136 7.70 -34.34 25.15
CA GLU B 136 8.40 -33.80 26.31
C GLU B 136 8.47 -32.26 26.28
N VAL B 137 7.51 -31.62 26.95
CA VAL B 137 7.45 -30.17 26.98
C VAL B 137 6.97 -29.64 28.34
N HIS B 138 7.73 -28.72 28.93
CA HIS B 138 7.34 -28.09 30.18
C HIS B 138 6.65 -26.75 29.94
N CYS B 139 6.76 -25.85 30.91
CA CYS B 139 6.13 -24.53 30.83
C CYS B 139 6.71 -23.58 31.86
N ILE B 140 7.14 -22.40 31.41
CA ILE B 140 7.65 -21.37 32.30
C ILE B 140 6.50 -20.58 32.92
N PHE B 141 6.24 -20.82 34.20
CA PHE B 141 5.21 -20.06 34.91
C PHE B 141 5.12 -20.42 36.39
N SER B 142 5.56 -19.48 37.22
CA SER B 142 5.42 -19.60 38.66
C SER B 142 4.09 -18.96 39.08
N PRO B 143 4.06 -18.39 40.29
CA PRO B 143 2.99 -17.48 40.67
C PRO B 143 3.64 -16.24 41.24
N GLN B 144 2.94 -15.12 41.25
CA GLN B 144 3.52 -13.93 41.84
C GLN B 144 2.98 -13.68 43.24
N ILE B 145 3.42 -14.52 44.18
CA ILE B 145 3.23 -14.27 45.59
C ILE B 145 4.27 -13.24 46.01
N GLU B 146 5.39 -13.21 45.27
CA GLU B 146 6.44 -12.21 45.45
C GLU B 146 5.78 -10.84 45.45
N GLU B 147 5.02 -10.59 44.39
CA GLU B 147 3.95 -9.60 44.44
C GLU B 147 3.26 -9.52 43.08
N PRO B 148 1.94 -9.79 43.06
CA PRO B 148 1.12 -9.86 41.85
C PRO B 148 1.25 -8.63 40.94
N SER B 149 1.83 -7.56 41.48
CA SER B 149 1.97 -6.30 40.75
C SER B 149 2.78 -6.45 39.46
N GLN B 150 3.60 -7.50 39.38
CA GLN B 150 4.41 -7.76 38.21
C GLN B 150 4.31 -9.20 37.74
N CYS B 151 4.83 -9.48 36.55
CA CYS B 151 4.75 -10.81 35.98
C CYS B 151 6.01 -11.12 35.17
N PRO B 152 7.03 -11.67 35.84
CA PRO B 152 8.33 -12.00 35.25
C PRO B 152 8.21 -13.09 34.19
N ASP B 153 7.11 -13.83 34.20
CA ASP B 153 6.94 -14.95 33.29
C ASP B 153 6.14 -14.53 32.05
N CYS B 154 5.49 -13.38 32.16
CA CYS B 154 4.82 -12.76 31.02
C CYS B 154 5.89 -12.06 30.20
N VAL B 155 6.55 -12.81 29.32
CA VAL B 155 7.75 -12.35 28.65
C VAL B 155 7.49 -11.48 27.41
N VAL B 156 6.71 -12.01 26.48
CA VAL B 156 6.58 -11.38 25.17
C VAL B 156 5.28 -10.61 24.94
N SER B 157 5.39 -9.45 24.33
CA SER B 157 4.25 -8.67 23.89
C SER B 157 3.80 -9.17 22.52
N ALA B 158 2.49 -9.21 22.30
CA ALA B 158 1.94 -9.72 21.05
C ALA B 158 2.01 -8.69 19.92
N LEU B 159 2.42 -7.47 20.26
CA LEU B 159 2.49 -6.39 19.28
C LEU B 159 3.91 -6.14 18.80
N GLY B 160 4.68 -7.21 18.66
CA GLY B 160 6.06 -7.11 18.23
C GLY B 160 7.02 -7.13 19.39
N ALA B 161 8.04 -7.99 19.30
CA ALA B 161 9.02 -8.12 20.37
C ALA B 161 10.24 -8.89 19.90
N LYS B 162 11.40 -8.52 20.43
CA LYS B 162 12.64 -9.20 20.12
C LYS B 162 13.29 -9.72 21.39
N VAL B 163 13.71 -10.99 21.37
CA VAL B 163 14.29 -11.62 22.55
C VAL B 163 15.70 -12.13 22.29
N LEU B 164 16.62 -11.83 23.21
CA LEU B 164 17.99 -12.30 23.09
C LEU B 164 18.36 -13.20 24.26
N SER B 165 19.19 -14.20 23.99
CA SER B 165 19.66 -15.12 25.01
C SER B 165 21.14 -14.94 25.24
N SER B 166 21.55 -14.98 26.50
CA SER B 166 22.96 -14.91 26.85
C SER B 166 23.16 -15.59 28.19
N VAL B 167 24.28 -16.29 28.34
CA VAL B 167 24.59 -16.96 29.58
C VAL B 167 25.53 -16.10 30.41
N LYS B 168 25.03 -14.97 30.88
CA LYS B 168 25.84 -14.02 31.64
C LYS B 168 25.89 -14.36 33.13
N ASP B 169 27.08 -14.72 33.59
CA ASP B 169 27.33 -14.97 35.00
C ASP B 169 26.51 -16.16 35.54
N ARG B 170 26.73 -17.34 34.99
CA ARG B 170 26.19 -18.58 35.52
C ARG B 170 24.69 -18.77 35.27
N PHE B 171 24.02 -17.71 34.82
CA PHE B 171 22.58 -17.77 34.59
C PHE B 171 22.20 -17.40 33.17
N ILE B 172 21.03 -17.83 32.74
CA ILE B 172 20.54 -17.52 31.40
C ILE B 172 19.66 -16.28 31.38
N ASN B 173 20.25 -15.12 31.12
CA ASN B 173 19.51 -13.87 31.07
C ASN B 173 18.65 -13.76 29.82
N PHE B 174 17.59 -12.98 29.91
CA PHE B 174 16.70 -12.75 28.78
C PHE B 174 16.49 -11.26 28.59
N PHE B 175 16.90 -10.76 27.42
CA PHE B 175 16.80 -9.34 27.11
C PHE B 175 15.61 -9.10 26.20
N VAL B 176 14.55 -8.53 26.77
CA VAL B 176 13.27 -8.45 26.09
C VAL B 176 12.82 -7.04 25.75
N GLY B 177 12.51 -6.83 24.47
CA GLY B 177 11.98 -5.57 23.99
C GLY B 177 10.55 -5.73 23.53
N ASN B 178 9.62 -5.08 24.24
CA ASN B 178 8.21 -5.19 23.93
C ASN B 178 7.58 -3.90 23.43
N THR B 179 6.87 -4.01 22.31
CA THR B 179 6.09 -2.88 21.80
C THR B 179 4.73 -2.89 22.50
N ILE B 180 4.43 -1.82 23.23
CA ILE B 180 3.27 -1.81 24.12
C ILE B 180 2.26 -0.70 23.83
N ASN B 181 0.98 -1.07 23.75
CA ASN B 181 -0.10 -0.09 23.70
C ASN B 181 -0.86 -0.06 25.04
N SER B 182 -1.91 0.75 25.12
CA SER B 182 -2.66 0.88 26.36
C SER B 182 -3.41 -0.38 26.75
N SER B 183 -2.92 -1.05 27.79
CA SER B 183 -3.53 -2.27 28.31
C SER B 183 -2.88 -2.60 29.64
N TYR B 184 -3.57 -3.38 30.46
CA TYR B 184 -3.00 -3.81 31.75
C TYR B 184 -2.30 -5.15 31.63
N PRO B 189 1.54 -5.54 33.79
CA PRO B 189 2.75 -6.33 33.57
C PRO B 189 3.07 -6.73 32.13
N LEU B 190 4.12 -6.09 31.61
CA LEU B 190 4.74 -6.36 30.31
C LEU B 190 5.72 -5.25 29.97
N HIS B 191 6.99 -5.45 30.31
CA HIS B 191 8.02 -4.42 30.16
C HIS B 191 8.49 -4.21 28.72
N SER B 192 8.58 -2.95 28.31
CA SER B 192 9.07 -2.61 26.99
C SER B 192 10.54 -2.98 26.85
N ILE B 193 11.29 -2.93 27.95
CA ILE B 193 12.68 -3.35 27.97
C ILE B 193 13.01 -3.98 29.32
N SER B 194 13.65 -5.16 29.30
CA SER B 194 13.77 -5.96 30.50
C SER B 194 14.90 -6.97 30.47
N VAL B 195 15.68 -7.01 31.55
CA VAL B 195 16.72 -8.03 31.72
C VAL B 195 16.33 -9.03 32.80
N ARG B 196 15.35 -9.88 32.49
CA ARG B 196 14.94 -10.91 33.44
C ARG B 196 15.81 -12.15 33.26
N ARG B 197 16.41 -12.61 34.36
CA ARG B 197 17.23 -13.81 34.30
C ARG B 197 16.37 -15.04 34.59
N LEU B 198 16.83 -16.21 34.12
CA LEU B 198 16.14 -17.46 34.38
C LEU B 198 16.60 -18.05 35.70
N LYS B 199 15.78 -18.92 36.28
CA LYS B 199 16.14 -19.62 37.50
C LYS B 199 16.70 -21.00 37.18
N GLU B 200 17.48 -21.55 38.10
CA GLU B 200 18.09 -22.86 37.90
C GLU B 200 17.04 -23.96 37.93
N THR B 201 15.88 -23.63 38.51
CA THR B 201 14.76 -24.57 38.58
C THR B 201 14.13 -24.74 37.20
N LYS B 202 14.33 -23.74 36.33
CA LYS B 202 13.83 -23.77 34.97
C LYS B 202 12.30 -23.86 34.92
N ASP B 203 11.64 -22.86 35.47
CA ASP B 203 10.17 -22.81 35.46
C ASP B 203 9.63 -21.43 35.80
N GLY B 204 10.33 -20.39 35.34
CA GLY B 204 9.92 -19.02 35.59
C GLY B 204 11.07 -18.05 35.41
N PHE B 205 10.79 -16.77 35.61
CA PHE B 205 11.82 -15.76 35.53
C PHE B 205 11.78 -14.83 36.74
N MET B 206 12.84 -14.06 36.93
CA MET B 206 12.96 -13.19 38.09
C MET B 206 13.90 -12.01 37.81
N PHE B 207 13.41 -10.81 38.03
CA PHE B 207 14.25 -9.61 37.90
C PHE B 207 15.07 -9.46 39.17
N LEU B 208 15.89 -8.42 39.24
CA LEU B 208 16.75 -8.24 40.40
C LEU B 208 16.63 -6.87 41.04
N THR B 209 16.14 -5.89 40.29
CA THR B 209 16.00 -4.53 40.81
C THR B 209 14.74 -3.81 40.36
N ASP B 210 14.43 -2.73 41.05
CA ASP B 210 13.36 -1.82 40.66
C ASP B 210 13.68 -1.29 39.27
N GLN B 211 14.97 -1.14 38.99
CA GLN B 211 15.42 -0.56 37.74
C GLN B 211 16.17 -1.58 36.88
N SER B 212 15.65 -2.81 36.82
CA SER B 212 16.16 -3.81 35.89
C SER B 212 15.22 -3.90 34.70
N TYR B 213 14.49 -2.81 34.47
CA TYR B 213 13.53 -2.73 33.38
C TYR B 213 13.13 -1.27 33.17
N ILE B 214 12.98 -0.87 31.91
CA ILE B 214 12.52 0.48 31.60
C ILE B 214 11.16 0.41 30.93
N ASP B 215 10.22 1.21 31.42
CA ASP B 215 8.85 1.17 30.92
C ASP B 215 8.38 2.54 30.44
N VAL B 216 7.79 2.56 29.26
CA VAL B 216 7.16 3.78 28.74
C VAL B 216 5.96 4.15 29.60
N LEU B 217 6.03 5.31 30.25
CA LEU B 217 4.99 5.75 31.17
C LEU B 217 3.59 5.67 30.56
N PRO B 218 2.57 5.50 31.42
CA PRO B 218 1.17 5.27 31.04
C PRO B 218 0.60 6.32 30.10
N GLU B 219 0.96 7.59 30.29
CA GLU B 219 0.42 8.65 29.44
C GLU B 219 0.99 8.55 28.04
N PHE B 220 2.17 7.95 27.92
CA PHE B 220 2.80 7.71 26.64
C PHE B 220 2.63 6.25 26.22
N ARG B 221 1.87 5.50 27.01
CA ARG B 221 1.62 4.08 26.77
C ARG B 221 1.24 3.83 25.32
N ASP B 222 0.16 4.48 24.88
CA ASP B 222 -0.39 4.23 23.55
C ASP B 222 -0.06 5.35 22.57
N SER B 223 0.28 6.53 23.09
CA SER B 223 0.53 7.70 22.26
C SER B 223 1.56 7.44 21.17
N TYR B 224 2.84 7.41 21.54
CA TYR B 224 3.91 7.09 20.61
C TYR B 224 4.69 5.85 21.02
N PRO B 225 4.31 4.69 20.46
CA PRO B 225 4.86 3.36 20.75
C PRO B 225 6.29 3.19 20.24
N ILE B 226 6.89 2.04 20.57
CA ILE B 226 8.24 1.73 20.14
C ILE B 226 8.29 0.35 19.46
N LYS B 227 8.39 0.33 18.14
CA LYS B 227 8.52 -0.93 17.40
C LYS B 227 9.96 -1.43 17.45
N TYR B 228 10.16 -2.59 18.08
CA TYR B 228 11.50 -3.16 18.20
C TYR B 228 11.86 -4.01 16.99
N VAL B 229 12.83 -3.54 16.22
CA VAL B 229 13.21 -4.15 14.95
C VAL B 229 14.20 -5.31 15.12
N HIS B 230 15.28 -5.06 15.83
CA HIS B 230 16.32 -6.07 16.00
C HIS B 230 17.21 -5.80 17.21
N ALA B 231 17.91 -6.84 17.67
CA ALA B 231 18.82 -6.72 18.79
C ALA B 231 19.98 -7.69 18.68
N PHE B 232 21.09 -7.37 19.34
CA PHE B 232 22.30 -8.17 19.24
C PHE B 232 23.27 -7.87 20.37
N GLU B 233 24.24 -8.74 20.58
CA GLU B 233 25.26 -8.51 21.59
C GLU B 233 26.60 -8.25 20.92
N SER B 234 27.40 -7.37 21.52
CA SER B 234 28.70 -7.02 20.95
C SER B 234 29.53 -6.20 21.93
N ASN B 235 30.82 -6.55 22.04
CA ASN B 235 31.76 -5.83 22.90
C ASN B 235 31.31 -5.76 24.36
N ASN B 236 30.62 -6.81 24.81
CA ASN B 236 30.10 -6.86 26.18
C ASN B 236 28.81 -6.05 26.37
N PHE B 237 28.50 -5.21 25.39
CA PHE B 237 27.29 -4.39 25.45
C PHE B 237 26.14 -5.07 24.72
N ILE B 238 24.91 -4.72 25.10
CA ILE B 238 23.72 -5.21 24.44
C ILE B 238 23.05 -4.08 23.67
N TYR B 239 22.57 -4.37 22.48
CA TYR B 239 22.02 -3.33 21.61
C TYR B 239 20.61 -3.67 21.16
N PHE B 240 19.86 -2.62 20.84
CA PHE B 240 18.52 -2.76 20.32
C PHE B 240 18.29 -1.67 19.27
N LEU B 241 17.95 -2.09 18.06
CA LEU B 241 17.58 -1.15 17.01
C LEU B 241 16.06 -0.99 16.99
N THR B 242 15.60 0.26 17.13
CA THR B 242 14.18 0.52 17.21
C THR B 242 13.72 1.64 16.30
N VAL B 243 12.47 1.55 15.85
CA VAL B 243 11.81 2.64 15.15
C VAL B 243 10.82 3.28 16.11
N GLN B 244 10.75 4.61 16.11
CA GLN B 244 9.86 5.31 17.02
C GLN B 244 9.64 6.75 16.59
N ARG B 245 8.99 7.53 17.46
CA ARG B 245 8.82 8.96 17.26
C ARG B 245 10.20 9.62 17.19
N GLU B 246 10.27 10.84 16.66
CA GLU B 246 11.51 11.61 16.71
C GLU B 246 11.70 12.18 18.12
N THR B 247 10.62 12.73 18.66
CA THR B 247 10.54 13.11 20.07
C THR B 247 9.07 12.96 20.47
N LEU B 248 8.74 13.32 21.70
CA LEU B 248 7.35 13.23 22.16
C LEU B 248 6.41 14.03 21.27
N ASP B 249 5.33 13.39 20.83
CA ASP B 249 4.32 13.98 19.96
C ASP B 249 4.79 14.46 18.58
N ALA B 250 6.09 14.40 18.33
CA ALA B 250 6.63 14.78 17.02
C ALA B 250 6.05 13.89 15.93
N GLN B 251 5.56 14.51 14.86
CA GLN B 251 4.84 13.79 13.81
C GLN B 251 5.62 12.68 13.14
N THR B 252 6.74 13.02 12.50
CA THR B 252 7.53 12.04 11.77
C THR B 252 8.20 11.03 12.69
N PHE B 253 8.66 9.93 12.12
CA PHE B 253 9.30 8.88 12.90
C PHE B 253 10.82 8.90 12.79
N HIS B 254 11.46 7.86 13.33
CA HIS B 254 12.88 7.92 13.62
C HIS B 254 13.60 6.60 13.38
N THR B 255 14.46 6.24 14.33
CA THR B 255 15.26 5.00 14.34
C THR B 255 16.48 5.23 15.22
N ARG B 256 16.62 4.43 16.26
CA ARG B 256 17.70 4.62 17.21
C ARG B 256 18.34 3.31 17.66
N ILE B 257 19.59 3.41 18.08
CA ILE B 257 20.32 2.29 18.65
C ILE B 257 20.26 2.42 20.17
N ILE B 258 20.32 1.30 20.87
CA ILE B 258 20.20 1.31 22.32
C ILE B 258 21.24 0.40 22.97
N ARG B 259 22.04 0.98 23.87
CA ARG B 259 23.15 0.25 24.46
C ARG B 259 23.11 0.26 25.98
N PHE B 260 23.52 -0.84 26.60
CA PHE B 260 23.59 -0.92 28.06
C PHE B 260 24.38 -2.15 28.53
N CYS B 261 25.42 -1.93 29.33
CA CYS B 261 26.18 -3.05 29.89
C CYS B 261 25.43 -3.65 31.08
N SER B 262 25.27 -4.97 31.07
CA SER B 262 24.46 -5.65 32.08
C SER B 262 25.27 -6.59 32.98
N ILE B 263 24.99 -6.53 34.28
CA ILE B 263 25.62 -7.43 35.25
C ILE B 263 24.56 -7.94 36.23
N ASN B 264 24.39 -9.27 36.28
CA ASN B 264 23.33 -9.89 37.07
C ASN B 264 21.95 -9.65 36.46
N SER B 265 21.49 -8.40 36.60
CA SER B 265 20.29 -7.92 35.94
C SER B 265 20.56 -6.46 35.61
N GLY B 266 20.95 -6.20 34.37
CA GLY B 266 21.61 -4.96 34.00
C GLY B 266 20.81 -3.68 33.91
N LEU B 267 20.92 -3.02 32.75
CA LEU B 267 20.44 -1.65 32.57
C LEU B 267 21.14 -0.70 33.53
N HIS B 268 22.40 -0.40 33.22
CA HIS B 268 23.20 0.52 34.04
C HIS B 268 23.76 1.65 33.17
N SER B 269 23.99 1.35 31.90
CA SER B 269 24.47 2.36 30.98
C SER B 269 23.46 2.60 29.87
N TYR B 270 22.19 2.24 30.12
CA TYR B 270 21.15 2.39 29.11
C TYR B 270 21.18 3.79 28.52
N MET B 271 20.97 3.85 27.21
CA MET B 271 21.27 5.07 26.47
C MET B 271 20.91 4.94 25.00
N GLU B 272 19.93 5.72 24.55
CA GLU B 272 19.50 5.70 23.17
C GLU B 272 20.32 6.67 22.32
N MET B 273 20.26 6.48 21.01
CA MET B 273 20.97 7.34 20.09
C MET B 273 20.45 7.16 18.67
N PRO B 274 20.19 8.27 17.99
CA PRO B 274 19.60 8.27 16.64
C PRO B 274 20.53 7.67 15.59
N LEU B 275 19.95 6.89 14.68
CA LEU B 275 20.68 6.35 13.54
C LEU B 275 19.98 6.78 12.26
N GLU B 276 20.70 7.53 11.43
CA GLU B 276 20.13 8.07 10.21
C GLU B 276 20.89 7.59 8.98
N CYS B 277 20.18 6.90 8.09
CA CYS B 277 20.78 6.51 6.83
C CYS B 277 20.38 7.52 5.77
N ILE B 278 21.37 8.24 5.23
CA ILE B 278 21.12 9.30 4.27
C ILE B 278 21.91 9.11 2.99
N LEU B 279 21.56 9.86 1.95
CA LEU B 279 22.18 9.71 0.64
C LEU B 279 21.73 10.81 -0.32
N THR B 280 22.70 11.58 -0.77
CA THR B 280 22.91 12.93 -0.26
C THR B 280 21.59 13.65 -0.04
N GLU B 291 19.50 12.06 1.80
CA GLU B 291 18.16 12.53 2.10
C GLU B 291 17.51 11.45 2.97
N VAL B 292 17.21 11.80 4.23
CA VAL B 292 16.95 10.83 5.30
C VAL B 292 16.11 9.60 4.95
N PHE B 293 16.56 8.44 5.43
CA PHE B 293 15.82 7.18 5.34
C PHE B 293 15.52 6.71 6.76
N ASN B 294 14.51 7.31 7.38
CA ASN B 294 14.23 7.07 8.79
C ASN B 294 13.95 5.62 9.19
N ILE B 295 12.81 5.08 8.73
CA ILE B 295 12.36 3.76 9.15
C ILE B 295 13.39 2.64 8.89
N LEU B 296 13.69 1.88 9.94
CA LEU B 296 14.58 0.73 9.83
C LEU B 296 13.76 -0.50 9.44
N GLN B 297 14.30 -1.29 8.50
CA GLN B 297 13.55 -2.40 7.92
C GLN B 297 14.10 -3.77 8.35
N ALA B 298 15.40 -3.81 8.62
CA ALA B 298 16.06 -5.05 9.00
C ALA B 298 17.54 -4.76 9.25
N ALA B 299 18.21 -5.66 9.96
CA ALA B 299 19.63 -5.48 10.23
C ALA B 299 20.33 -6.82 10.47
N TYR B 300 21.62 -6.87 10.19
CA TYR B 300 22.41 -8.06 10.42
C TYR B 300 23.83 -7.64 10.82
N VAL B 301 24.46 -8.44 11.68
CA VAL B 301 25.77 -8.09 12.20
C VAL B 301 26.82 -9.16 11.91
N SER B 302 27.80 -8.81 11.08
CA SER B 302 28.92 -9.70 10.76
C SER B 302 30.23 -8.92 10.70
N LYS B 303 31.24 -9.55 10.12
CA LYS B 303 32.54 -8.89 9.94
C LYS B 303 32.64 -8.29 8.55
N PRO B 304 33.61 -7.39 8.34
CA PRO B 304 33.81 -6.74 7.03
C PRO B 304 34.71 -7.55 6.12
N GLY B 305 34.35 -7.63 4.84
CA GLY B 305 35.25 -8.20 3.85
C GLY B 305 36.47 -7.32 3.77
N ALA B 306 37.63 -7.92 3.49
CA ALA B 306 38.89 -7.18 3.48
C ALA B 306 38.79 -5.90 2.65
N GLN B 307 37.95 -5.94 1.61
CA GLN B 307 37.76 -4.79 0.73
C GLN B 307 36.97 -3.69 1.43
N LEU B 308 35.87 -4.08 2.08
CA LEU B 308 35.01 -3.13 2.79
C LEU B 308 35.76 -2.52 3.96
N ALA B 309 36.78 -3.22 4.45
CA ALA B 309 37.53 -2.78 5.62
C ALA B 309 38.45 -1.59 5.33
N ARG B 310 38.63 -1.27 4.05
CA ARG B 310 39.45 -0.14 3.66
C ARG B 310 38.59 1.11 3.52
N GLN B 311 37.37 0.91 3.04
CA GLN B 311 36.47 2.01 2.70
C GLN B 311 35.78 2.59 3.92
N ILE B 312 35.62 1.77 4.97
CA ILE B 312 34.91 2.20 6.17
C ILE B 312 35.82 2.23 7.40
N GLY B 313 37.08 1.89 7.20
CA GLY B 313 38.07 1.99 8.26
C GLY B 313 37.98 0.89 9.30
N ALA B 314 37.05 -0.03 9.13
CA ALA B 314 36.87 -1.13 10.07
C ALA B 314 37.95 -2.18 9.88
N SER B 315 38.24 -2.94 10.92
CA SER B 315 39.17 -4.06 10.82
C SER B 315 38.44 -5.29 10.31
N LEU B 316 39.15 -6.41 10.16
CA LEU B 316 38.54 -7.60 9.60
C LEU B 316 37.79 -8.43 10.63
N ASN B 317 38.04 -8.16 11.91
CA ASN B 317 37.37 -8.89 12.99
C ASN B 317 36.40 -8.04 13.83
N ASP B 318 36.23 -6.78 13.45
CA ASP B 318 35.31 -5.89 14.14
C ASP B 318 33.88 -6.10 13.64
N ASP B 319 32.93 -6.04 14.55
CA ASP B 319 31.53 -6.19 14.18
C ASP B 319 31.07 -5.01 13.32
N ILE B 320 30.11 -5.26 12.44
CA ILE B 320 29.55 -4.21 11.60
C ILE B 320 28.04 -4.32 11.55
N LEU B 321 27.37 -3.20 11.81
CA LEU B 321 25.91 -3.19 11.85
C LEU B 321 25.29 -2.85 10.51
N PHE B 322 25.21 -3.85 9.64
CA PHE B 322 24.50 -3.70 8.38
C PHE B 322 23.01 -3.53 8.66
N ALA B 323 22.42 -2.50 8.08
CA ALA B 323 21.02 -2.21 8.31
C ALA B 323 20.36 -1.64 7.07
N VAL B 324 19.31 -2.29 6.60
CA VAL B 324 18.52 -1.80 5.48
C VAL B 324 17.45 -0.84 5.98
N PHE B 325 17.55 0.42 5.61
CA PHE B 325 16.59 1.44 6.04
C PHE B 325 15.49 1.64 4.99
N ALA B 326 14.70 2.68 5.18
CA ALA B 326 13.62 3.01 4.24
C ALA B 326 12.97 4.35 4.58
N GLN B 327 13.04 5.27 3.62
CA GLN B 327 12.35 6.55 3.75
C GLN B 327 10.86 6.30 3.91
N SER B 328 10.29 6.84 4.98
CA SER B 328 8.88 6.62 5.29
C SER B 328 7.97 7.60 4.55
N LYS B 329 6.67 7.31 4.56
CA LYS B 329 5.68 8.19 3.98
C LYS B 329 5.56 9.46 4.82
N PRO B 330 4.89 10.49 4.28
CA PRO B 330 4.77 11.79 4.97
C PRO B 330 4.23 11.71 6.40
N ASP B 331 5.10 11.99 7.38
CA ASP B 331 4.72 12.06 8.79
C ASP B 331 4.26 10.74 9.41
N SER B 332 4.55 9.64 8.73
CA SER B 332 4.11 8.32 9.18
C SER B 332 5.31 7.40 9.43
N ALA B 333 5.03 6.19 9.90
CA ALA B 333 6.06 5.17 10.10
C ALA B 333 5.93 4.08 9.04
N GLU B 334 4.96 4.25 8.15
CA GLU B 334 4.75 3.31 7.06
C GLU B 334 5.80 3.56 5.98
N PRO B 335 6.67 2.58 5.75
CA PRO B 335 7.78 2.71 4.80
C PRO B 335 7.30 2.78 3.36
N MET B 336 7.97 3.57 2.54
CA MET B 336 7.72 3.59 1.11
C MET B 336 8.57 2.52 0.44
N ASP B 337 8.35 2.33 -0.86
CA ASP B 337 9.16 1.40 -1.64
C ASP B 337 10.46 2.08 -2.07
N ARG B 338 11.08 2.80 -1.14
CA ARG B 338 12.33 3.49 -1.39
C ARG B 338 13.35 3.16 -0.32
N SER B 339 14.23 2.21 -0.60
CA SER B 339 15.12 1.68 0.42
C SER B 339 16.56 2.12 0.27
N ALA B 340 17.21 2.36 1.41
CA ALA B 340 18.64 2.62 1.46
C ALA B 340 19.33 1.51 2.23
N MET B 341 20.55 1.77 2.69
CA MET B 341 21.31 0.82 3.48
C MET B 341 22.71 1.35 3.77
N CYS B 342 23.18 1.14 4.98
CA CYS B 342 24.56 1.49 5.34
C CYS B 342 25.06 0.66 6.52
N ALA B 343 26.38 0.67 6.71
CA ALA B 343 26.99 -0.12 7.77
C ALA B 343 27.52 0.77 8.89
N PHE B 344 27.39 0.28 10.11
CA PHE B 344 27.78 1.05 11.29
C PHE B 344 28.78 0.24 12.12
N PRO B 345 30.08 0.55 11.97
CA PRO B 345 31.13 -0.09 12.76
C PRO B 345 30.78 -0.01 14.24
N ILE B 346 30.53 -1.15 14.89
CA ILE B 346 30.11 -1.15 16.29
C ILE B 346 31.08 -0.39 17.19
N LYS B 347 32.37 -0.44 16.86
CA LYS B 347 33.38 0.28 17.62
C LYS B 347 33.22 1.79 17.44
N TYR B 348 32.88 2.20 16.23
CA TYR B 348 32.62 3.61 15.93
C TYR B 348 31.36 4.10 16.64
N VAL B 349 30.33 3.25 16.66
CA VAL B 349 29.12 3.55 17.40
C VAL B 349 29.48 3.76 18.87
N ASN B 350 30.42 2.96 19.35
CA ASN B 350 30.89 3.09 20.73
C ASN B 350 31.87 4.25 20.93
N ASP B 351 31.87 5.19 19.99
CA ASP B 351 32.65 6.40 20.13
C ASP B 351 31.72 7.60 20.21
N PHE B 352 30.63 7.54 19.44
CA PHE B 352 29.58 8.54 19.51
C PHE B 352 29.00 8.60 20.93
N PHE B 353 28.77 7.42 21.50
CA PHE B 353 28.29 7.31 22.87
C PHE B 353 29.29 7.91 23.84
N ASN B 354 30.58 7.75 23.53
CA ASN B 354 31.64 8.31 24.35
C ASN B 354 31.92 9.78 24.06
N LYS B 355 30.99 10.41 23.34
CA LYS B 355 31.03 11.85 23.07
C LYS B 355 29.88 12.57 23.77
N ILE B 356 30.18 13.71 24.37
CA ILE B 356 29.33 14.31 25.40
C ILE B 356 28.46 15.52 25.01
N ARG B 363 20.62 14.69 26.55
CA ARG B 363 19.35 15.26 27.02
C ARG B 363 18.50 14.15 27.64
N CYS B 364 17.86 14.45 28.76
CA CYS B 364 17.06 13.45 29.48
C CYS B 364 16.06 12.71 28.60
N LEU B 365 15.84 11.44 28.94
CA LEU B 365 14.94 10.58 28.19
C LEU B 365 13.49 10.96 28.49
N GLN B 366 12.69 11.16 27.44
CA GLN B 366 11.34 11.66 27.61
C GLN B 366 10.35 10.64 28.16
N HIS B 367 10.49 9.38 27.76
CA HIS B 367 9.49 8.39 28.10
C HIS B 367 9.68 7.68 29.44
N PHE B 368 10.93 7.54 29.89
CA PHE B 368 11.17 6.95 31.21
C PHE B 368 10.82 7.96 32.29
N TYR B 369 11.47 9.11 32.26
CA TYR B 369 11.18 10.16 33.23
C TYR B 369 10.12 11.10 32.72
N GLY B 370 9.88 12.16 33.46
CA GLY B 370 8.92 13.19 33.07
C GLY B 370 9.53 14.14 32.07
N PRO B 371 8.81 14.38 30.96
CA PRO B 371 9.26 15.25 29.87
C PRO B 371 9.71 16.62 30.36
N ASN B 372 9.13 17.08 31.46
CA ASN B 372 9.35 18.44 31.91
C ASN B 372 10.12 18.55 33.23
N HIS B 373 10.80 17.48 33.62
CA HIS B 373 11.60 17.51 34.83
C HIS B 373 13.06 17.34 34.45
N GLU B 374 13.96 17.89 35.24
CA GLU B 374 15.38 17.83 34.92
C GLU B 374 16.16 16.88 35.82
N HIS B 375 17.19 16.26 35.26
CA HIS B 375 17.77 15.06 35.83
C HIS B 375 18.99 14.62 35.01
N CYS B 376 19.57 13.48 35.37
CA CYS B 376 20.62 12.81 34.59
C CYS B 376 21.96 13.53 34.34
N SER B 386 29.78 7.34 33.20
CA SER B 386 31.09 7.78 32.76
C SER B 386 31.76 6.61 32.02
N GLY B 387 32.67 5.92 32.69
CA GLY B 387 33.39 4.81 32.06
C GLY B 387 33.05 3.42 32.55
N CYS B 388 32.09 2.78 31.88
CA CYS B 388 31.65 1.42 32.24
C CYS B 388 32.07 0.41 31.18
N GLU B 389 32.93 -0.55 31.57
CA GLU B 389 33.23 -1.72 30.73
C GLU B 389 31.88 -2.28 30.29
N ASP B 393 19.27 4.44 38.89
CA ASP B 393 19.90 4.92 40.10
C ASP B 393 21.21 5.28 39.41
N GLU B 394 21.69 4.33 38.62
CA GLU B 394 22.59 4.60 37.51
C GLU B 394 21.66 4.84 36.33
N TYR B 395 21.35 6.10 36.07
CA TYR B 395 20.22 6.44 35.20
C TYR B 395 20.46 6.33 33.69
N ARG B 396 19.40 6.63 32.94
CA ARG B 396 19.37 6.46 31.49
C ARG B 396 19.23 7.80 30.78
N THR B 397 19.81 7.89 29.58
CA THR B 397 19.88 9.16 28.85
C THR B 397 19.63 9.00 27.35
N GLU B 398 19.30 10.11 26.70
CA GLU B 398 19.06 10.14 25.25
C GLU B 398 20.15 10.98 24.57
N PHE B 399 20.13 11.02 23.24
CA PHE B 399 21.12 11.79 22.49
C PHE B 399 20.51 12.74 21.47
N THR B 400 21.09 13.94 21.39
CA THR B 400 20.60 14.98 20.49
C THR B 400 21.26 14.90 19.09
N THR B 401 22.52 14.51 19.07
CA THR B 401 23.29 14.42 17.81
C THR B 401 23.29 13.02 17.20
N ALA B 402 22.63 12.89 16.06
CA ALA B 402 22.43 11.59 15.42
C ALA B 402 23.68 11.04 14.73
N LEU B 403 23.91 9.75 14.91
CA LEU B 403 24.97 9.03 14.19
C LEU B 403 24.41 8.64 12.83
N GLN B 404 25.21 8.81 11.78
CA GLN B 404 24.71 8.57 10.43
C GLN B 404 25.79 8.21 9.41
N ARG B 405 25.46 7.32 8.49
CA ARG B 405 26.34 6.99 7.38
C ARG B 405 25.61 7.29 6.08
N VAL B 406 26.24 6.94 4.96
CA VAL B 406 25.67 7.16 3.65
C VAL B 406 25.27 5.83 3.03
N ASP B 407 24.35 5.88 2.07
CA ASP B 407 23.94 4.67 1.37
C ASP B 407 25.13 4.03 0.65
N LEU B 408 25.41 2.78 1.00
CA LEU B 408 26.53 2.07 0.40
C LEU B 408 26.25 1.70 -1.05
N PHE B 409 24.98 1.50 -1.37
CA PHE B 409 24.58 1.16 -2.73
C PHE B 409 24.29 2.39 -3.58
N MET B 410 24.69 3.55 -3.09
CA MET B 410 24.44 4.82 -3.77
C MET B 410 22.94 4.95 -4.07
N GLY B 411 22.12 4.19 -3.35
CA GLY B 411 20.69 4.19 -3.57
C GLY B 411 20.29 3.48 -4.85
N GLN B 412 20.99 2.40 -5.17
CA GLN B 412 20.64 1.58 -6.33
C GLN B 412 19.23 1.06 -6.13
N PHE B 413 18.84 0.94 -4.86
CA PHE B 413 17.53 0.42 -4.49
C PHE B 413 16.59 1.55 -4.11
N SER B 414 16.64 2.63 -4.88
CA SER B 414 15.82 3.80 -4.63
C SER B 414 14.34 3.53 -4.84
N GLU B 415 14.02 2.67 -5.81
CA GLU B 415 12.62 2.34 -6.07
C GLU B 415 12.33 0.86 -5.86
N VAL B 416 12.73 0.36 -4.69
CA VAL B 416 12.40 -0.99 -4.27
C VAL B 416 12.44 -1.08 -2.74
N LEU B 417 11.57 -1.91 -2.16
CA LEU B 417 11.48 -2.03 -0.71
C LEU B 417 12.23 -3.26 -0.21
N LEU B 418 13.38 -3.03 0.41
CA LEU B 418 14.19 -4.11 0.96
C LEU B 418 13.69 -4.51 2.32
N THR B 419 13.57 -5.82 2.55
CA THR B 419 12.97 -6.34 3.77
C THR B 419 13.94 -7.21 4.59
N SER B 420 14.85 -7.89 3.92
CA SER B 420 15.79 -8.79 4.58
C SER B 420 17.23 -8.42 4.31
N ILE B 421 18.12 -8.76 5.24
CA ILE B 421 19.55 -8.53 5.05
C ILE B 421 20.40 -9.59 5.74
N SER B 422 21.34 -10.16 4.98
CA SER B 422 22.29 -11.15 5.50
C SER B 422 23.65 -10.87 4.88
N THR B 423 24.71 -11.01 5.67
CA THR B 423 26.04 -10.67 5.20
C THR B 423 27.08 -11.77 5.47
N PHE B 424 27.77 -12.18 4.41
CA PHE B 424 28.87 -13.12 4.52
C PHE B 424 30.07 -12.62 3.74
N ILE B 425 31.22 -13.25 3.97
CA ILE B 425 32.43 -12.87 3.26
C ILE B 425 33.02 -14.05 2.50
N LYS B 426 33.17 -13.88 1.20
CA LYS B 426 33.89 -14.85 0.37
C LYS B 426 35.15 -14.18 -0.17
N GLY B 427 36.22 -14.29 0.60
CA GLY B 427 37.48 -13.66 0.24
C GLY B 427 37.52 -12.21 0.67
N ASP B 428 37.59 -11.30 -0.30
CA ASP B 428 37.60 -9.88 -0.03
C ASP B 428 36.19 -9.33 -0.17
N LEU B 429 35.41 -9.98 -1.03
CA LEU B 429 34.06 -9.56 -1.33
C LEU B 429 33.17 -9.70 -0.11
N THR B 430 32.34 -8.69 0.13
CA THR B 430 31.41 -8.70 1.25
C THR B 430 30.00 -8.77 0.72
N ILE B 431 29.62 -9.93 0.20
CA ILE B 431 28.29 -10.10 -0.38
C ILE B 431 27.22 -10.18 0.69
N ALA B 432 26.14 -9.46 0.47
CA ALA B 432 25.00 -9.49 1.38
C ALA B 432 23.71 -9.70 0.60
N ASN B 433 23.06 -10.83 0.84
CA ASN B 433 21.80 -11.12 0.15
C ASN B 433 20.59 -10.45 0.79
N LEU B 434 19.70 -9.97 -0.06
CA LEU B 434 18.60 -9.12 0.37
C LEU B 434 17.25 -9.69 -0.03
N GLY B 435 16.20 -9.26 0.65
CA GLY B 435 14.85 -9.62 0.30
C GLY B 435 14.07 -8.38 -0.09
N THR B 436 12.92 -8.58 -0.74
CA THR B 436 12.11 -7.46 -1.18
C THR B 436 10.65 -7.64 -0.81
N SER B 437 9.90 -6.54 -0.77
CA SER B 437 8.48 -6.55 -0.50
C SER B 437 7.71 -7.26 -1.62
N GLU B 438 8.44 -7.91 -2.51
CA GLU B 438 7.84 -8.61 -3.64
C GLU B 438 8.49 -9.98 -3.83
N GLY B 439 9.20 -10.43 -2.80
CA GLY B 439 9.78 -11.76 -2.81
C GLY B 439 11.08 -11.84 -3.60
N ARG B 440 11.56 -10.69 -4.07
CA ARG B 440 12.81 -10.66 -4.81
C ARG B 440 13.98 -10.92 -3.90
N PHE B 441 14.69 -12.01 -4.17
CA PHE B 441 15.93 -12.31 -3.47
C PHE B 441 17.10 -12.00 -4.39
N MET B 442 18.22 -11.59 -3.80
CA MET B 442 19.39 -11.25 -4.60
C MET B 442 20.65 -11.11 -3.76
N GLN B 443 21.75 -11.64 -4.27
CA GLN B 443 23.05 -11.49 -3.63
C GLN B 443 23.85 -10.39 -4.31
N VAL B 444 23.99 -9.27 -3.61
CA VAL B 444 24.71 -8.13 -4.16
C VAL B 444 26.05 -7.95 -3.46
N VAL B 445 27.09 -7.73 -4.26
CA VAL B 445 28.42 -7.46 -3.73
C VAL B 445 28.47 -6.06 -3.14
N VAL B 446 28.57 -5.99 -1.82
CA VAL B 446 28.59 -4.71 -1.12
C VAL B 446 29.91 -3.98 -1.33
N SER B 447 29.83 -2.72 -1.74
CA SER B 447 31.00 -1.88 -1.92
C SER B 447 30.60 -0.44 -2.20
N ARG B 448 31.37 0.50 -1.65
CA ARG B 448 31.10 1.93 -1.84
C ARG B 448 31.29 2.31 -3.31
N SER B 449 32.30 1.70 -3.94
CA SER B 449 32.70 2.04 -5.30
C SER B 449 31.55 2.01 -6.31
N GLY B 450 31.20 0.81 -6.75
CA GLY B 450 30.10 0.65 -7.68
C GLY B 450 29.02 -0.25 -7.09
N PRO B 451 27.74 0.14 -7.26
CA PRO B 451 26.63 -0.67 -6.78
C PRO B 451 26.45 -1.88 -7.68
N SER B 452 27.26 -2.91 -7.47
CA SER B 452 27.28 -4.07 -8.35
C SER B 452 25.91 -4.71 -8.51
N THR B 453 25.59 -5.08 -9.75
CA THR B 453 24.35 -5.77 -10.05
C THR B 453 24.29 -7.09 -9.31
N PRO B 454 23.10 -7.45 -8.79
CA PRO B 454 22.90 -8.73 -8.11
C PRO B 454 23.25 -9.89 -9.03
N HIS B 455 24.38 -10.55 -8.75
CA HIS B 455 24.78 -11.71 -9.55
C HIS B 455 23.80 -12.86 -9.34
N VAL B 456 22.86 -12.65 -8.42
CA VAL B 456 21.76 -13.57 -8.20
C VAL B 456 20.50 -12.74 -8.02
N ASN B 457 19.50 -12.96 -8.86
CA ASN B 457 18.26 -12.20 -8.77
C ASN B 457 17.05 -12.95 -9.31
N PHE B 458 16.02 -13.06 -8.48
CA PHE B 458 14.83 -13.82 -8.84
C PHE B 458 13.70 -13.61 -7.84
N LEU B 459 12.60 -14.34 -8.04
CA LEU B 459 11.44 -14.25 -7.17
C LEU B 459 11.18 -15.56 -6.45
N LEU B 460 11.00 -15.48 -5.13
CA LEU B 460 10.59 -16.65 -4.35
C LEU B 460 9.08 -16.85 -4.49
N ASP B 461 8.32 -15.88 -4.01
CA ASP B 461 6.88 -15.85 -4.23
C ASP B 461 6.31 -14.45 -4.00
N SER B 462 5.01 -14.27 -4.20
CA SER B 462 4.38 -12.96 -4.09
C SER B 462 4.44 -12.41 -2.67
N HIS B 463 4.84 -13.27 -1.73
CA HIS B 463 4.96 -12.87 -0.33
C HIS B 463 6.34 -12.28 -0.07
N PRO B 464 6.39 -11.01 0.38
CA PRO B 464 7.63 -10.30 0.70
C PRO B 464 8.56 -11.12 1.59
N VAL B 465 9.86 -11.01 1.35
CA VAL B 465 10.86 -11.69 2.15
C VAL B 465 10.83 -11.21 3.60
N SER B 466 11.10 -12.11 4.54
CA SER B 466 11.13 -11.76 5.95
C SER B 466 12.55 -11.43 6.37
N PRO B 467 12.69 -10.46 7.28
CA PRO B 467 13.99 -10.03 7.83
C PRO B 467 14.64 -11.15 8.61
N GLU B 468 13.85 -12.15 8.98
CA GLU B 468 14.35 -13.30 9.69
C GLU B 468 15.16 -14.20 8.75
N VAL B 469 16.45 -14.35 9.05
CA VAL B 469 17.32 -15.18 8.24
C VAL B 469 18.44 -15.82 9.06
N ILE B 470 18.93 -16.96 8.59
CA ILE B 470 20.04 -17.66 9.21
C ILE B 470 21.22 -17.75 8.24
N VAL B 471 22.41 -17.49 8.74
CA VAL B 471 23.62 -17.61 7.94
C VAL B 471 24.51 -18.71 8.48
N GLU B 472 24.68 -19.77 7.70
CA GLU B 472 25.41 -20.94 8.15
C GLU B 472 26.70 -21.15 7.36
N HIS B 473 27.80 -21.38 8.08
CA HIS B 473 29.09 -21.61 7.44
C HIS B 473 29.56 -23.06 7.59
N THR B 474 29.91 -23.67 6.46
CA THR B 474 30.44 -25.03 6.45
C THR B 474 31.87 -25.06 5.89
N LEU B 475 32.50 -26.24 5.93
CA LEU B 475 33.90 -26.40 5.53
C LEU B 475 34.13 -26.02 4.07
N ASN B 476 35.26 -25.34 3.83
CA ASN B 476 35.64 -24.89 2.49
C ASN B 476 34.64 -23.91 1.91
N GLN B 477 33.84 -23.32 2.79
CA GLN B 477 32.80 -22.35 2.43
C GLN B 477 31.79 -22.85 1.39
N ASN B 478 30.76 -23.54 1.87
CA ASN B 478 29.61 -23.86 1.05
C ASN B 478 28.51 -22.88 1.39
N GLY B 479 28.12 -22.88 2.66
CA GLY B 479 27.21 -21.88 3.20
C GLY B 479 25.80 -21.91 2.63
N TYR B 480 24.91 -21.20 3.29
CA TYR B 480 23.53 -21.06 2.84
C TYR B 480 22.76 -20.15 3.79
N THR B 481 21.86 -19.34 3.22
CA THR B 481 20.98 -18.51 4.02
C THR B 481 19.57 -19.08 3.96
N LEU B 482 18.95 -19.23 5.13
CA LEU B 482 17.57 -19.67 5.19
C LEU B 482 16.65 -18.45 5.13
N VAL B 483 16.03 -18.27 3.97
CA VAL B 483 15.16 -17.11 3.76
C VAL B 483 13.70 -17.52 3.81
N ILE B 484 12.90 -16.72 4.51
CA ILE B 484 11.48 -17.02 4.69
C ILE B 484 10.61 -16.07 3.88
N THR B 485 9.57 -16.61 3.28
CA THR B 485 8.61 -15.80 2.54
C THR B 485 7.19 -16.25 2.84
N GLY B 486 6.68 -15.82 3.99
CA GLY B 486 5.36 -16.23 4.45
C GLY B 486 5.46 -17.57 5.17
N LYS B 487 5.16 -18.65 4.46
CA LYS B 487 5.26 -19.98 5.02
C LYS B 487 6.48 -20.72 4.48
N LYS B 488 6.87 -20.38 3.27
CA LYS B 488 8.00 -21.03 2.61
C LYS B 488 9.34 -20.47 3.05
N ILE B 489 10.13 -21.30 3.72
CA ILE B 489 11.52 -20.95 4.00
C ILE B 489 12.44 -21.80 3.13
N THR B 490 13.19 -21.13 2.27
CA THR B 490 14.02 -21.81 1.28
C THR B 490 15.50 -21.82 1.67
N LYS B 491 16.21 -22.87 1.27
CA LYS B 491 17.63 -22.99 1.57
C LYS B 491 18.48 -22.61 0.36
N ILE B 492 19.04 -21.41 0.39
CA ILE B 492 19.83 -20.89 -0.73
C ILE B 492 21.32 -20.88 -0.40
N PRO B 493 22.14 -21.45 -1.29
CA PRO B 493 23.60 -21.49 -1.14
C PRO B 493 24.24 -20.13 -1.40
N LEU B 494 25.39 -19.89 -0.79
CA LEU B 494 26.11 -18.63 -0.96
C LEU B 494 26.96 -18.64 -2.23
N ASN B 495 27.28 -19.84 -2.71
CA ASN B 495 28.12 -20.01 -3.88
C ASN B 495 27.39 -19.61 -5.17
N GLY B 496 26.17 -19.13 -5.03
CA GLY B 496 25.35 -18.78 -6.18
C GLY B 496 24.74 -20.00 -6.82
N LEU B 497 23.79 -19.78 -7.72
CA LEU B 497 23.07 -20.88 -8.36
C LEU B 497 23.88 -21.46 -9.51
N GLY B 498 25.17 -21.65 -9.28
CA GLY B 498 26.05 -22.18 -10.31
C GLY B 498 26.36 -21.18 -11.40
N CYS B 499 26.71 -21.71 -12.56
CA CYS B 499 26.93 -20.88 -13.72
C CYS B 499 25.82 -21.09 -14.74
N ARG B 500 24.99 -22.10 -14.49
CA ARG B 500 23.97 -22.50 -15.45
C ARG B 500 22.85 -21.48 -15.60
N HIS B 501 22.65 -20.65 -14.57
CA HIS B 501 21.51 -19.73 -14.57
C HIS B 501 21.84 -18.34 -15.12
N PHE B 502 23.04 -18.19 -15.68
CA PHE B 502 23.44 -16.91 -16.29
C PHE B 502 22.93 -16.79 -17.73
N GLN B 503 22.36 -15.64 -18.05
CA GLN B 503 21.63 -15.46 -19.31
C GLN B 503 22.52 -15.11 -20.50
N SER B 504 23.30 -14.04 -20.39
CA SER B 504 24.15 -13.60 -21.51
C SER B 504 25.63 -13.75 -21.22
N CYS B 505 26.45 -13.49 -22.24
CA CYS B 505 27.89 -13.68 -22.14
C CYS B 505 28.54 -12.73 -21.13
N SER B 506 28.18 -11.45 -21.21
CA SER B 506 28.70 -10.46 -20.29
C SER B 506 28.34 -10.82 -18.86
N GLN B 507 27.11 -11.28 -18.67
CA GLN B 507 26.62 -11.64 -17.34
C GLN B 507 27.31 -12.90 -16.82
N CYS B 508 27.90 -13.67 -17.74
CA CYS B 508 28.58 -14.92 -17.38
C CYS B 508 29.95 -14.66 -16.76
N LEU B 509 30.50 -13.49 -17.03
CA LEU B 509 31.81 -13.13 -16.50
C LEU B 509 31.67 -12.09 -15.41
N SER B 510 30.44 -11.64 -15.18
CA SER B 510 30.15 -10.67 -14.13
C SER B 510 30.08 -11.35 -12.76
N ALA B 511 30.03 -12.67 -12.78
CA ALA B 511 30.06 -13.45 -11.55
C ALA B 511 31.39 -13.27 -10.85
N PRO B 512 31.38 -13.29 -9.51
CA PRO B 512 32.56 -13.11 -8.67
C PRO B 512 33.71 -14.05 -9.04
N PRO B 513 34.91 -13.78 -8.53
CA PRO B 513 36.11 -14.56 -8.81
C PRO B 513 35.99 -16.04 -8.44
N PHE B 514 35.18 -16.36 -7.43
CA PHE B 514 35.11 -17.71 -6.91
C PHE B 514 34.23 -18.67 -7.71
N VAL B 515 33.27 -18.11 -8.44
CA VAL B 515 32.29 -18.94 -9.15
C VAL B 515 32.92 -19.76 -10.29
N GLN B 516 33.86 -19.15 -11.02
CA GLN B 516 34.60 -19.84 -12.08
C GLN B 516 33.73 -20.34 -13.23
N CYS B 517 32.99 -19.43 -13.85
CA CYS B 517 32.19 -19.77 -15.02
C CYS B 517 33.01 -19.64 -16.30
N GLY B 518 32.34 -19.74 -17.44
CA GLY B 518 33.01 -19.62 -18.72
C GLY B 518 32.05 -19.81 -19.87
N TRP B 519 31.61 -18.70 -20.46
CA TRP B 519 30.68 -18.73 -21.58
C TRP B 519 31.22 -19.64 -22.68
N CYS B 520 30.41 -20.64 -23.05
CA CYS B 520 30.84 -21.64 -24.00
C CYS B 520 30.03 -21.60 -25.28
N HIS B 521 30.36 -20.64 -26.14
CA HIS B 521 29.75 -20.50 -27.47
C HIS B 521 28.31 -19.97 -27.44
N ASP B 522 27.43 -20.68 -26.74
CA ASP B 522 26.01 -20.35 -26.72
C ASP B 522 25.44 -20.36 -25.31
N LYS B 523 25.88 -21.32 -24.50
CA LYS B 523 25.41 -21.42 -23.13
C LYS B 523 26.53 -21.07 -22.16
N CYS B 524 26.17 -20.77 -20.91
CA CYS B 524 27.17 -20.52 -19.89
C CYS B 524 27.31 -21.75 -19.00
N VAL B 525 28.55 -22.14 -18.73
CA VAL B 525 28.81 -23.34 -17.93
C VAL B 525 30.10 -23.20 -17.13
N ARG B 526 30.39 -24.22 -16.32
CA ARG B 526 31.60 -24.21 -15.49
C ARG B 526 32.87 -24.28 -16.33
N SER B 527 34.02 -24.20 -15.66
CA SER B 527 35.32 -24.20 -16.33
C SER B 527 35.56 -25.38 -17.25
N GLU B 528 35.86 -26.54 -16.67
CA GLU B 528 36.25 -27.71 -17.44
C GLU B 528 35.07 -28.39 -18.13
N GLU B 529 33.92 -27.70 -18.15
CA GLU B 529 32.71 -28.28 -18.73
C GLU B 529 32.41 -27.70 -20.10
N CYS B 530 33.45 -27.21 -20.78
CA CYS B 530 33.28 -26.62 -22.11
C CYS B 530 33.45 -27.64 -23.23
N LEU B 531 32.38 -27.85 -23.99
CA LEU B 531 32.36 -28.84 -25.06
C LEU B 531 33.30 -28.45 -26.20
N SER B 532 33.39 -27.16 -26.48
CA SER B 532 34.22 -26.67 -27.58
C SER B 532 35.35 -25.74 -27.11
N GLY B 533 36.26 -25.41 -28.02
CA GLY B 533 37.39 -24.55 -27.70
C GLY B 533 37.04 -23.07 -27.75
N THR B 534 36.01 -22.69 -27.02
CA THR B 534 35.55 -21.30 -27.00
C THR B 534 35.30 -20.84 -25.57
N TRP B 535 35.88 -21.57 -24.62
CA TRP B 535 35.76 -21.22 -23.22
C TRP B 535 36.76 -20.11 -22.84
N THR B 536 36.26 -19.03 -22.26
CA THR B 536 37.11 -17.92 -21.86
C THR B 536 36.44 -17.09 -20.77
N GLN B 537 37.24 -16.27 -20.09
CA GLN B 537 36.72 -15.40 -19.03
C GLN B 537 36.96 -13.93 -19.33
N GLN B 538 37.23 -13.61 -20.59
CA GLN B 538 37.49 -12.22 -20.98
C GLN B 538 36.75 -11.83 -22.26
N ILE B 539 36.95 -12.62 -23.31
CA ILE B 539 36.46 -12.25 -24.65
C ILE B 539 34.96 -12.43 -24.81
N CYS B 540 34.23 -11.32 -24.76
CA CYS B 540 32.81 -11.31 -25.06
C CYS B 540 32.54 -10.33 -26.19
N LEU B 541 32.06 -10.84 -27.32
CA LEU B 541 31.82 -10.02 -28.50
C LEU B 541 30.41 -9.42 -28.50
N PRO B 542 30.27 -8.23 -29.09
CA PRO B 542 28.98 -7.54 -29.21
C PRO B 542 28.01 -8.28 -30.12
N ALA B 543 26.78 -7.81 -30.14
CA ALA B 543 25.75 -8.39 -30.99
C ALA B 543 24.53 -7.48 -31.03
N ILE B 544 24.12 -7.07 -32.22
CA ILE B 544 22.98 -6.17 -32.37
C ILE B 544 21.74 -6.93 -32.81
N TYR B 545 20.68 -6.87 -31.99
CA TYR B 545 19.43 -7.55 -32.30
C TYR B 545 18.54 -6.70 -33.21
N LYS B 546 18.26 -5.49 -32.75
CA LYS B 546 17.41 -4.57 -33.50
C LYS B 546 17.72 -3.13 -33.12
N VAL B 547 17.43 -2.20 -34.03
CA VAL B 547 17.67 -0.79 -33.79
C VAL B 547 16.42 0.02 -34.11
N PHE B 548 16.16 1.06 -33.31
CA PHE B 548 15.01 1.93 -33.51
C PHE B 548 15.45 3.38 -33.50
N PRO B 549 15.10 4.14 -34.55
CA PRO B 549 14.32 3.67 -35.71
C PRO B 549 15.19 2.92 -36.72
N ASN B 550 14.58 2.49 -37.82
CA ASN B 550 15.31 1.81 -38.88
C ASN B 550 15.90 2.78 -39.89
N SER B 551 15.46 4.04 -39.82
CA SER B 551 15.94 5.07 -40.74
C SER B 551 16.20 6.40 -40.03
N ALA B 552 16.49 7.44 -40.81
CA ALA B 552 16.81 8.76 -40.26
C ALA B 552 16.62 9.87 -41.29
N PRO B 553 16.48 11.12 -40.81
CA PRO B 553 16.32 12.27 -41.70
C PRO B 553 17.67 12.71 -42.27
N LEU B 554 17.63 13.41 -43.39
CA LEU B 554 18.84 13.83 -44.10
C LEU B 554 19.95 14.33 -43.17
N GLU B 555 19.61 15.33 -42.35
CA GLU B 555 20.61 15.96 -41.49
C GLU B 555 20.26 15.71 -40.02
N GLY B 556 19.01 15.29 -39.79
CA GLY B 556 18.49 15.10 -38.45
C GLY B 556 19.36 14.26 -37.53
N GLY B 557 19.25 14.54 -36.23
CA GLY B 557 20.02 13.82 -35.22
C GLY B 557 19.14 12.96 -34.33
N THR B 558 18.31 12.13 -34.97
CA THR B 558 17.40 11.24 -34.26
C THR B 558 18.08 10.45 -33.15
N ARG B 559 17.31 10.09 -32.12
CA ARG B 559 17.81 9.22 -31.06
C ARG B 559 17.76 7.76 -31.51
N LEU B 560 18.77 6.99 -31.10
CA LEU B 560 18.86 5.58 -31.46
C LEU B 560 18.79 4.68 -30.23
N THR B 561 17.95 3.66 -30.30
CA THR B 561 17.96 2.63 -29.28
C THR B 561 18.39 1.32 -29.92
N ILE B 562 19.57 0.86 -29.56
CA ILE B 562 20.15 -0.35 -30.12
C ILE B 562 20.22 -1.46 -29.07
N CYS B 563 19.29 -2.40 -29.17
CA CYS B 563 19.21 -3.51 -28.21
C CYS B 563 20.02 -4.73 -28.66
N GLY B 564 20.79 -5.29 -27.74
CA GLY B 564 21.60 -6.46 -28.01
C GLY B 564 22.23 -7.03 -26.76
N TRP B 565 23.37 -7.69 -26.92
CA TRP B 565 24.07 -8.34 -25.81
C TRP B 565 25.53 -7.94 -25.78
N ASP B 566 26.09 -7.87 -24.57
CA ASP B 566 27.53 -7.69 -24.40
C ASP B 566 28.04 -6.40 -25.02
N PHE B 567 27.93 -5.31 -24.29
CA PHE B 567 28.47 -4.02 -24.76
C PHE B 567 29.48 -3.46 -23.76
N GLY B 568 29.65 -4.16 -22.63
CA GLY B 568 30.54 -3.68 -21.58
C GLY B 568 31.87 -4.39 -21.54
N PHE B 569 32.86 -3.76 -20.91
CA PHE B 569 34.21 -4.30 -20.82
C PHE B 569 34.44 -5.09 -19.54
N ARG B 570 35.39 -6.04 -19.57
CA ARG B 570 35.64 -6.93 -18.44
C ARG B 570 36.85 -6.52 -17.58
N ARG B 571 36.60 -6.34 -16.28
CA ARG B 571 37.66 -6.28 -15.27
C ARG B 571 37.16 -5.78 -13.91
N ASN B 572 37.91 -6.09 -12.85
CA ASN B 572 37.52 -5.78 -11.47
C ASN B 572 36.18 -6.44 -11.13
N ASN B 573 35.81 -7.43 -11.94
CA ASN B 573 34.50 -8.09 -11.89
C ASN B 573 33.41 -7.33 -12.66
N LYS B 574 33.37 -6.01 -12.47
CA LYS B 574 32.31 -5.18 -13.03
C LYS B 574 32.46 -4.93 -14.53
N PHE B 575 31.35 -4.57 -15.17
CA PHE B 575 31.33 -4.21 -16.59
C PHE B 575 30.70 -2.84 -16.77
N ASP B 576 31.36 -1.99 -17.54
CA ASP B 576 30.85 -0.65 -17.83
C ASP B 576 30.87 -0.36 -19.33
N LEU B 577 30.28 0.76 -19.71
CA LEU B 577 30.28 1.16 -21.12
C LEU B 577 31.39 2.17 -21.40
N LYS B 578 32.54 1.98 -20.76
CA LYS B 578 33.69 2.85 -20.97
C LYS B 578 34.21 2.69 -22.39
N LYS B 579 34.75 1.50 -22.68
CA LYS B 579 35.26 1.20 -24.01
C LYS B 579 34.12 0.80 -24.95
N THR B 580 33.02 1.53 -24.87
CA THR B 580 31.89 1.29 -25.76
C THR B 580 31.77 2.44 -26.76
N ARG B 581 31.95 2.12 -28.04
CA ARG B 581 31.87 3.13 -29.09
C ARG B 581 30.94 2.69 -30.21
N VAL B 582 30.07 3.61 -30.63
CA VAL B 582 29.17 3.33 -31.74
C VAL B 582 29.65 4.08 -32.98
N LEU B 583 29.58 3.42 -34.12
CA LEU B 583 30.05 4.00 -35.38
C LEU B 583 28.99 3.83 -36.46
N LEU B 584 28.36 4.93 -36.86
CA LEU B 584 27.35 4.87 -37.90
C LEU B 584 27.95 5.17 -39.26
N GLY B 585 28.21 4.11 -40.04
CA GLY B 585 28.83 4.24 -41.35
C GLY B 585 30.28 4.68 -41.24
N ASN B 586 30.50 5.98 -41.36
CA ASN B 586 31.83 6.55 -41.18
C ASN B 586 31.78 7.63 -40.10
N GLU B 587 30.59 8.20 -39.92
CA GLU B 587 30.38 9.20 -38.90
C GLU B 587 30.32 8.58 -37.50
N SER B 588 31.32 8.89 -36.68
CA SER B 588 31.36 8.40 -35.30
C SER B 588 30.12 8.86 -34.56
N CYS B 589 29.57 7.98 -33.71
CA CYS B 589 28.31 8.27 -33.03
C CYS B 589 28.55 8.69 -31.59
N THR B 590 27.61 9.46 -31.05
CA THR B 590 27.75 10.02 -29.70
C THR B 590 26.83 9.34 -28.69
N LEU B 591 27.44 8.63 -27.74
CA LEU B 591 26.69 7.89 -26.75
C LEU B 591 26.47 8.66 -25.46
N THR B 592 25.22 8.70 -25.01
CA THR B 592 24.90 9.20 -23.69
C THR B 592 24.97 8.03 -22.71
N LEU B 593 26.15 7.82 -22.14
CA LEU B 593 26.43 6.63 -21.35
C LEU B 593 25.47 6.39 -20.18
N SER B 594 25.00 7.47 -19.57
CA SER B 594 24.10 7.36 -18.42
C SER B 594 22.84 6.58 -18.78
N GLU B 595 22.27 6.87 -19.95
CA GLU B 595 21.02 6.25 -20.36
C GLU B 595 21.23 4.89 -21.01
N SER B 596 22.48 4.49 -21.16
CA SER B 596 22.80 3.23 -21.81
C SER B 596 23.09 2.13 -20.78
N THR B 597 22.70 0.91 -21.11
CA THR B 597 22.93 -0.24 -20.24
C THR B 597 23.71 -1.32 -20.98
N MET B 598 23.95 -2.43 -20.29
CA MET B 598 24.69 -3.54 -20.86
C MET B 598 23.96 -4.20 -22.02
N ASN B 599 22.70 -3.81 -22.22
CA ASN B 599 21.89 -4.38 -23.28
C ASN B 599 21.21 -3.30 -24.13
N THR B 600 21.06 -2.11 -23.57
CA THR B 600 20.39 -1.01 -24.26
C THR B 600 21.36 0.13 -24.55
N LEU B 601 21.65 0.36 -25.83
CA LEU B 601 22.54 1.45 -26.23
C LEU B 601 21.76 2.60 -26.83
N LYS B 602 21.86 3.76 -26.20
CA LYS B 602 21.18 4.96 -26.69
C LYS B 602 22.17 5.99 -27.24
N CYS B 603 22.19 6.11 -28.56
CA CYS B 603 23.07 7.05 -29.25
C CYS B 603 22.23 8.12 -29.95
N THR B 604 22.87 9.24 -30.29
CA THR B 604 22.21 10.31 -31.02
C THR B 604 22.96 10.63 -32.32
N VAL B 605 22.31 10.37 -33.45
CA VAL B 605 22.98 10.43 -34.75
C VAL B 605 22.98 11.80 -35.43
N GLY B 606 23.02 11.78 -36.76
CA GLY B 606 23.19 12.98 -37.55
C GLY B 606 24.64 13.09 -38.02
N PHE B 613 21.41 7.52 -48.15
CA PHE B 613 22.32 6.42 -47.86
C PHE B 613 21.58 5.15 -47.40
N ASN B 614 22.34 4.06 -47.23
CA ASN B 614 21.80 2.80 -46.75
C ASN B 614 22.86 2.15 -45.88
N MET B 615 23.42 2.94 -44.96
CA MET B 615 24.64 2.57 -44.26
C MET B 615 24.48 1.45 -43.25
N SER B 616 25.60 1.09 -42.63
CA SER B 616 25.64 0.06 -41.61
C SER B 616 26.07 0.67 -40.27
N ILE B 617 25.77 -0.03 -39.19
CA ILE B 617 26.12 0.45 -37.85
C ILE B 617 27.13 -0.49 -37.20
N ILE B 618 28.10 0.10 -36.50
CA ILE B 618 29.17 -0.67 -35.90
C ILE B 618 29.23 -0.43 -34.39
N ILE B 619 29.57 -1.46 -33.63
CA ILE B 619 29.64 -1.35 -32.18
C ILE B 619 30.86 -2.07 -31.61
N SER B 620 31.73 -1.32 -30.95
CA SER B 620 32.94 -1.88 -30.37
C SER B 620 32.86 -1.89 -28.85
N ASN B 621 33.15 -3.05 -28.25
CA ASN B 621 33.19 -3.15 -26.80
C ASN B 621 34.61 -3.36 -26.27
N GLY B 622 35.59 -2.88 -27.03
CA GLY B 622 36.97 -2.95 -26.62
C GLY B 622 37.68 -4.20 -27.08
N HIS B 623 36.91 -5.24 -27.40
CA HIS B 623 37.48 -6.50 -27.85
C HIS B 623 37.21 -6.73 -29.33
N GLY B 624 35.95 -6.64 -29.72
CA GLY B 624 35.56 -6.84 -31.09
C GLY B 624 34.44 -5.90 -31.49
N THR B 625 33.89 -6.10 -32.68
CA THR B 625 32.81 -5.25 -33.16
C THR B 625 31.75 -6.05 -33.92
N THR B 626 30.60 -5.41 -34.14
CA THR B 626 29.53 -6.01 -34.92
C THR B 626 28.95 -4.97 -35.87
N GLN B 627 28.09 -5.41 -36.78
CA GLN B 627 27.47 -4.51 -37.73
C GLN B 627 25.95 -4.70 -37.79
N TYR B 628 25.28 -3.83 -38.52
CA TYR B 628 23.84 -3.87 -38.67
C TYR B 628 23.46 -2.99 -39.85
N SER B 629 23.10 -3.61 -40.97
CA SER B 629 22.94 -2.90 -42.23
C SER B 629 21.50 -2.67 -42.66
N THR B 630 20.67 -2.16 -41.76
CA THR B 630 19.30 -1.81 -42.10
C THR B 630 19.14 -0.29 -42.11
N PHE B 631 19.87 0.38 -41.24
CA PHE B 631 19.76 1.82 -41.05
C PHE B 631 19.97 2.61 -42.35
N SER B 632 18.96 3.40 -42.72
CA SER B 632 19.00 4.19 -43.94
C SER B 632 18.79 5.67 -43.62
N TYR B 633 19.27 6.54 -44.50
CA TYR B 633 19.15 7.98 -44.30
C TYR B 633 18.14 8.63 -45.22
N VAL B 634 16.99 7.97 -45.39
CA VAL B 634 15.97 8.42 -46.34
C VAL B 634 15.66 9.92 -46.28
N ASP B 635 15.22 10.47 -47.41
CA ASP B 635 14.83 11.86 -47.50
C ASP B 635 13.33 12.00 -47.38
N PRO B 636 12.88 12.57 -46.25
CA PRO B 636 11.45 12.82 -46.04
C PRO B 636 10.92 13.83 -47.06
N VAL B 637 9.88 13.48 -47.79
CA VAL B 637 9.31 14.38 -48.78
C VAL B 637 7.79 14.28 -48.85
N ILE B 638 7.13 15.42 -49.01
CA ILE B 638 5.67 15.44 -49.10
C ILE B 638 5.21 15.63 -50.53
N THR B 639 4.72 14.57 -51.15
CA THR B 639 4.20 14.68 -52.51
C THR B 639 3.01 15.64 -52.58
N SER B 640 1.86 15.22 -52.05
CA SER B 640 0.66 16.03 -52.18
C SER B 640 -0.15 16.11 -50.89
N ILE B 641 -1.08 17.07 -50.86
CA ILE B 641 -1.90 17.31 -49.67
C ILE B 641 -3.35 17.56 -50.03
N SER B 642 -4.26 16.91 -49.30
CA SER B 642 -5.69 17.05 -49.51
C SER B 642 -6.45 16.81 -48.20
N PRO B 643 -7.54 17.54 -47.97
CA PRO B 643 -8.12 18.56 -48.86
C PRO B 643 -7.28 19.83 -48.92
N LYS B 644 -7.43 20.61 -49.98
CA LYS B 644 -6.63 21.81 -50.18
C LYS B 644 -7.21 23.05 -49.48
N TYR B 645 -8.54 23.11 -49.37
CA TYR B 645 -9.22 24.17 -48.63
C TYR B 645 -9.87 23.58 -47.38
N GLY B 646 -10.45 24.43 -46.54
CA GLY B 646 -11.07 23.96 -45.30
C GLY B 646 -11.79 25.01 -44.49
N PRO B 647 -12.44 24.56 -43.40
CA PRO B 647 -13.21 25.42 -42.48
C PRO B 647 -12.39 26.61 -42.02
N MET B 648 -12.97 27.81 -42.10
CA MET B 648 -12.28 29.02 -41.69
C MET B 648 -11.75 28.87 -40.26
N ALA B 649 -12.60 28.37 -39.38
CA ALA B 649 -12.19 28.09 -38.01
C ALA B 649 -11.05 27.09 -38.03
N GLY B 650 -11.35 25.88 -38.49
CA GLY B 650 -10.34 24.85 -38.61
C GLY B 650 -10.64 23.62 -37.76
N GLY B 651 -10.72 22.47 -38.41
CA GLY B 651 -10.97 21.22 -37.73
C GLY B 651 -11.12 20.07 -38.69
N THR B 652 -10.70 20.29 -39.94
CA THR B 652 -10.79 19.28 -40.99
C THR B 652 -9.58 18.34 -40.99
N LEU B 653 -9.78 17.11 -41.43
CA LEU B 653 -8.72 16.13 -41.50
C LEU B 653 -7.85 16.36 -42.73
N LEU B 654 -6.59 16.70 -42.50
CA LEU B 654 -5.65 16.96 -43.58
C LEU B 654 -4.74 15.76 -43.81
N THR B 655 -4.66 15.31 -45.06
CA THR B 655 -3.91 14.10 -45.41
C THR B 655 -2.67 14.42 -46.25
N LEU B 656 -1.50 13.99 -45.76
CA LEU B 656 -0.23 14.21 -46.44
C LEU B 656 0.30 12.90 -47.04
N THR B 657 1.02 13.00 -48.16
CA THR B 657 1.56 11.83 -48.84
C THR B 657 3.06 11.97 -49.11
N GLY B 658 3.78 10.85 -49.19
CA GLY B 658 5.21 10.87 -49.47
C GLY B 658 6.00 9.72 -48.87
N ASN B 659 7.06 10.04 -48.13
CA ASN B 659 7.90 9.06 -47.42
C ASN B 659 8.27 9.60 -46.04
N HIS B 668 6.26 16.54 -37.54
CA HIS B 668 5.60 16.55 -36.25
C HIS B 668 4.62 17.71 -36.52
N ILE B 669 3.84 17.53 -37.57
CA ILE B 669 3.09 18.58 -38.26
C ILE B 669 2.61 19.78 -37.44
N SER B 670 2.76 20.97 -38.02
CA SER B 670 2.29 22.20 -37.41
C SER B 670 2.21 23.32 -38.45
N ILE B 671 1.00 23.75 -38.77
CA ILE B 671 0.82 24.81 -39.76
C ILE B 671 0.56 26.15 -39.08
N GLY B 672 0.87 27.23 -39.77
CA GLY B 672 0.66 28.58 -39.24
C GLY B 672 1.37 28.83 -37.92
N GLY B 673 2.26 27.91 -37.56
CA GLY B 673 2.99 28.01 -36.31
C GLY B 673 2.41 27.11 -35.23
N LYS B 674 1.17 27.41 -34.84
CA LYS B 674 0.50 26.68 -33.77
C LYS B 674 0.19 25.26 -34.22
N THR B 675 0.84 24.29 -33.57
CA THR B 675 0.83 22.90 -34.00
C THR B 675 -0.55 22.31 -34.25
N CYS B 676 -0.67 21.52 -35.31
CA CYS B 676 -1.87 20.73 -35.52
C CYS B 676 -1.63 19.39 -34.83
N THR B 677 -2.54 18.44 -35.04
CA THR B 677 -2.44 17.16 -34.35
C THR B 677 -2.36 15.99 -35.31
N LEU B 678 -1.58 14.98 -34.95
CA LEU B 678 -1.42 13.81 -35.80
C LEU B 678 -2.40 12.70 -35.41
N LYS B 679 -3.14 12.20 -36.39
CA LYS B 679 -4.12 11.14 -36.17
C LYS B 679 -3.57 9.76 -36.49
N SER B 680 -3.06 9.59 -37.71
CA SER B 680 -2.48 8.32 -38.11
C SER B 680 -1.15 8.53 -38.82
N VAL B 681 -0.09 7.97 -38.25
CA VAL B 681 1.25 8.11 -38.80
C VAL B 681 1.56 6.96 -39.77
N SER B 682 2.54 7.17 -40.64
CA SER B 682 2.91 6.17 -41.63
C SER B 682 4.22 6.59 -42.29
N ASN B 683 4.59 5.87 -43.35
CA ASN B 683 5.75 6.25 -44.15
C ASN B 683 5.24 6.71 -45.50
N SER B 684 3.95 6.54 -45.72
CA SER B 684 3.35 6.85 -47.01
C SER B 684 2.24 7.87 -46.87
N ILE B 685 1.64 7.97 -45.69
CA ILE B 685 0.48 8.83 -45.52
C ILE B 685 0.28 9.32 -44.08
N LEU B 686 -0.01 10.62 -43.95
CA LEU B 686 -0.21 11.25 -42.66
C LEU B 686 -1.59 11.91 -42.56
N GLU B 687 -2.29 11.65 -41.45
CA GLU B 687 -3.57 12.30 -41.18
C GLU B 687 -3.44 13.27 -40.02
N CYS B 688 -3.96 14.47 -40.19
CA CYS B 688 -3.81 15.53 -39.19
C CYS B 688 -5.06 16.38 -39.06
N TYR B 689 -5.31 16.87 -37.85
CA TYR B 689 -6.41 17.77 -37.62
C TYR B 689 -5.92 19.21 -37.56
N THR B 690 -6.50 20.06 -38.39
CA THR B 690 -6.08 21.45 -38.49
C THR B 690 -6.42 22.27 -37.25
N PRO B 691 -5.45 23.06 -36.76
CA PRO B 691 -5.62 24.00 -35.65
C PRO B 691 -6.62 25.09 -36.01
N ALA B 692 -7.58 25.32 -35.13
CA ALA B 692 -8.57 26.37 -35.34
C ALA B 692 -7.94 27.74 -35.17
N GLN B 693 -7.27 28.22 -36.23
CA GLN B 693 -6.58 29.51 -36.19
C GLN B 693 -7.53 30.67 -36.45
N THR B 694 -7.20 31.82 -35.86
CA THR B 694 -8.01 33.02 -36.01
C THR B 694 -7.59 33.84 -37.23
N ILE B 695 -7.54 33.18 -38.39
CA ILE B 695 -7.12 33.82 -39.62
C ILE B 695 -8.10 33.52 -40.76
N SER B 696 -7.85 34.12 -41.92
CA SER B 696 -8.67 33.88 -43.10
C SER B 696 -7.78 33.80 -44.34
N THR B 697 -6.48 33.69 -44.12
CA THR B 697 -5.51 33.58 -45.20
C THR B 697 -4.91 32.19 -45.25
N GLU B 698 -3.99 31.97 -46.17
CA GLU B 698 -3.41 30.65 -46.39
C GLU B 698 -2.06 30.49 -45.71
N PHE B 699 -1.67 29.25 -45.43
CA PHE B 699 -0.43 28.99 -44.71
C PHE B 699 0.31 27.76 -45.25
N ALA B 700 1.62 27.75 -45.05
CA ALA B 700 2.45 26.62 -45.45
C ALA B 700 2.45 25.55 -44.38
N VAL B 701 2.36 24.29 -44.81
CA VAL B 701 2.32 23.17 -43.87
C VAL B 701 3.72 22.63 -43.63
N LYS B 702 4.17 22.70 -42.38
CA LYS B 702 5.56 22.38 -42.07
C LYS B 702 5.77 21.10 -41.26
N LEU B 703 6.43 20.13 -41.87
CA LEU B 703 6.87 18.91 -41.19
C LEU B 703 8.14 19.21 -40.40
N LYS B 704 8.22 18.71 -39.18
CA LYS B 704 9.39 18.96 -38.35
C LYS B 704 9.99 17.65 -37.82
N ILE B 705 10.38 16.77 -38.72
CA ILE B 705 10.99 15.50 -38.35
C ILE B 705 12.49 15.65 -38.12
N ASP B 706 12.87 16.38 -37.06
CA ASP B 706 14.27 16.59 -36.68
C ASP B 706 15.01 17.49 -37.68
N LEU B 707 14.53 17.47 -38.91
CA LEU B 707 14.95 18.37 -39.98
C LEU B 707 13.67 18.98 -40.51
N ALA B 708 13.42 20.25 -40.16
CA ALA B 708 12.24 20.96 -40.65
C ALA B 708 12.15 20.85 -42.17
N ASN B 709 11.27 19.99 -42.66
CA ASN B 709 11.22 19.74 -44.09
C ASN B 709 10.09 20.44 -44.81
N ARG B 710 9.75 19.89 -45.99
CA ARG B 710 8.93 20.56 -46.99
C ARG B 710 7.72 21.32 -46.46
N GLU B 711 7.51 22.51 -47.00
CA GLU B 711 6.30 23.27 -46.77
C GLU B 711 5.45 23.13 -48.02
N THR B 712 5.13 21.88 -48.36
CA THR B 712 4.42 21.55 -49.58
C THR B 712 3.09 22.29 -49.70
N SER B 713 2.46 22.15 -50.86
CA SER B 713 1.20 22.81 -51.20
C SER B 713 0.47 23.46 -50.03
N ILE B 714 0.29 24.77 -50.12
CA ILE B 714 -0.26 25.57 -49.04
C ILE B 714 -1.77 25.40 -48.88
N PHE B 715 -2.21 25.25 -47.63
CA PHE B 715 -3.62 25.10 -47.30
C PHE B 715 -4.28 26.47 -47.16
N SER B 716 -5.55 26.56 -47.49
CA SER B 716 -6.25 27.84 -47.47
C SER B 716 -7.47 27.89 -46.55
N TYR B 717 -7.35 28.67 -45.48
CA TYR B 717 -8.49 28.94 -44.62
C TYR B 717 -9.37 30.00 -45.26
N ARG B 718 -10.64 29.68 -45.46
CA ARG B 718 -11.56 30.62 -46.07
C ARG B 718 -12.98 30.45 -45.52
N GLU B 719 -13.63 31.56 -45.24
CA GLU B 719 -15.01 31.54 -44.80
C GLU B 719 -15.92 31.22 -45.98
N ASP B 720 -16.82 30.25 -45.79
CA ASP B 720 -17.71 29.83 -46.87
C ASP B 720 -18.83 30.84 -47.08
N MET C 3 -52.99 2.03 48.01
CA MET C 3 -54.12 1.75 48.89
C MET C 3 -54.64 0.33 48.70
N GLU C 4 -54.20 -0.33 47.62
CA GLU C 4 -54.64 -1.68 47.32
C GLU C 4 -53.83 -2.72 48.09
N THR C 5 -54.49 -3.38 49.05
CA THR C 5 -53.83 -4.33 49.92
C THR C 5 -54.68 -5.58 50.18
N ILE C 6 -54.26 -6.71 49.64
CA ILE C 6 -54.92 -7.97 49.95
C ILE C 6 -54.50 -8.43 51.35
N THR C 7 -55.46 -8.48 52.25
CA THR C 7 -55.19 -8.82 53.65
C THR C 7 -55.17 -10.32 53.86
N VAL C 8 -55.86 -11.05 53.00
CA VAL C 8 -55.93 -12.51 53.11
C VAL C 8 -55.17 -13.21 51.98
N PRO C 9 -54.49 -14.32 52.30
CA PRO C 9 -53.81 -15.13 51.30
C PRO C 9 -54.75 -15.54 50.18
N THR C 10 -54.49 -15.03 48.97
CA THR C 10 -55.36 -15.27 47.83
C THR C 10 -54.53 -15.77 46.65
N PRO C 11 -55.05 -16.79 45.93
CA PRO C 11 -54.40 -17.32 44.74
C PRO C 11 -54.16 -16.24 43.68
N ILE C 12 -53.19 -16.47 42.80
CA ILE C 12 -52.82 -15.50 41.79
C ILE C 12 -53.86 -15.40 40.68
N LYS C 13 -54.58 -16.50 40.46
CA LYS C 13 -55.61 -16.57 39.43
C LYS C 13 -56.74 -15.57 39.69
N GLN C 14 -57.06 -15.35 40.97
CA GLN C 14 -58.16 -14.48 41.36
C GLN C 14 -57.77 -13.01 41.32
N ILE C 15 -56.53 -12.72 41.68
CA ILE C 15 -56.01 -11.35 41.68
C ILE C 15 -56.04 -10.75 40.29
N PHE C 16 -55.25 -11.34 39.39
CA PHE C 16 -55.19 -10.88 38.00
C PHE C 16 -56.17 -11.67 37.17
N SER C 17 -57.21 -11.00 36.70
CA SER C 17 -58.29 -11.65 35.95
C SER C 17 -57.82 -12.19 34.59
N ASP C 18 -56.84 -11.52 34.00
CA ASP C 18 -56.32 -11.93 32.70
C ASP C 18 -55.38 -13.13 32.83
N ASP C 19 -55.75 -14.22 32.16
CA ASP C 19 -55.00 -15.47 32.26
C ASP C 19 -53.50 -15.25 32.00
N ALA C 20 -53.19 -14.51 30.95
CA ALA C 20 -51.81 -14.26 30.57
C ALA C 20 -51.00 -13.56 31.66
N PHE C 21 -51.48 -12.39 32.07
CA PHE C 21 -50.75 -11.59 33.06
C PHE C 21 -50.63 -12.31 34.39
N ALA C 22 -51.58 -13.20 34.66
CA ALA C 22 -51.56 -13.99 35.89
C ALA C 22 -50.38 -14.98 35.88
N GLU C 23 -50.23 -15.68 34.76
CA GLU C 23 -49.11 -16.61 34.59
C GLU C 23 -47.78 -15.88 34.70
N THR C 24 -47.72 -14.68 34.12
CA THR C 24 -46.51 -13.88 34.19
C THR C 24 -46.06 -13.71 35.63
N ILE C 25 -46.97 -13.23 36.47
CA ILE C 25 -46.67 -13.03 37.89
C ILE C 25 -46.28 -14.35 38.53
N LYS C 26 -46.92 -15.44 38.09
CA LYS C 26 -46.64 -16.77 38.62
C LYS C 26 -45.16 -17.14 38.42
N ASP C 27 -44.69 -17.00 37.18
CA ASP C 27 -43.30 -17.32 36.87
C ASP C 27 -42.37 -16.38 37.62
N ASN C 28 -42.78 -15.12 37.73
CA ASN C 28 -42.01 -14.13 38.46
C ASN C 28 -41.75 -14.56 39.90
N LEU C 29 -42.77 -15.13 40.53
CA LEU C 29 -42.71 -15.49 41.95
C LEU C 29 -42.30 -16.94 42.18
N LYS C 30 -41.72 -17.57 41.16
CA LYS C 30 -41.21 -18.93 41.28
C LYS C 30 -42.31 -19.92 41.65
N LYS C 31 -43.56 -19.50 41.48
CA LYS C 31 -44.71 -20.32 41.88
C LYS C 31 -44.88 -21.55 40.99
N LYS C 32 -45.76 -22.45 41.41
CA LYS C 32 -46.00 -23.70 40.69
C LYS C 32 -47.17 -23.58 39.71
N SER C 33 -48.17 -22.77 40.07
CA SER C 33 -49.33 -22.58 39.22
C SER C 33 -50.07 -21.30 39.60
N VAL C 34 -51.08 -20.95 38.81
CA VAL C 34 -51.88 -19.76 39.08
C VAL C 34 -52.79 -19.99 40.27
N THR C 35 -52.92 -21.24 40.68
CA THR C 35 -53.78 -21.61 41.80
C THR C 35 -53.07 -21.47 43.15
N ASP C 36 -51.81 -21.04 43.11
CA ASP C 36 -51.02 -20.85 44.33
C ASP C 36 -51.40 -19.56 45.04
N ALA C 37 -51.49 -19.61 46.37
CA ALA C 37 -51.82 -18.43 47.16
C ALA C 37 -50.60 -17.54 47.31
N VAL C 38 -50.85 -16.23 47.44
CA VAL C 38 -49.77 -15.26 47.61
C VAL C 38 -50.13 -14.20 48.65
N THR C 39 -49.12 -13.60 49.26
CA THR C 39 -49.32 -12.58 50.27
C THR C 39 -48.98 -11.19 49.74
N GLN C 40 -49.41 -10.16 50.46
CA GLN C 40 -49.14 -8.78 50.06
C GLN C 40 -47.65 -8.47 50.16
N ASN C 41 -46.97 -9.16 51.07
CA ASN C 41 -45.52 -9.03 51.19
C ASN C 41 -44.80 -9.49 49.94
N GLU C 42 -45.26 -10.61 49.39
CA GLU C 42 -44.70 -11.16 48.17
C GLU C 42 -44.98 -10.24 46.99
N LEU C 43 -46.12 -9.56 47.03
CA LEU C 43 -46.48 -8.61 45.98
C LEU C 43 -45.68 -7.33 46.07
N ASN C 44 -45.34 -6.93 47.29
CA ASN C 44 -44.58 -5.71 47.50
C ASN C 44 -43.14 -5.81 46.97
N SER C 45 -42.58 -7.01 47.06
CA SER C 45 -41.19 -7.24 46.67
C SER C 45 -41.01 -7.38 45.15
N ILE C 46 -42.09 -7.17 44.41
CA ILE C 46 -42.04 -7.22 42.94
C ILE C 46 -41.66 -5.87 42.38
N ASP C 47 -40.41 -5.74 41.95
CA ASP C 47 -39.90 -4.47 41.44
C ASP C 47 -39.94 -4.39 39.92
N GLN C 48 -39.61 -5.50 39.27
CA GLN C 48 -39.50 -5.52 37.82
C GLN C 48 -40.26 -6.67 37.18
N ILE C 49 -41.30 -6.34 36.43
CA ILE C 49 -42.01 -7.31 35.63
C ILE C 49 -41.55 -7.24 34.18
N ILE C 50 -41.33 -8.40 33.56
CA ILE C 50 -40.94 -8.45 32.16
C ILE C 50 -41.90 -9.33 31.38
N ALA C 51 -42.82 -8.71 30.66
CA ALA C 51 -43.89 -9.44 29.98
C ALA C 51 -44.14 -8.94 28.56
N ASN C 52 -43.08 -8.87 27.77
CA ASN C 52 -43.21 -8.51 26.36
C ASN C 52 -43.72 -9.69 25.53
N ASN C 53 -44.74 -9.43 24.71
CA ASN C 53 -45.33 -10.46 23.86
C ASN C 53 -45.90 -11.62 24.67
N SER C 54 -46.81 -11.29 25.58
CA SER C 54 -47.44 -12.27 26.45
C SER C 54 -48.93 -12.40 26.16
N ASP C 55 -49.39 -11.64 25.17
CA ASP C 55 -50.80 -11.63 24.79
C ASP C 55 -51.69 -11.13 25.93
N ILE C 56 -51.07 -10.44 26.89
CA ILE C 56 -51.81 -9.88 28.01
C ILE C 56 -52.82 -8.87 27.52
N LYS C 57 -54.09 -9.05 27.91
CA LYS C 57 -55.17 -8.17 27.47
C LYS C 57 -55.49 -7.10 28.51
N SER C 58 -55.20 -7.40 29.77
CA SER C 58 -55.45 -6.48 30.86
C SER C 58 -54.47 -6.75 32.00
N VAL C 59 -54.12 -5.69 32.72
CA VAL C 59 -53.21 -5.83 33.85
C VAL C 59 -53.94 -5.57 35.17
N GLN C 60 -55.18 -6.02 35.24
CA GLN C 60 -55.98 -5.86 36.44
C GLN C 60 -55.42 -6.68 37.59
N GLY C 61 -54.96 -5.99 38.62
CA GLY C 61 -54.37 -6.64 39.77
C GLY C 61 -53.01 -6.05 40.06
N ILE C 62 -52.52 -5.25 39.12
CA ILE C 62 -51.20 -4.63 39.26
C ILE C 62 -51.18 -3.60 40.38
N GLN C 63 -52.36 -3.16 40.80
CA GLN C 63 -52.47 -2.15 41.85
C GLN C 63 -51.83 -2.62 43.15
N TYR C 64 -51.73 -3.94 43.31
CA TYR C 64 -51.21 -4.52 44.54
C TYR C 64 -49.69 -4.65 44.51
N LEU C 65 -49.08 -4.04 43.50
CA LEU C 65 -47.63 -4.04 43.38
C LEU C 65 -47.11 -2.61 43.41
N PRO C 66 -47.14 -1.99 44.60
CA PRO C 66 -46.78 -0.57 44.75
C PRO C 66 -45.32 -0.29 44.40
N ASN C 67 -44.44 -1.24 44.68
CA ASN C 67 -43.01 -1.05 44.48
C ASN C 67 -42.53 -1.47 43.09
N VAL C 68 -43.39 -1.35 42.08
CA VAL C 68 -43.01 -1.70 40.72
C VAL C 68 -42.48 -0.47 39.96
N THR C 69 -41.22 -0.52 39.55
CA THR C 69 -40.59 0.60 38.86
C THR C 69 -40.03 0.21 37.49
N LYS C 70 -40.32 -1.02 37.06
CA LYS C 70 -39.92 -1.47 35.73
C LYS C 70 -41.04 -2.28 35.10
N LEU C 71 -41.61 -1.77 34.01
CA LEU C 71 -42.67 -2.47 33.30
C LEU C 71 -42.35 -2.68 31.83
N PHE C 72 -42.52 -3.91 31.37
CA PHE C 72 -42.29 -4.23 29.98
C PHE C 72 -43.49 -4.98 29.44
N LEU C 73 -44.27 -4.31 28.60
CA LEU C 73 -45.53 -4.87 28.11
C LEU C 73 -45.70 -4.68 26.62
N ASN C 74 -44.59 -4.43 25.93
CA ASN C 74 -44.62 -4.34 24.47
C ASN C 74 -45.12 -5.65 23.88
N GLY C 75 -45.89 -5.56 22.80
CA GLY C 75 -46.36 -6.74 22.11
C GLY C 75 -47.52 -7.42 22.81
N ASN C 76 -48.43 -6.63 23.35
CA ASN C 76 -49.59 -7.16 24.03
C ASN C 76 -50.88 -6.69 23.37
N LYS C 77 -51.97 -6.73 24.13
CA LYS C 77 -53.27 -6.33 23.62
C LYS C 77 -53.85 -5.26 24.53
N LEU C 78 -52.99 -4.67 25.35
CA LEU C 78 -53.41 -3.67 26.32
C LEU C 78 -54.18 -2.53 25.67
N THR C 79 -55.34 -2.22 26.24
CA THR C 79 -56.17 -1.15 25.72
C THR C 79 -56.55 -0.19 26.85
N ASP C 80 -56.26 -0.62 28.07
CA ASP C 80 -56.55 0.19 29.24
C ASP C 80 -55.31 0.29 30.12
N ILE C 81 -55.14 1.44 30.76
CA ILE C 81 -54.04 1.65 31.70
C ILE C 81 -54.53 2.28 33.00
N LYS C 82 -55.80 2.08 33.31
CA LYS C 82 -56.36 2.54 34.57
C LYS C 82 -55.71 1.86 35.79
N PRO C 83 -55.42 0.56 35.67
CA PRO C 83 -54.74 -0.15 36.77
C PRO C 83 -53.41 0.51 37.15
N LEU C 84 -52.70 1.01 36.14
CA LEU C 84 -51.41 1.65 36.35
C LEU C 84 -51.55 3.05 36.93
N ALA C 85 -52.77 3.58 36.90
CA ALA C 85 -53.04 4.97 37.25
C ALA C 85 -52.46 5.37 38.60
N ASN C 86 -52.37 4.40 39.52
CA ASN C 86 -51.84 4.68 40.85
C ASN C 86 -50.73 3.72 41.28
N LEU C 87 -49.75 3.54 40.40
CA LEU C 87 -48.53 2.81 40.77
C LEU C 87 -47.45 3.80 41.15
N LYS C 88 -47.42 4.16 42.43
CA LYS C 88 -46.62 5.26 42.95
C LYS C 88 -45.23 5.41 42.34
N ASN C 89 -44.43 4.35 42.40
CA ASN C 89 -43.01 4.45 42.05
C ASN C 89 -42.63 3.98 40.64
N LEU C 90 -43.62 3.88 39.75
CA LEU C 90 -43.35 3.42 38.39
C LEU C 90 -42.30 4.32 37.74
N GLY C 91 -41.14 3.74 37.42
CA GLY C 91 -40.05 4.47 36.81
C GLY C 91 -40.03 4.36 35.30
N TRP C 92 -39.75 3.16 34.80
CA TRP C 92 -39.77 2.90 33.37
C TRP C 92 -41.06 2.19 32.95
N LEU C 93 -41.59 2.60 31.80
CA LEU C 93 -42.80 1.99 31.26
C LEU C 93 -42.71 1.82 29.74
N PHE C 94 -43.11 0.65 29.25
CA PHE C 94 -43.07 0.36 27.81
C PHE C 94 -44.30 -0.40 27.35
N LEU C 95 -45.19 0.30 26.63
CA LEU C 95 -46.45 -0.26 26.17
C LEU C 95 -46.56 -0.25 24.65
N ASP C 96 -45.45 -0.54 23.97
CA ASP C 96 -45.46 -0.50 22.52
C ASP C 96 -46.28 -1.62 21.91
N GLU C 97 -46.65 -1.42 20.64
CA GLU C 97 -47.42 -2.40 19.88
C GLU C 97 -48.72 -2.80 20.59
N ASN C 98 -49.34 -1.83 21.24
CA ASN C 98 -50.62 -2.04 21.91
C ASN C 98 -51.69 -1.11 21.34
N LYS C 99 -52.65 -0.76 22.18
CA LYS C 99 -53.70 0.18 21.79
C LYS C 99 -54.05 1.12 22.92
N VAL C 100 -53.08 1.40 23.77
CA VAL C 100 -53.25 2.39 24.82
C VAL C 100 -53.44 3.75 24.17
N LYS C 101 -54.52 4.45 24.52
CA LYS C 101 -54.82 5.75 23.93
C LYS C 101 -55.22 6.77 24.99
N ASP C 102 -55.90 6.32 26.03
CA ASP C 102 -56.29 7.18 27.14
C ASP C 102 -55.10 7.42 28.06
N LEU C 103 -54.00 7.88 27.47
CA LEU C 103 -52.76 8.12 28.19
C LEU C 103 -52.94 9.06 29.39
N SER C 104 -54.10 9.70 29.47
CA SER C 104 -54.43 10.54 30.61
C SER C 104 -54.35 9.74 31.90
N SER C 105 -54.40 8.42 31.77
CA SER C 105 -54.41 7.51 32.92
C SER C 105 -53.07 7.49 33.66
N LEU C 106 -52.10 8.24 33.15
CA LEU C 106 -50.79 8.31 33.78
C LEU C 106 -50.63 9.59 34.60
N LYS C 107 -51.60 10.50 34.45
CA LYS C 107 -51.56 11.82 35.10
C LYS C 107 -50.72 11.89 36.36
N ASP C 108 -51.05 11.07 37.35
CA ASP C 108 -50.36 11.12 38.64
C ASP C 108 -49.27 10.05 38.75
N LEU C 109 -48.34 10.06 37.79
CA LEU C 109 -47.19 9.17 37.81
C LEU C 109 -45.92 10.00 37.81
N LYS C 110 -45.79 10.89 38.79
CA LYS C 110 -44.70 11.87 38.82
C LYS C 110 -43.33 11.26 39.11
N LYS C 111 -43.27 9.93 39.15
CA LYS C 111 -41.98 9.24 39.30
C LYS C 111 -41.60 8.51 38.01
N LEU C 112 -42.41 8.70 36.98
CA LEU C 112 -42.17 8.07 35.68
C LEU C 112 -41.09 8.84 34.92
N LYS C 113 -40.08 8.11 34.45
CA LYS C 113 -38.97 8.69 33.71
C LYS C 113 -39.06 8.37 32.21
N SER C 114 -38.93 7.09 31.87
CA SER C 114 -38.90 6.68 30.48
C SER C 114 -40.21 6.01 30.05
N LEU C 115 -40.96 6.67 29.18
CA LEU C 115 -42.22 6.13 28.66
C LEU C 115 -42.14 5.80 27.18
N SER C 116 -42.75 4.68 26.78
CA SER C 116 -42.75 4.29 25.37
C SER C 116 -44.16 3.85 24.92
N LEU C 117 -44.66 4.47 23.87
CA LEU C 117 -46.02 4.20 23.40
C LEU C 117 -46.13 4.08 21.87
N GLU C 118 -45.04 3.69 21.23
CA GLU C 118 -45.02 3.56 19.78
C GLU C 118 -45.98 2.47 19.32
N HIS C 119 -46.46 2.58 18.08
CA HIS C 119 -47.33 1.55 17.49
C HIS C 119 -48.70 1.45 18.16
N ASN C 120 -49.08 2.46 18.94
CA ASN C 120 -50.34 2.42 19.66
C ASN C 120 -51.49 3.16 18.97
N GLY C 121 -51.27 3.58 17.73
CA GLY C 121 -52.29 4.29 16.98
C GLY C 121 -52.75 5.56 17.66
N ILE C 122 -51.85 6.19 18.40
CA ILE C 122 -52.16 7.37 19.19
C ILE C 122 -52.35 8.61 18.32
N SER C 123 -53.49 9.27 18.48
CA SER C 123 -53.79 10.50 17.74
C SER C 123 -53.42 11.72 18.57
N ASP C 124 -54.01 11.83 19.75
CA ASP C 124 -53.67 12.92 20.66
C ASP C 124 -52.71 12.45 21.74
N ILE C 125 -51.91 13.38 22.27
CA ILE C 125 -50.89 13.06 23.26
C ILE C 125 -50.89 14.08 24.39
N ASN C 126 -51.84 15.00 24.34
CA ASN C 126 -51.87 16.12 25.26
C ASN C 126 -51.78 15.72 26.73
N GLY C 127 -52.21 14.50 27.03
CA GLY C 127 -52.18 14.01 28.38
C GLY C 127 -50.79 14.08 28.99
N LEU C 128 -49.78 14.05 28.14
CA LEU C 128 -48.40 14.01 28.58
C LEU C 128 -47.98 15.27 29.34
N VAL C 129 -48.76 16.34 29.21
CA VAL C 129 -48.49 17.58 29.92
C VAL C 129 -48.25 17.32 31.40
N HIS C 130 -48.97 16.33 31.94
CA HIS C 130 -48.90 16.02 33.36
C HIS C 130 -47.64 15.22 33.71
N LEU C 131 -46.65 15.25 32.83
CA LEU C 131 -45.39 14.60 33.11
C LEU C 131 -44.19 15.46 32.72
N PRO C 132 -44.07 16.64 33.34
CA PRO C 132 -42.92 17.52 33.15
C PRO C 132 -41.62 16.88 33.64
N GLN C 133 -41.72 15.70 34.22
CA GLN C 133 -40.57 15.00 34.78
C GLN C 133 -40.03 13.94 33.82
N LEU C 134 -40.77 13.67 32.75
CA LEU C 134 -40.35 12.70 31.74
C LEU C 134 -38.93 12.98 31.30
N GLU C 135 -38.17 11.91 31.05
CA GLU C 135 -36.79 12.05 30.59
C GLU C 135 -36.52 11.29 29.30
N SER C 136 -37.43 10.41 28.90
CA SER C 136 -37.30 9.66 27.66
C SER C 136 -38.66 9.36 27.05
N LEU C 137 -39.09 10.17 26.10
CA LEU C 137 -40.37 9.92 25.41
C LEU C 137 -40.16 9.12 24.13
N TYR C 138 -41.11 8.25 23.81
CA TYR C 138 -41.00 7.38 22.64
C TYR C 138 -42.35 7.25 21.95
N LEU C 139 -42.68 8.23 21.11
CA LEU C 139 -43.98 8.26 20.46
C LEU C 139 -43.90 7.98 18.96
N GLY C 140 -42.96 7.14 18.56
CA GLY C 140 -42.80 6.79 17.17
C GLY C 140 -43.94 5.95 16.65
N ASN C 141 -43.96 5.75 15.33
CA ASN C 141 -44.90 4.85 14.68
C ASN C 141 -46.36 5.05 15.07
N ASN C 142 -46.84 6.30 14.96
CA ASN C 142 -48.21 6.62 15.32
C ASN C 142 -48.92 7.52 14.31
N LYS C 143 -49.91 8.26 14.79
CA LYS C 143 -50.68 9.18 13.95
C LYS C 143 -50.73 10.57 14.57
N ILE C 144 -49.70 10.92 15.33
CA ILE C 144 -49.64 12.21 16.00
C ILE C 144 -49.52 13.35 15.00
N THR C 145 -50.35 14.37 15.18
CA THR C 145 -50.33 15.55 14.32
C THR C 145 -49.73 16.74 15.06
N ASP C 146 -50.47 17.30 16.01
CA ASP C 146 -49.97 18.38 16.83
C ASP C 146 -49.04 17.86 17.91
N ILE C 147 -48.13 18.70 18.38
CA ILE C 147 -47.19 18.29 19.42
C ILE C 147 -46.85 19.39 20.42
N THR C 148 -47.64 20.46 20.42
CA THR C 148 -47.34 21.63 21.27
C THR C 148 -47.19 21.22 22.73
N VAL C 149 -47.77 20.08 23.08
CA VAL C 149 -47.69 19.54 24.43
C VAL C 149 -46.25 19.37 24.91
N LEU C 150 -45.40 18.87 24.02
CA LEU C 150 -44.01 18.55 24.35
C LEU C 150 -43.22 19.76 24.83
N SER C 151 -43.78 20.95 24.62
CA SER C 151 -43.14 22.20 25.01
C SER C 151 -42.82 22.24 26.49
N ARG C 152 -43.45 21.36 27.25
CA ARG C 152 -43.37 21.41 28.70
C ARG C 152 -42.63 20.20 29.28
N LEU C 153 -42.40 19.21 28.42
CA LEU C 153 -41.57 18.07 28.80
C LEU C 153 -40.11 18.48 28.72
N THR C 154 -39.77 19.55 29.41
CA THR C 154 -38.46 20.18 29.32
C THR C 154 -37.42 19.45 30.17
N LYS C 155 -37.46 18.13 30.14
CA LYS C 155 -36.49 17.33 30.86
C LYS C 155 -35.99 16.20 29.97
N LEU C 156 -36.77 15.91 28.93
CA LEU C 156 -36.45 14.84 27.99
C LEU C 156 -35.05 14.97 27.41
N ASP C 157 -34.18 14.01 27.71
CA ASP C 157 -32.86 13.98 27.09
C ASP C 157 -32.90 13.09 25.85
N THR C 158 -34.02 12.37 25.71
CA THR C 158 -34.28 11.55 24.54
C THR C 158 -35.68 11.91 24.05
N LEU C 159 -36.03 11.47 22.85
CA LEU C 159 -37.33 11.76 22.29
C LEU C 159 -37.48 11.16 20.91
N SER C 160 -38.38 10.19 20.79
CA SER C 160 -38.74 9.67 19.47
C SER C 160 -39.89 10.49 18.94
N LEU C 161 -40.34 10.19 17.74
CA LEU C 161 -41.47 10.87 17.10
C LEU C 161 -41.52 10.43 15.63
N GLU C 162 -40.63 9.51 15.29
CA GLU C 162 -40.51 9.03 13.92
C GLU C 162 -41.80 8.40 13.41
N ASP C 163 -42.04 8.55 12.12
CA ASP C 163 -43.23 8.01 11.47
C ASP C 163 -44.54 8.49 12.09
N ASN C 164 -44.79 9.79 11.97
CA ASN C 164 -46.10 10.33 12.31
C ASN C 164 -46.55 11.26 11.20
N GLN C 165 -47.17 12.37 11.58
CA GLN C 165 -47.61 13.37 10.63
C GLN C 165 -47.27 14.75 11.14
N ILE C 166 -46.22 14.81 11.94
CA ILE C 166 -45.74 16.06 12.50
C ILE C 166 -45.28 16.97 11.37
N SER C 167 -46.03 18.06 11.15
CA SER C 167 -45.68 19.03 10.12
C SER C 167 -45.01 20.25 10.77
N ASP C 168 -45.47 20.60 11.96
CA ASP C 168 -44.86 21.68 12.72
C ASP C 168 -44.07 21.10 13.88
N ILE C 169 -42.79 21.43 13.94
CA ILE C 169 -41.93 20.94 15.01
C ILE C 169 -41.48 22.07 15.92
N VAL C 170 -41.94 23.28 15.63
CA VAL C 170 -41.58 24.47 16.39
C VAL C 170 -41.61 24.25 17.91
N PRO C 171 -42.66 23.57 18.41
CA PRO C 171 -42.78 23.33 19.85
C PRO C 171 -41.49 22.81 20.50
N LEU C 172 -40.72 22.01 19.77
CA LEU C 172 -39.49 21.42 20.30
C LEU C 172 -38.42 22.48 20.56
N ALA C 173 -38.68 23.71 20.13
CA ALA C 173 -37.68 24.79 20.19
C ALA C 173 -36.92 24.90 21.51
N GLY C 174 -37.66 24.98 22.62
CA GLY C 174 -37.04 25.25 23.90
C GLY C 174 -36.53 24.05 24.68
N LEU C 175 -36.48 22.90 24.01
CA LEU C 175 -36.06 21.65 24.65
C LEU C 175 -34.53 21.53 24.67
N THR C 176 -33.86 22.59 25.10
CA THR C 176 -32.40 22.68 25.02
C THR C 176 -31.68 21.58 25.80
N LYS C 177 -32.37 20.94 26.72
CA LYS C 177 -31.78 19.83 27.48
C LYS C 177 -31.89 18.51 26.73
N LEU C 178 -32.31 18.59 25.46
CA LEU C 178 -32.37 17.40 24.62
C LEU C 178 -30.98 16.86 24.32
N GLN C 179 -30.92 15.85 23.46
CA GLN C 179 -29.64 15.22 23.12
C GLN C 179 -29.81 14.19 22.01
N ASN C 180 -30.87 13.39 22.11
CA ASN C 180 -31.14 12.36 21.11
C ASN C 180 -32.54 12.52 20.53
N LEU C 181 -32.63 13.22 19.41
CA LEU C 181 -33.91 13.50 18.76
C LEU C 181 -34.08 12.65 17.50
N TYR C 182 -35.31 12.22 17.24
CA TYR C 182 -35.60 11.32 16.13
C TYR C 182 -36.88 11.77 15.41
N LEU C 183 -36.72 12.46 14.28
CA LEU C 183 -37.87 13.04 13.57
C LEU C 183 -38.07 12.48 12.16
N SER C 184 -37.62 11.26 11.93
CA SER C 184 -37.72 10.63 10.63
C SER C 184 -39.17 10.49 10.18
N LYS C 185 -39.37 10.05 8.94
CA LYS C 185 -40.68 9.64 8.42
C LYS C 185 -41.84 10.61 8.65
N ASN C 186 -41.53 11.86 8.98
CA ASN C 186 -42.57 12.87 9.23
C ASN C 186 -42.76 13.79 8.03
N HIS C 187 -43.55 14.85 8.23
CA HIS C 187 -43.75 15.85 7.19
C HIS C 187 -42.99 17.12 7.54
N ILE C 188 -41.69 16.97 7.77
CA ILE C 188 -40.85 18.09 8.18
C ILE C 188 -40.43 18.94 6.97
N SER C 189 -41.04 20.12 6.85
CA SER C 189 -40.65 21.05 5.80
C SER C 189 -39.61 22.04 6.34
N ASP C 190 -39.98 22.70 7.44
CA ASP C 190 -39.10 23.67 8.08
C ASP C 190 -38.10 23.00 9.01
N LEU C 191 -37.04 23.73 9.35
CA LEU C 191 -36.03 23.23 10.26
C LEU C 191 -35.50 24.34 11.16
N ARG C 192 -35.86 25.59 10.84
CA ARG C 192 -35.45 26.73 11.64
C ARG C 192 -35.80 26.50 13.10
N ALA C 193 -36.76 25.60 13.32
CA ALA C 193 -37.26 25.28 14.65
C ALA C 193 -36.17 24.86 15.62
N LEU C 194 -35.41 23.82 15.26
CA LEU C 194 -34.45 23.22 16.16
C LEU C 194 -33.14 24.01 16.21
N ALA C 195 -33.20 25.26 15.74
CA ALA C 195 -32.02 26.09 15.66
C ALA C 195 -31.23 26.20 16.97
N GLY C 196 -31.87 25.87 18.09
CA GLY C 196 -31.25 26.09 19.38
C GLY C 196 -30.88 24.87 20.20
N LEU C 197 -31.01 23.68 19.62
CA LEU C 197 -30.70 22.44 20.34
C LEU C 197 -29.21 22.22 20.51
N LYS C 198 -28.53 23.22 21.06
CA LYS C 198 -27.07 23.27 21.11
C LYS C 198 -26.45 22.17 21.97
N ASN C 199 -27.26 21.22 22.39
CA ASN C 199 -26.75 20.10 23.18
C ASN C 199 -26.98 18.74 22.53
N LEU C 200 -27.54 18.75 21.33
CA LEU C 200 -27.79 17.51 20.61
C LEU C 200 -26.52 16.66 20.47
N ASP C 201 -26.71 15.36 20.22
CA ASP C 201 -25.61 14.42 20.08
C ASP C 201 -25.95 13.46 18.95
N VAL C 202 -27.21 13.04 18.92
CA VAL C 202 -27.71 12.16 17.88
C VAL C 202 -29.00 12.74 17.30
N LEU C 203 -29.14 12.66 15.98
CA LEU C 203 -30.31 13.22 15.31
C LEU C 203 -30.67 12.39 14.09
N GLU C 204 -31.97 12.34 13.79
CA GLU C 204 -32.44 11.63 12.60
C GLU C 204 -33.57 12.38 11.93
N LEU C 205 -33.20 13.26 10.99
CA LEU C 205 -34.18 13.99 10.20
C LEU C 205 -34.27 13.36 8.82
N PHE C 206 -34.82 12.15 8.75
CA PHE C 206 -34.78 11.42 7.49
C PHE C 206 -36.13 11.00 6.93
N SER C 207 -36.27 11.13 5.61
CA SER C 207 -37.41 10.61 4.86
C SER C 207 -38.72 11.35 5.06
N GLN C 208 -38.67 12.68 5.09
CA GLN C 208 -39.88 13.48 5.19
C GLN C 208 -40.74 13.26 3.96
N GLU C 209 -42.04 13.43 4.09
CA GLU C 209 -42.96 13.21 2.98
C GLU C 209 -43.98 14.34 2.89
N CYS C 210 -43.48 15.56 2.71
CA CYS C 210 -44.31 16.76 2.71
C CYS C 210 -45.22 16.87 1.48
N LEU C 211 -46.32 17.58 1.65
CA LEU C 211 -47.28 17.80 0.57
C LEU C 211 -47.69 19.27 0.56
N ASN C 212 -48.07 19.76 -0.62
CA ASN C 212 -48.59 21.11 -0.75
C ASN C 212 -50.04 21.07 -1.23
N LYS C 213 -50.75 22.16 -0.99
CA LYS C 213 -52.14 22.26 -1.43
C LYS C 213 -52.22 22.30 -2.96
N PRO C 214 -53.13 21.52 -3.54
CA PRO C 214 -53.33 21.34 -4.99
C PRO C 214 -53.29 22.64 -5.79
N ILE C 215 -52.53 22.64 -6.88
CA ILE C 215 -52.43 23.79 -7.78
C ILE C 215 -52.96 23.43 -9.15
N ASN C 216 -53.53 24.44 -9.83
CA ASN C 216 -54.02 24.25 -11.18
C ASN C 216 -52.87 24.04 -12.19
N HIS C 217 -52.87 22.87 -12.81
CA HIS C 217 -51.82 22.48 -13.74
C HIS C 217 -51.85 23.29 -15.04
N GLN C 218 -50.70 23.84 -15.41
CA GLN C 218 -50.55 24.49 -16.72
C GLN C 218 -49.43 23.84 -17.52
N SER C 219 -49.26 24.29 -18.76
CA SER C 219 -48.18 23.80 -19.60
C SER C 219 -46.83 24.33 -19.09
N ASN C 220 -46.88 25.46 -18.40
CA ASN C 220 -45.71 26.01 -17.75
C ASN C 220 -46.02 26.24 -16.27
N LEU C 221 -45.39 25.46 -15.40
CA LEU C 221 -45.72 25.49 -13.99
C LEU C 221 -44.53 25.92 -13.12
N VAL C 222 -44.83 26.63 -12.04
CA VAL C 222 -43.80 27.11 -11.11
C VAL C 222 -44.32 27.13 -9.68
N VAL C 223 -43.79 26.23 -8.85
CA VAL C 223 -44.13 26.20 -7.43
C VAL C 223 -42.91 26.54 -6.59
N PRO C 224 -43.04 27.51 -5.68
CA PRO C 224 -41.95 27.97 -4.81
C PRO C 224 -41.40 26.86 -3.92
N ASN C 225 -40.08 26.83 -3.76
CA ASN C 225 -39.43 25.91 -2.84
C ASN C 225 -39.83 26.24 -1.41
N THR C 226 -40.23 25.22 -0.66
CA THR C 226 -40.72 25.41 0.70
C THR C 226 -39.70 24.97 1.74
N VAL C 227 -38.95 23.92 1.41
CA VAL C 227 -37.95 23.37 2.32
C VAL C 227 -37.04 24.46 2.85
N LYS C 228 -36.66 24.34 4.12
CA LYS C 228 -35.74 25.30 4.73
C LYS C 228 -34.74 24.58 5.61
N ASN C 229 -33.55 25.16 5.75
CA ASN C 229 -32.51 24.57 6.57
C ASN C 229 -32.57 25.12 7.98
N THR C 230 -31.58 24.76 8.80
CA THR C 230 -31.56 25.21 10.19
C THR C 230 -31.35 26.71 10.29
N ASP C 231 -30.66 27.29 9.32
CA ASP C 231 -30.40 28.73 9.29
C ASP C 231 -31.50 29.47 8.54
N GLY C 232 -32.42 28.71 7.95
CA GLY C 232 -33.54 29.28 7.22
C GLY C 232 -33.29 29.42 5.73
N SER C 233 -32.22 28.80 5.24
CA SER C 233 -31.87 28.86 3.83
C SER C 233 -32.64 27.80 3.03
N LEU C 234 -33.14 28.20 1.87
CA LEU C 234 -33.86 27.28 1.00
C LEU C 234 -33.00 26.10 0.58
N VAL C 235 -33.23 24.95 1.20
CA VAL C 235 -32.49 23.74 0.85
C VAL C 235 -32.65 23.42 -0.63
N THR C 236 -31.52 23.27 -1.32
CA THR C 236 -31.52 23.06 -2.77
C THR C 236 -31.92 21.63 -3.15
N PRO C 237 -32.98 21.50 -3.97
CA PRO C 237 -33.57 20.23 -4.38
C PRO C 237 -32.54 19.30 -5.01
N GLU C 238 -32.40 18.10 -4.48
CA GLU C 238 -31.46 17.13 -5.03
C GLU C 238 -31.93 16.62 -6.39
N ILE C 239 -32.99 15.84 -6.39
CA ILE C 239 -33.50 15.25 -7.63
C ILE C 239 -34.94 15.67 -7.91
N ILE C 240 -35.12 16.49 -8.92
CA ILE C 240 -36.46 16.89 -9.34
C ILE C 240 -36.98 15.87 -10.35
N SER C 241 -38.29 15.85 -10.57
CA SER C 241 -38.89 14.88 -11.48
C SER C 241 -39.59 15.55 -12.64
N ASP C 242 -39.64 14.85 -13.77
CA ASP C 242 -40.45 15.27 -14.92
C ASP C 242 -39.93 16.55 -15.58
N ASP C 243 -38.65 16.57 -15.94
CA ASP C 243 -38.05 17.75 -16.56
C ASP C 243 -38.16 18.98 -15.66
N GLY C 244 -37.79 18.82 -14.40
CA GLY C 244 -37.87 19.91 -13.45
C GLY C 244 -36.52 20.54 -13.16
N ASP C 245 -36.48 21.87 -13.20
CA ASP C 245 -35.26 22.61 -12.93
C ASP C 245 -35.47 23.59 -11.78
N TYR C 246 -34.42 23.80 -10.99
CA TYR C 246 -34.51 24.67 -9.82
C TYR C 246 -33.92 26.05 -10.06
N GLU C 247 -34.75 26.98 -10.50
CA GLU C 247 -34.36 28.38 -10.64
C GLU C 247 -34.71 29.12 -9.36
N LYS C 248 -33.78 29.12 -8.40
CA LYS C 248 -33.98 29.71 -7.09
C LYS C 248 -34.84 30.97 -7.12
N PRO C 249 -35.90 31.02 -6.29
CA PRO C 249 -36.29 29.99 -5.31
C PRO C 249 -37.39 29.08 -5.83
N ASN C 250 -37.70 29.17 -7.13
CA ASN C 250 -38.86 28.49 -7.69
C ASN C 250 -38.48 27.30 -8.56
N VAL C 251 -39.07 26.15 -8.27
CA VAL C 251 -38.87 24.98 -9.12
C VAL C 251 -39.86 25.00 -10.28
N LYS C 252 -39.32 25.04 -11.49
CA LYS C 252 -40.15 25.17 -12.69
C LYS C 252 -40.24 23.86 -13.47
N TRP C 253 -41.35 23.68 -14.18
CA TRP C 253 -41.59 22.45 -14.93
C TRP C 253 -42.13 22.75 -16.32
N HIS C 254 -41.73 21.94 -17.30
CA HIS C 254 -42.30 22.01 -18.64
C HIS C 254 -43.26 20.84 -18.84
N LEU C 255 -44.55 21.09 -18.61
CA LEU C 255 -45.56 20.04 -18.63
C LEU C 255 -46.54 20.18 -19.79
N PRO C 256 -46.21 19.61 -20.95
CA PRO C 256 -47.06 19.67 -22.15
C PRO C 256 -48.46 19.11 -21.89
N GLU C 257 -48.54 17.82 -21.54
CA GLU C 257 -49.81 17.19 -21.24
C GLU C 257 -50.11 17.28 -19.74
N PHE C 258 -51.23 16.70 -19.32
CA PHE C 258 -51.64 16.78 -17.93
C PHE C 258 -51.15 15.59 -17.10
N THR C 259 -50.53 15.90 -15.96
CA THR C 259 -50.13 14.88 -15.00
C THR C 259 -50.82 15.15 -13.67
N ASN C 260 -50.91 14.13 -12.83
CA ASN C 260 -51.59 14.27 -11.55
C ASN C 260 -50.78 15.03 -10.51
N GLU C 261 -49.46 14.90 -10.59
CA GLU C 261 -48.59 15.54 -9.62
C GLU C 261 -47.13 15.52 -10.05
N VAL C 262 -46.34 16.41 -9.46
CA VAL C 262 -44.89 16.40 -9.62
C VAL C 262 -44.24 16.33 -8.25
N SER C 263 -42.97 15.97 -8.22
CA SER C 263 -42.26 15.80 -6.95
C SER C 263 -40.78 16.14 -7.09
N PHE C 264 -40.14 16.39 -5.96
CA PHE C 264 -38.69 16.56 -5.95
C PHE C 264 -38.07 16.14 -4.62
N ILE C 265 -37.46 14.96 -4.62
CA ILE C 265 -36.72 14.48 -3.45
C ILE C 265 -35.58 15.43 -3.16
N PHE C 266 -35.34 15.71 -1.88
CA PHE C 266 -34.25 16.60 -1.50
C PHE C 266 -33.27 15.91 -0.56
N TYR C 267 -32.20 16.61 -0.23
CA TYR C 267 -31.14 16.09 0.60
C TYR C 267 -30.31 17.28 1.03
N GLN C 268 -29.85 17.28 2.27
CA GLN C 268 -29.12 18.42 2.80
C GLN C 268 -28.58 18.13 4.19
N PRO C 269 -27.50 17.35 4.28
CA PRO C 269 -26.92 16.96 5.57
C PRO C 269 -26.69 18.16 6.47
N VAL C 270 -27.28 18.13 7.66
CA VAL C 270 -27.12 19.23 8.61
C VAL C 270 -26.39 18.80 9.88
N THR C 271 -25.81 19.78 10.56
CA THR C 271 -25.15 19.55 11.83
C THR C 271 -25.66 20.56 12.84
N ILE C 272 -26.41 20.06 13.82
CA ILE C 272 -26.95 20.89 14.88
C ILE C 272 -26.23 20.58 16.18
N GLY C 273 -25.66 21.61 16.80
CA GLY C 273 -24.93 21.46 18.04
C GLY C 273 -23.71 20.56 17.88
N LYS C 274 -23.89 19.29 18.18
CA LYS C 274 -22.81 18.32 18.08
C LYS C 274 -23.29 17.10 17.30
N ALA C 275 -24.51 17.20 16.77
CA ALA C 275 -25.11 16.10 16.03
C ALA C 275 -24.98 16.29 14.52
N LYS C 276 -24.70 15.20 13.81
CA LYS C 276 -24.57 15.25 12.37
C LYS C 276 -25.56 14.31 11.70
N ALA C 277 -26.68 14.86 11.24
CA ALA C 277 -27.71 14.09 10.56
C ALA C 277 -27.93 14.64 9.17
N ARG C 278 -28.77 13.97 8.40
CA ARG C 278 -29.00 14.38 7.02
C ARG C 278 -30.48 14.55 6.70
N PHE C 279 -30.89 15.81 6.58
CA PHE C 279 -32.28 16.14 6.28
C PHE C 279 -32.63 15.71 4.87
N HIS C 280 -33.55 14.75 4.76
CA HIS C 280 -33.93 14.19 3.48
C HIS C 280 -35.44 14.09 3.40
N GLY C 281 -35.99 14.16 2.19
CA GLY C 281 -37.43 14.06 2.03
C GLY C 281 -37.90 14.22 0.59
N ARG C 282 -39.21 14.19 0.39
CA ARG C 282 -39.78 14.29 -0.94
C ARG C 282 -41.01 15.20 -0.97
N VAL C 283 -40.81 16.44 -1.41
CA VAL C 283 -41.91 17.39 -1.56
C VAL C 283 -42.78 17.02 -2.76
N THR C 284 -44.10 17.13 -2.60
CA THR C 284 -45.01 16.75 -3.68
C THR C 284 -46.08 17.82 -3.92
N GLN C 285 -46.48 17.95 -5.19
CA GLN C 285 -47.45 18.97 -5.57
C GLN C 285 -48.58 18.40 -6.41
N PRO C 286 -49.82 18.44 -5.87
CA PRO C 286 -51.01 17.99 -6.57
C PRO C 286 -51.27 18.87 -7.80
N LEU C 287 -51.94 18.30 -8.80
CA LEU C 287 -52.21 19.03 -10.04
C LEU C 287 -53.62 18.79 -10.57
N LYS C 288 -54.16 19.81 -11.23
CA LYS C 288 -55.52 19.74 -11.77
C LYS C 288 -55.72 20.77 -12.87
N GLN D 21 -17.80 -24.94 2.87
CA GLN D 21 -19.14 -25.13 3.40
C GLN D 21 -20.19 -24.99 2.31
N LEU D 22 -19.91 -24.15 1.32
CA LEU D 22 -20.83 -23.91 0.22
C LEU D 22 -20.22 -24.35 -1.11
N PRO D 23 -21.06 -24.53 -2.15
CA PRO D 23 -20.59 -25.02 -3.45
C PRO D 23 -19.42 -24.20 -4.00
N ASN D 24 -18.28 -24.85 -4.19
CA ASN D 24 -17.06 -24.18 -4.65
C ASN D 24 -16.43 -24.83 -5.87
N PHE D 25 -15.64 -24.06 -6.60
CA PHE D 25 -14.88 -24.57 -7.73
C PHE D 25 -13.62 -23.74 -7.99
N THR D 26 -12.50 -24.41 -8.19
CA THR D 26 -11.24 -23.75 -8.48
C THR D 26 -10.59 -24.37 -9.71
N ALA D 27 -9.95 -23.54 -10.52
CA ALA D 27 -9.33 -24.00 -11.76
C ALA D 27 -7.83 -24.24 -11.60
N GLU D 28 -7.13 -24.29 -12.73
CA GLU D 28 -5.67 -24.36 -12.71
C GLU D 28 -5.09 -22.95 -12.64
N THR D 29 -5.85 -21.98 -13.13
CA THR D 29 -5.44 -20.59 -13.18
C THR D 29 -6.60 -19.65 -12.86
N PRO D 30 -6.30 -18.35 -12.65
CA PRO D 30 -7.31 -17.35 -12.30
C PRO D 30 -8.41 -17.21 -13.36
N ILE D 31 -9.65 -17.02 -12.90
CA ILE D 31 -10.80 -16.83 -13.79
C ILE D 31 -10.98 -15.36 -14.12
N GLN D 32 -10.92 -15.04 -15.40
CA GLN D 32 -11.05 -13.65 -15.85
C GLN D 32 -12.51 -13.23 -16.05
N ASN D 33 -13.29 -14.09 -16.70
CA ASN D 33 -14.69 -13.79 -16.98
C ASN D 33 -15.60 -14.98 -16.76
N VAL D 34 -16.86 -14.71 -16.43
CA VAL D 34 -17.83 -15.77 -16.19
C VAL D 34 -19.16 -15.47 -16.88
N ILE D 35 -19.73 -16.49 -17.51
CA ILE D 35 -21.06 -16.36 -18.11
C ILE D 35 -21.85 -17.64 -17.92
N LEU D 36 -23.15 -17.56 -18.14
CA LEU D 36 -24.04 -18.68 -17.90
C LEU D 36 -25.05 -18.86 -19.03
N HIS D 37 -24.88 -19.91 -19.81
CA HIS D 37 -25.87 -20.26 -20.83
C HIS D 37 -26.59 -21.55 -20.48
N GLU D 38 -27.86 -21.42 -20.09
CA GLU D 38 -28.73 -22.56 -19.85
C GLU D 38 -28.10 -23.66 -18.99
N HIS D 39 -28.11 -23.45 -17.69
CA HIS D 39 -27.71 -24.46 -16.71
C HIS D 39 -26.26 -24.90 -16.88
N HIS D 40 -25.43 -24.04 -17.44
CA HIS D 40 -24.02 -24.33 -17.61
C HIS D 40 -23.15 -23.09 -17.47
N ILE D 41 -22.23 -23.14 -16.51
CA ILE D 41 -21.32 -22.03 -16.28
C ILE D 41 -20.14 -22.09 -17.22
N PHE D 42 -19.61 -20.92 -17.57
CA PHE D 42 -18.43 -20.85 -18.42
C PHE D 42 -17.40 -19.93 -17.79
N LEU D 43 -16.22 -20.48 -17.50
CA LEU D 43 -15.17 -19.73 -16.83
C LEU D 43 -14.00 -19.49 -17.75
N GLY D 44 -13.96 -18.30 -18.37
CA GLY D 44 -12.83 -17.92 -19.19
C GLY D 44 -11.64 -17.55 -18.32
N ALA D 45 -10.76 -18.52 -18.08
CA ALA D 45 -9.59 -18.31 -17.25
C ALA D 45 -8.32 -18.19 -18.08
N THR D 46 -7.18 -18.16 -17.41
CA THR D 46 -5.90 -18.11 -18.09
C THR D 46 -5.67 -19.45 -18.79
N ASN D 47 -5.42 -19.41 -20.09
CA ASN D 47 -5.13 -20.61 -20.88
C ASN D 47 -6.27 -21.63 -20.91
N TYR D 48 -7.42 -21.28 -20.34
CA TYR D 48 -8.52 -22.24 -20.23
C TYR D 48 -9.91 -21.62 -20.31
N ILE D 49 -10.87 -22.45 -20.69
CA ILE D 49 -12.28 -22.08 -20.69
C ILE D 49 -13.10 -23.26 -20.18
N TYR D 50 -13.34 -23.29 -18.88
CA TYR D 50 -14.03 -24.42 -18.25
C TYR D 50 -15.54 -24.33 -18.43
N VAL D 51 -16.19 -25.48 -18.49
CA VAL D 51 -17.64 -25.55 -18.58
C VAL D 51 -18.23 -26.31 -17.40
N LEU D 52 -18.74 -25.57 -16.43
CA LEU D 52 -19.26 -26.16 -15.21
C LEU D 52 -20.75 -26.47 -15.34
N ASN D 53 -21.32 -27.02 -14.27
CA ASN D 53 -22.73 -27.37 -14.23
C ASN D 53 -23.45 -26.48 -13.23
N GLU D 54 -24.57 -25.90 -13.66
CA GLU D 54 -25.29 -24.92 -12.85
C GLU D 54 -25.72 -25.44 -11.49
N GLU D 55 -25.96 -26.75 -11.41
CA GLU D 55 -26.56 -27.34 -10.22
C GLU D 55 -25.61 -27.46 -9.02
N ASP D 56 -24.42 -28.00 -9.24
CA ASP D 56 -23.50 -28.30 -8.15
C ASP D 56 -22.09 -27.75 -8.35
N LEU D 57 -21.93 -26.84 -9.30
CA LEU D 57 -20.62 -26.32 -9.67
C LEU D 57 -19.67 -27.46 -10.05
N GLN D 58 -20.23 -28.47 -10.71
CA GLN D 58 -19.46 -29.63 -11.13
C GLN D 58 -18.86 -29.41 -12.51
N LYS D 59 -17.54 -29.50 -12.60
CA LYS D 59 -16.84 -29.37 -13.88
C LYS D 59 -17.22 -30.53 -14.79
N VAL D 60 -17.76 -30.19 -15.97
CA VAL D 60 -18.21 -31.22 -16.91
C VAL D 60 -17.27 -31.32 -18.11
N ALA D 61 -17.12 -30.22 -18.84
CA ALA D 61 -16.22 -30.16 -19.99
C ALA D 61 -15.27 -28.98 -19.84
N GLU D 62 -14.38 -28.83 -20.82
CA GLU D 62 -13.42 -27.72 -20.82
C GLU D 62 -12.66 -27.66 -22.14
N TYR D 63 -11.98 -26.54 -22.36
CA TYR D 63 -11.17 -26.34 -23.56
C TYR D 63 -9.87 -25.64 -23.20
N LYS D 64 -8.76 -26.22 -23.63
CA LYS D 64 -7.44 -25.66 -23.35
C LYS D 64 -6.95 -24.77 -24.48
N THR D 65 -7.05 -23.46 -24.29
CA THR D 65 -6.45 -22.50 -25.21
C THR D 65 -4.95 -22.54 -25.00
N GLY D 66 -4.55 -22.80 -23.76
CA GLY D 66 -3.16 -23.01 -23.40
C GLY D 66 -2.23 -21.83 -23.63
N PRO D 67 -0.98 -21.95 -23.16
CA PRO D 67 0.07 -20.96 -23.42
C PRO D 67 0.51 -21.00 -24.88
N VAL D 68 0.08 -19.99 -25.65
CA VAL D 68 0.21 -19.92 -27.11
C VAL D 68 1.52 -19.31 -27.55
N LEU D 69 1.87 -19.54 -28.81
CA LEU D 69 3.12 -19.00 -29.31
C LEU D 69 3.08 -17.81 -30.27
N GLU D 70 3.38 -16.58 -29.83
CA GLU D 70 3.53 -15.35 -30.68
C GLU D 70 4.77 -15.61 -31.46
N VAL D 90 8.24 -16.25 -29.52
CA VAL D 90 8.03 -16.20 -28.06
C VAL D 90 6.74 -16.95 -27.52
N TRP D 91 6.78 -17.29 -26.24
CA TRP D 91 5.64 -17.90 -25.62
C TRP D 91 4.88 -16.88 -24.78
N LYS D 92 3.56 -16.86 -24.94
CA LYS D 92 2.71 -15.91 -24.24
C LYS D 92 1.45 -16.58 -23.58
N ASP D 93 1.05 -16.12 -22.15
CA ASP D 93 -0.16 -16.67 -21.57
C ASP D 93 -1.43 -16.15 -22.24
N ASN D 94 -2.42 -17.03 -22.39
CA ASN D 94 -3.67 -16.68 -23.04
C ASN D 94 -4.73 -16.23 -22.03
N ILE D 95 -4.48 -15.08 -21.39
CA ILE D 95 -5.43 -14.51 -20.47
C ILE D 95 -6.70 -14.14 -21.21
N ASN D 96 -7.81 -14.79 -20.85
CA ASN D 96 -9.09 -14.51 -21.47
C ASN D 96 -9.52 -13.06 -21.25
N MET D 97 -10.18 -12.49 -22.25
CA MET D 97 -10.55 -11.08 -22.21
C MET D 97 -12.04 -10.86 -22.46
N ALA D 98 -12.76 -11.91 -22.85
CA ALA D 98 -14.20 -11.83 -23.05
C ALA D 98 -14.88 -13.17 -23.31
N LEU D 99 -16.10 -13.31 -22.80
CA LEU D 99 -16.95 -14.46 -23.10
C LEU D 99 -18.31 -13.98 -23.57
N VAL D 100 -18.73 -14.43 -24.74
CA VAL D 100 -20.02 -14.03 -25.28
C VAL D 100 -20.70 -15.20 -26.00
N VAL D 101 -21.94 -15.48 -25.62
CA VAL D 101 -22.71 -16.54 -26.27
C VAL D 101 -23.92 -15.96 -26.98
N ASP D 102 -24.22 -16.49 -28.17
CA ASP D 102 -25.40 -16.06 -28.90
C ASP D 102 -26.02 -17.23 -29.66
N THR D 103 -27.27 -17.53 -29.35
CA THR D 103 -27.98 -18.62 -29.98
C THR D 103 -28.73 -18.18 -31.23
N TYR D 104 -28.49 -16.94 -31.65
CA TYR D 104 -29.15 -16.35 -32.81
C TYR D 104 -29.00 -17.20 -34.06
N TYR D 105 -27.82 -17.15 -34.68
CA TYR D 105 -27.52 -18.00 -35.82
C TYR D 105 -27.72 -19.44 -35.41
N ASP D 106 -26.66 -20.00 -34.82
CA ASP D 106 -26.71 -21.29 -34.16
C ASP D 106 -26.13 -21.10 -32.78
N ASP D 107 -26.40 -22.05 -31.88
CA ASP D 107 -25.88 -21.94 -30.52
C ASP D 107 -24.36 -22.07 -30.51
N GLN D 108 -23.69 -21.05 -29.97
CA GLN D 108 -22.24 -21.03 -29.94
C GLN D 108 -21.66 -20.04 -28.95
N LEU D 109 -20.57 -20.43 -28.30
CA LEU D 109 -19.78 -19.52 -27.47
C LEU D 109 -18.68 -18.91 -28.32
N ILE D 110 -18.22 -17.72 -27.91
CA ILE D 110 -17.10 -17.08 -28.58
C ILE D 110 -16.13 -16.50 -27.56
N SER D 111 -14.96 -17.11 -27.46
CA SER D 111 -13.94 -16.64 -26.54
C SER D 111 -13.01 -15.66 -27.24
N CYS D 112 -12.30 -14.86 -26.46
CA CYS D 112 -11.38 -13.88 -27.00
C CYS D 112 -10.09 -13.85 -26.19
N GLY D 113 -9.03 -14.40 -26.76
CA GLY D 113 -7.76 -14.50 -26.07
C GLY D 113 -7.03 -13.18 -25.89
N SER D 114 -5.72 -13.21 -25.97
CA SER D 114 -4.91 -12.04 -25.72
C SER D 114 -3.54 -12.16 -26.38
N VAL D 115 -3.28 -13.32 -26.96
CA VAL D 115 -1.97 -13.59 -27.55
C VAL D 115 -1.91 -13.19 -29.03
N ASN D 116 -2.88 -13.68 -29.81
CA ASN D 116 -2.91 -13.37 -31.24
C ASN D 116 -3.69 -12.11 -31.54
N ARG D 117 -3.08 -10.96 -31.24
CA ARG D 117 -3.68 -9.67 -31.53
C ARG D 117 -5.12 -9.60 -31.01
N GLY D 118 -5.35 -10.25 -29.87
CA GLY D 118 -6.67 -10.28 -29.25
C GLY D 118 -7.77 -10.76 -30.19
N THR D 119 -7.53 -11.89 -30.84
CA THR D 119 -8.48 -12.43 -31.80
C THR D 119 -9.50 -13.35 -31.13
N CYS D 120 -10.72 -13.38 -31.66
CA CYS D 120 -11.77 -14.22 -31.12
C CYS D 120 -11.85 -15.56 -31.84
N GLN D 121 -12.37 -16.57 -31.16
CA GLN D 121 -12.60 -17.87 -31.78
C GLN D 121 -13.98 -18.42 -31.44
N ARG D 122 -14.58 -19.11 -32.40
CA ARG D 122 -15.94 -19.65 -32.24
C ARG D 122 -15.93 -20.94 -31.43
N HIS D 123 -17.11 -21.35 -30.99
CA HIS D 123 -17.28 -22.59 -30.26
C HIS D 123 -18.66 -23.18 -30.53
N VAL D 124 -18.83 -23.74 -31.72
CA VAL D 124 -20.09 -24.37 -32.08
C VAL D 124 -20.41 -25.52 -31.11
N PHE D 125 -21.49 -25.36 -30.36
CA PHE D 125 -21.87 -26.37 -29.38
C PHE D 125 -22.12 -27.72 -30.03
N PRO D 126 -21.90 -28.80 -29.26
CA PRO D 126 -22.18 -30.18 -29.68
C PRO D 126 -23.59 -30.33 -30.23
N HIS D 127 -24.56 -30.50 -29.33
CA HIS D 127 -25.97 -30.57 -29.72
C HIS D 127 -26.87 -30.26 -28.53
N ASN D 128 -26.74 -31.06 -27.48
CA ASN D 128 -27.45 -30.82 -26.23
C ASN D 128 -26.52 -30.24 -25.17
N HIS D 129 -25.23 -30.24 -25.49
CA HIS D 129 -24.20 -29.65 -24.62
C HIS D 129 -23.40 -28.61 -25.39
N SER D 135 -15.53 -31.18 -28.20
CA SER D 135 -14.63 -30.30 -28.96
C SER D 135 -15.42 -29.37 -29.88
N GLU D 136 -15.03 -29.36 -31.16
CA GLU D 136 -15.66 -28.52 -32.18
C GLU D 136 -15.43 -27.03 -31.92
N VAL D 137 -14.38 -26.47 -32.53
CA VAL D 137 -14.03 -25.06 -32.36
C VAL D 137 -13.51 -24.43 -33.65
N HIS D 138 -14.09 -23.30 -34.03
CA HIS D 138 -13.64 -22.56 -35.20
C HIS D 138 -12.69 -21.43 -34.81
N CYS D 139 -12.65 -20.38 -35.63
CA CYS D 139 -11.78 -19.24 -35.39
C CYS D 139 -12.19 -18.04 -36.23
N ILE D 140 -12.38 -16.89 -35.58
CA ILE D 140 -12.70 -15.66 -36.27
C ILE D 140 -11.45 -15.01 -36.84
N PHE D 141 -11.26 -15.09 -38.15
CA PHE D 141 -10.13 -14.43 -38.80
C PHE D 141 -10.16 -14.55 -40.32
N SER D 142 -10.44 -13.44 -40.98
CA SER D 142 -10.36 -13.35 -42.43
C SER D 142 -8.96 -12.85 -42.74
N GLU D 147 -8.42 -3.76 -46.74
CA GLU D 147 -7.17 -3.02 -46.73
C GLU D 147 -6.44 -3.28 -45.41
N PRO D 148 -5.19 -3.77 -45.50
CA PRO D 148 -4.36 -4.20 -44.37
C PRO D 148 -4.23 -3.13 -43.28
N SER D 149 -4.60 -1.89 -43.61
CA SER D 149 -4.48 -0.77 -42.69
C SER D 149 -5.26 -0.96 -41.40
N GLN D 150 -6.25 -1.84 -41.44
CA GLN D 150 -7.08 -2.12 -40.25
C GLN D 150 -7.23 -3.62 -40.03
N CYS D 151 -7.76 -3.98 -38.86
CA CYS D 151 -7.92 -5.37 -38.50
C CYS D 151 -9.19 -5.57 -37.67
N PRO D 152 -10.32 -5.81 -38.35
CA PRO D 152 -11.64 -5.98 -37.74
C PRO D 152 -11.71 -7.22 -36.85
N ASP D 153 -10.77 -8.14 -37.05
CA ASP D 153 -10.79 -9.41 -36.33
C ASP D 153 -9.89 -9.35 -35.09
N CYS D 154 -9.02 -8.34 -35.07
CA CYS D 154 -8.22 -8.04 -33.89
C CYS D 154 -9.10 -7.29 -32.91
N VAL D 155 -9.86 -8.04 -32.11
CA VAL D 155 -10.93 -7.47 -31.31
C VAL D 155 -10.48 -6.88 -29.98
N VAL D 156 -9.77 -7.68 -29.18
CA VAL D 156 -9.48 -7.31 -27.80
C VAL D 156 -8.05 -6.85 -27.54
N SER D 157 -7.93 -5.78 -26.75
CA SER D 157 -6.64 -5.32 -26.27
C SER D 157 -6.25 -6.10 -25.02
N ALA D 158 -4.96 -6.42 -24.89
CA ALA D 158 -4.49 -7.21 -23.77
C ALA D 158 -4.32 -6.38 -22.50
N LEU D 159 -4.50 -5.07 -22.62
CA LEU D 159 -4.33 -4.17 -21.49
C LEU D 159 -5.66 -3.74 -20.89
N GLY D 160 -6.62 -4.66 -20.88
CA GLY D 160 -7.94 -4.37 -20.34
C GLY D 160 -8.92 -4.01 -21.44
N ALA D 161 -10.08 -4.67 -21.41
CA ALA D 161 -11.10 -4.45 -22.43
C ALA D 161 -12.43 -5.05 -22.01
N LYS D 162 -13.51 -4.37 -22.40
CA LYS D 162 -14.85 -4.87 -22.12
C LYS D 162 -15.63 -5.05 -23.42
N VAL D 163 -16.29 -6.19 -23.56
CA VAL D 163 -17.01 -6.52 -24.78
C VAL D 163 -18.49 -6.79 -24.52
N LEU D 164 -19.35 -6.18 -25.32
CA LEU D 164 -20.79 -6.39 -25.20
C LEU D 164 -21.37 -7.01 -26.46
N SER D 165 -22.36 -7.88 -26.28
CA SER D 165 -23.03 -8.51 -27.41
C SER D 165 -24.47 -8.02 -27.52
N SER D 166 -24.91 -7.79 -28.75
CA SER D 166 -26.29 -7.40 -28.99
C SER D 166 -26.66 -7.80 -30.40
N VAL D 167 -27.90 -8.26 -30.58
CA VAL D 167 -28.38 -8.65 -31.90
C VAL D 167 -29.15 -7.51 -32.53
N LYS D 168 -28.45 -6.43 -32.84
CA LYS D 168 -29.08 -5.24 -33.40
C LYS D 168 -29.25 -5.33 -34.92
N ASP D 169 -30.51 -5.38 -35.36
CA ASP D 169 -30.84 -5.35 -36.78
C ASP D 169 -30.28 -6.56 -37.54
N ARG D 170 -30.71 -7.76 -37.14
CA ARG D 170 -30.44 -8.99 -37.90
C ARG D 170 -28.98 -9.48 -37.77
N PHE D 171 -28.11 -8.66 -37.21
CA PHE D 171 -26.71 -9.03 -37.09
C PHE D 171 -26.22 -8.95 -35.64
N ILE D 172 -25.13 -9.65 -35.35
CA ILE D 172 -24.56 -9.67 -34.01
C ILE D 172 -23.45 -8.62 -33.86
N ASN D 173 -23.81 -7.44 -33.41
CA ASN D 173 -22.84 -6.37 -33.21
C ASN D 173 -21.94 -6.62 -32.00
N PHE D 174 -20.74 -6.05 -32.04
CA PHE D 174 -19.80 -6.17 -30.94
C PHE D 174 -19.29 -4.79 -30.54
N PHE D 175 -19.56 -4.42 -29.30
CA PHE D 175 -19.18 -3.10 -28.79
C PHE D 175 -17.93 -3.24 -27.93
N VAL D 176 -16.81 -2.79 -28.46
CA VAL D 176 -15.50 -3.08 -27.86
C VAL D 176 -14.78 -1.85 -27.34
N GLY D 177 -14.41 -1.90 -26.06
CA GLY D 177 -13.62 -0.85 -25.45
C GLY D 177 -12.23 -1.34 -25.09
N ASN D 178 -11.23 -0.77 -25.75
CA ASN D 178 -9.85 -1.20 -25.55
C ASN D 178 -8.97 -0.14 -24.90
N THR D 179 -8.25 -0.55 -23.87
CA THR D 179 -7.26 0.31 -23.24
C THR D 179 -5.95 0.15 -24.01
N ILE D 180 -5.47 1.25 -24.58
CA ILE D 180 -4.35 1.19 -25.53
C ILE D 180 -3.14 2.04 -25.14
N ASN D 181 -1.96 1.42 -25.20
CA ASN D 181 -0.71 2.16 -25.07
C ASN D 181 0.00 2.26 -26.43
N SER D 182 1.19 2.86 -26.45
CA SER D 182 1.91 3.05 -27.71
C SER D 182 2.38 1.74 -28.32
N SER D 183 1.74 1.35 -29.42
CA SER D 183 2.09 0.14 -30.15
C SER D 183 1.35 0.15 -31.48
N TYR D 184 1.84 -0.61 -32.45
CA TYR D 184 1.17 -0.70 -33.74
C TYR D 184 0.22 -1.89 -33.79
N PRO D 189 -3.68 -1.22 -35.74
CA PRO D 189 -5.01 -1.79 -35.56
C PRO D 189 -5.37 -2.34 -34.19
N LEU D 190 -6.26 -1.61 -33.51
CA LEU D 190 -6.87 -1.97 -32.23
C LEU D 190 -7.61 -0.75 -31.67
N HIS D 191 -8.90 -0.66 -31.97
CA HIS D 191 -9.70 0.51 -31.60
C HIS D 191 -10.09 0.57 -30.12
N SER D 192 -9.91 1.74 -29.52
CA SER D 192 -10.29 1.96 -28.13
C SER D 192 -11.80 1.85 -27.95
N ILE D 193 -12.55 2.21 -29.00
CA ILE D 193 -14.00 2.07 -28.99
C ILE D 193 -14.49 1.73 -30.40
N SER D 194 -15.34 0.70 -30.51
CA SER D 194 -15.65 0.15 -31.81
C SER D 194 -16.96 -0.63 -31.87
N VAL D 195 -17.76 -0.37 -32.89
CA VAL D 195 -18.98 -1.12 -33.14
C VAL D 195 -18.84 -1.99 -34.38
N ARG D 196 -18.02 -3.04 -34.27
CA ARG D 196 -17.85 -3.98 -35.37
C ARG D 196 -18.93 -5.05 -35.34
N ARG D 197 -19.65 -5.20 -36.45
CA ARG D 197 -20.69 -6.23 -36.52
C ARG D 197 -20.10 -7.53 -37.05
N LEU D 198 -20.76 -8.64 -36.73
CA LEU D 198 -20.33 -9.95 -37.21
C LEU D 198 -20.94 -10.23 -38.58
N LYS D 199 -20.32 -11.13 -39.33
CA LYS D 199 -20.85 -11.54 -40.61
C LYS D 199 -21.65 -12.83 -40.48
N GLU D 200 -22.55 -13.08 -41.43
CA GLU D 200 -23.40 -14.26 -41.38
C GLU D 200 -22.58 -15.52 -41.64
N THR D 201 -21.41 -15.32 -42.23
CA THR D 201 -20.50 -16.42 -42.51
C THR D 201 -19.86 -16.93 -41.21
N LYS D 202 -19.84 -16.06 -40.20
CA LYS D 202 -19.31 -16.42 -38.89
C LYS D 202 -17.83 -16.79 -38.94
N ASP D 203 -16.99 -15.85 -39.39
CA ASP D 203 -15.55 -16.08 -39.45
C ASP D 203 -14.77 -14.79 -39.62
N GLY D 204 -15.23 -13.72 -38.97
CA GLY D 204 -14.57 -12.44 -39.03
C GLY D 204 -15.51 -11.31 -38.63
N PHE D 205 -14.99 -10.09 -38.66
CA PHE D 205 -15.81 -8.91 -38.36
C PHE D 205 -15.63 -7.84 -39.42
N MET D 206 -16.52 -6.86 -39.43
CA MET D 206 -16.50 -5.81 -40.42
C MET D 206 -17.19 -4.54 -39.92
N PHE D 207 -16.48 -3.42 -39.98
CA PHE D 207 -17.06 -2.13 -39.63
C PHE D 207 -17.88 -1.64 -40.81
N LEU D 208 -18.49 -0.47 -40.67
CA LEU D 208 -19.33 0.06 -41.74
C LEU D 208 -18.96 1.47 -42.17
N THR D 209 -18.26 2.21 -41.32
CA THR D 209 -17.89 3.58 -41.63
C THR D 209 -16.50 3.97 -41.15
N ASP D 210 -16.00 5.07 -41.69
CA ASP D 210 -14.77 5.68 -41.24
C ASP D 210 -14.93 6.05 -39.77
N GLN D 211 -16.15 6.39 -39.40
CA GLN D 211 -16.45 6.82 -38.04
C GLN D 211 -17.36 5.84 -37.30
N SER D 212 -17.09 4.55 -37.46
CA SER D 212 -17.75 3.53 -36.67
C SER D 212 -16.81 3.08 -35.55
N TYR D 213 -15.87 3.96 -35.21
CA TYR D 213 -14.88 3.69 -34.18
C TYR D 213 -14.20 4.99 -33.77
N ILE D 214 -13.93 5.15 -32.49
CA ILE D 214 -13.21 6.33 -32.00
C ILE D 214 -11.88 5.90 -31.43
N ASP D 215 -10.81 6.57 -31.86
CA ASP D 215 -9.46 6.20 -31.46
C ASP D 215 -8.72 7.36 -30.81
N VAL D 216 -8.09 7.09 -29.68
CA VAL D 216 -7.23 8.07 -29.02
C VAL D 216 -6.01 8.34 -29.89
N LEU D 217 -5.86 9.59 -30.34
CA LEU D 217 -4.80 9.96 -31.25
C LEU D 217 -3.42 9.53 -30.74
N PRO D 218 -2.48 9.31 -31.68
CA PRO D 218 -1.14 8.76 -31.42
C PRO D 218 -0.34 9.53 -30.37
N GLU D 219 -0.46 10.86 -30.35
CA GLU D 219 0.29 11.65 -29.38
C GLU D 219 -0.24 11.44 -27.98
N PHE D 220 -1.51 11.05 -27.89
CA PHE D 220 -2.13 10.73 -26.62
C PHE D 220 -2.23 9.21 -26.44
N ARG D 221 -1.64 8.48 -27.38
CA ARG D 221 -1.68 7.02 -27.37
C ARG D 221 -1.30 6.47 -26.00
N ASP D 222 -0.11 6.83 -25.52
CA ASP D 222 0.42 6.27 -24.29
C ASP D 222 0.34 7.27 -23.13
N SER D 223 0.22 8.55 -23.46
CA SER D 223 0.23 9.60 -22.44
C SER D 223 -0.80 9.37 -21.33
N TYR D 224 -2.07 9.64 -21.63
CA TYR D 224 -3.15 9.38 -20.69
C TYR D 224 -4.16 8.39 -21.24
N PRO D 225 -4.00 7.11 -20.89
CA PRO D 225 -4.80 5.97 -21.33
C PRO D 225 -6.23 5.99 -20.78
N ILE D 226 -7.04 5.04 -21.22
CA ILE D 226 -8.42 4.91 -20.77
C ILE D 226 -8.71 3.48 -20.31
N LYS D 227 -8.77 3.26 -18.99
CA LYS D 227 -9.12 1.95 -18.45
C LYS D 227 -10.63 1.74 -18.48
N TYR D 228 -11.07 0.77 -19.27
CA TYR D 228 -12.51 0.48 -19.39
C TYR D 228 -12.98 -0.48 -18.31
N VAL D 229 -13.81 0.04 -17.42
CA VAL D 229 -14.26 -0.69 -16.23
C VAL D 229 -15.46 -1.59 -16.51
N HIS D 230 -16.51 -1.03 -17.10
CA HIS D 230 -17.72 -1.79 -17.37
C HIS D 230 -18.58 -1.17 -18.45
N ALA D 231 -19.48 -1.99 -19.03
CA ALA D 231 -20.38 -1.51 -20.06
C ALA D 231 -21.72 -2.26 -20.02
N PHE D 232 -22.76 -1.63 -20.55
CA PHE D 232 -24.09 -2.21 -20.50
C PHE D 232 -25.02 -1.54 -21.52
N GLU D 233 -26.15 -2.18 -21.80
CA GLU D 233 -27.13 -1.61 -22.70
C GLU D 233 -28.38 -1.21 -21.91
N SER D 234 -29.01 -0.11 -22.32
CA SER D 234 -30.19 0.39 -21.64
C SER D 234 -30.89 1.49 -22.43
N ASN D 235 -32.22 1.41 -22.50
CA ASN D 235 -33.03 2.42 -23.19
C ASN D 235 -32.61 2.64 -24.64
N ASN D 236 -32.16 1.56 -25.30
CA ASN D 236 -31.70 1.62 -26.68
C ASN D 236 -30.29 2.20 -26.82
N PHE D 237 -29.78 2.81 -25.76
CA PHE D 237 -28.45 3.38 -25.76
C PHE D 237 -27.42 2.40 -25.21
N ILE D 238 -26.17 2.57 -25.62
CA ILE D 238 -25.07 1.76 -25.11
C ILE D 238 -24.17 2.61 -24.23
N TYR D 239 -23.72 2.04 -23.12
CA TYR D 239 -22.95 2.81 -22.14
C TYR D 239 -21.62 2.16 -21.83
N PHE D 240 -20.68 2.99 -21.40
CA PHE D 240 -19.37 2.52 -20.98
C PHE D 240 -18.90 3.36 -19.81
N LEU D 241 -18.61 2.69 -18.70
CA LEU D 241 -18.03 3.37 -17.54
C LEU D 241 -16.51 3.25 -17.59
N THR D 242 -15.83 4.38 -17.57
CA THR D 242 -14.38 4.39 -17.70
C THR D 242 -13.68 5.25 -16.65
N VAL D 243 -12.46 4.86 -16.31
CA VAL D 243 -11.58 5.68 -15.48
C VAL D 243 -10.52 6.26 -16.40
N GLN D 244 -10.19 7.54 -16.21
CA GLN D 244 -9.22 8.20 -17.06
C GLN D 244 -8.70 9.49 -16.43
N ARG D 245 -7.95 10.26 -17.21
CA ARG D 245 -7.50 11.58 -16.81
C ARG D 245 -8.72 12.47 -16.56
N GLU D 246 -8.53 13.57 -15.85
CA GLU D 246 -9.60 14.56 -15.71
C GLU D 246 -9.71 15.37 -17.00
N THR D 247 -8.58 15.79 -17.52
CA THR D 247 -8.45 16.36 -18.85
C THR D 247 -7.06 16.02 -19.36
N LEU D 248 -6.70 16.49 -20.55
CA LEU D 248 -5.38 16.22 -21.10
C LEU D 248 -4.27 16.69 -20.15
N ASP D 249 -3.34 15.79 -19.88
CA ASP D 249 -2.18 16.03 -18.99
C ASP D 249 -2.51 16.37 -17.53
N ALA D 250 -3.80 16.51 -17.21
CA ALA D 250 -4.21 16.78 -15.84
C ALA D 250 -3.78 15.64 -14.92
N GLN D 251 -3.15 15.97 -13.81
CA GLN D 251 -2.54 14.98 -12.92
C GLN D 251 -3.51 13.92 -12.38
N THR D 252 -4.51 14.37 -11.63
CA THR D 252 -5.45 13.45 -11.01
C THR D 252 -6.34 12.75 -12.04
N PHE D 253 -6.98 11.67 -11.61
CA PHE D 253 -7.84 10.90 -12.49
C PHE D 253 -9.32 11.18 -12.29
N HIS D 254 -10.17 10.38 -12.93
CA HIS D 254 -11.57 10.76 -13.12
C HIS D 254 -12.52 9.56 -13.04
N THR D 255 -13.46 9.53 -13.98
CA THR D 255 -14.48 8.48 -14.13
C THR D 255 -15.66 9.06 -14.88
N ARG D 256 -15.99 8.47 -16.02
CA ARG D 256 -17.04 9.03 -16.87
C ARG D 256 -17.93 7.94 -17.45
N ILE D 257 -19.16 8.34 -17.79
CA ILE D 257 -20.09 7.48 -18.48
C ILE D 257 -20.06 7.84 -19.96
N ILE D 258 -20.36 6.86 -20.82
CA ILE D 258 -20.30 7.08 -22.26
C ILE D 258 -21.51 6.51 -22.98
N ARG D 259 -22.22 7.36 -23.72
CA ARG D 259 -23.47 6.95 -24.34
C ARG D 259 -23.46 7.20 -25.84
N PHE D 260 -24.09 6.31 -26.59
CA PHE D 260 -24.24 6.47 -28.04
C PHE D 260 -25.27 5.50 -28.64
N CYS D 261 -26.26 6.03 -29.34
CA CYS D 261 -27.24 5.18 -30.01
C CYS D 261 -26.66 4.65 -31.32
N SER D 262 -26.76 3.33 -31.52
CA SER D 262 -26.13 2.69 -32.67
C SER D 262 -27.13 2.08 -33.65
N ILE D 263 -26.89 2.28 -34.94
CA ILE D 263 -27.71 1.68 -35.99
C ILE D 263 -26.80 1.15 -37.09
N ASN D 264 -26.88 -0.16 -37.35
CA ASN D 264 -25.99 -0.84 -38.30
C ASN D 264 -24.57 -0.96 -37.74
N SER D 265 -23.89 0.18 -37.72
CA SER D 265 -22.60 0.32 -37.06
C SER D 265 -22.58 1.74 -36.51
N GLY D 266 -22.86 1.86 -35.22
CA GLY D 266 -23.26 3.13 -34.63
C GLY D 266 -22.22 4.21 -34.40
N LEU D 267 -22.17 4.68 -33.15
CA LEU D 267 -21.42 5.89 -32.80
C LEU D 267 -21.96 7.10 -33.56
N HIS D 268 -23.13 7.58 -33.14
CA HIS D 268 -23.76 8.74 -33.75
C HIS D 268 -24.06 9.80 -32.71
N SER D 269 -24.30 9.35 -31.47
CA SER D 269 -24.55 10.27 -30.37
C SER D 269 -23.47 10.15 -29.31
N TYR D 270 -22.32 9.60 -29.69
CA TYR D 270 -21.23 9.39 -28.74
C TYR D 270 -20.97 10.66 -27.93
N MET D 271 -20.70 10.47 -26.64
CA MET D 271 -20.74 11.59 -25.72
C MET D 271 -20.37 11.16 -24.31
N GLU D 272 -19.25 11.67 -23.82
CA GLU D 272 -18.78 11.35 -22.48
C GLU D 272 -19.37 12.30 -21.45
N MET D 273 -19.31 11.89 -20.18
CA MET D 273 -19.81 12.73 -19.10
C MET D 273 -19.29 12.23 -17.76
N PRO D 274 -18.80 13.15 -16.93
CA PRO D 274 -18.18 12.82 -15.64
C PRO D 274 -19.17 12.24 -14.64
N LEU D 275 -18.73 11.24 -13.89
CA LEU D 275 -19.52 10.67 -12.80
C LEU D 275 -18.70 10.75 -11.52
N GLU D 276 -19.23 11.48 -10.55
CA GLU D 276 -18.53 11.71 -9.29
C GLU D 276 -19.33 11.18 -8.10
N CYS D 277 -18.75 10.24 -7.38
CA CYS D 277 -19.37 9.77 -6.15
C CYS D 277 -18.74 10.52 -4.98
N ILE D 278 -19.56 11.31 -4.29
CA ILE D 278 -19.07 12.14 -3.19
C ILE D 278 -19.85 11.90 -1.90
N LEU D 279 -19.32 12.41 -0.79
CA LEU D 279 -19.92 12.19 0.50
C LEU D 279 -19.26 12.94 1.65
N THR D 280 -19.94 13.87 2.31
CA THR D 280 -20.03 15.26 1.90
C THR D 280 -18.58 15.76 1.74
N GLU D 291 -16.88 14.12 -0.44
CA GLU D 291 -15.47 14.37 -0.75
C GLU D 291 -15.09 13.34 -1.81
N VAL D 292 -14.77 13.83 -3.00
CA VAL D 292 -14.73 13.01 -4.23
C VAL D 292 -14.13 11.60 -4.12
N PHE D 293 -14.82 10.64 -4.73
CA PHE D 293 -14.33 9.27 -4.89
C PHE D 293 -14.17 8.98 -6.38
N ASN D 294 -13.08 9.46 -6.96
CA ASN D 294 -12.90 9.41 -8.41
C ASN D 294 -12.91 8.01 -9.03
N ILE D 295 -11.90 7.20 -8.73
CA ILE D 295 -11.72 5.90 -9.36
C ILE D 295 -12.93 4.98 -9.21
N LEU D 296 -13.41 4.46 -10.34
CA LEU D 296 -14.50 3.49 -10.36
C LEU D 296 -13.93 2.08 -10.20
N GLN D 297 -14.58 1.27 -9.37
CA GLN D 297 -14.04 -0.04 -9.01
C GLN D 297 -14.85 -1.19 -9.59
N ALA D 298 -16.14 -0.95 -9.80
CA ALA D 298 -17.05 -1.96 -10.32
C ALA D 298 -18.44 -1.37 -10.43
N ALA D 299 -19.30 -2.01 -11.22
CA ALA D 299 -20.67 -1.53 -11.37
C ALA D 299 -21.62 -2.65 -11.77
N TYR D 300 -22.89 -2.50 -11.42
CA TYR D 300 -23.91 -3.47 -11.78
C TYR D 300 -25.22 -2.74 -12.03
N VAL D 301 -26.02 -3.26 -12.95
CA VAL D 301 -27.26 -2.60 -13.33
C VAL D 301 -28.49 -3.48 -13.13
N SER D 302 -29.36 -3.08 -12.21
CA SER D 302 -30.61 -3.79 -11.96
C SER D 302 -31.74 -2.81 -11.71
N LYS D 303 -32.85 -3.31 -11.16
CA LYS D 303 -33.98 -2.46 -10.82
C LYS D 303 -33.91 -2.09 -9.34
N PRO D 304 -34.69 -1.07 -8.93
CA PRO D 304 -34.72 -0.60 -7.54
C PRO D 304 -35.73 -1.38 -6.71
N GLY D 305 -35.36 -1.71 -5.48
CA GLY D 305 -36.30 -2.25 -4.53
C GLY D 305 -37.33 -1.19 -4.24
N ALA D 306 -38.58 -1.60 -3.99
CA ALA D 306 -39.67 -0.65 -3.79
C ALA D 306 -39.29 0.44 -2.79
N GLN D 307 -38.45 0.08 -1.82
CA GLN D 307 -38.01 1.01 -0.80
C GLN D 307 -37.05 2.04 -1.36
N LEU D 308 -36.07 1.56 -2.12
CA LEU D 308 -35.07 2.43 -2.74
C LEU D 308 -35.72 3.37 -3.75
N ALA D 309 -36.87 2.95 -4.28
CA ALA D 309 -37.56 3.71 -5.32
C ALA D 309 -38.22 4.98 -4.81
N ARG D 310 -38.29 5.13 -3.49
CA ARG D 310 -38.86 6.31 -2.88
C ARG D 310 -37.77 7.34 -2.61
N GLN D 311 -36.60 6.84 -2.23
CA GLN D 311 -35.49 7.68 -1.79
C GLN D 311 -34.74 8.32 -2.96
N ILE D 312 -34.77 7.66 -4.11
CA ILE D 312 -34.04 8.13 -5.28
C ILE D 312 -34.95 8.52 -6.44
N GLY D 313 -36.26 8.39 -6.22
CA GLY D 313 -37.25 8.84 -7.18
C GLY D 313 -37.40 7.94 -8.39
N ALA D 314 -36.65 6.83 -8.41
CA ALA D 314 -36.73 5.88 -9.51
C ALA D 314 -37.99 5.04 -9.41
N SER D 315 -38.45 4.52 -10.54
CA SER D 315 -39.58 3.60 -10.55
C SER D 315 -39.08 2.18 -10.27
N LEU D 316 -39.99 1.22 -10.25
CA LEU D 316 -39.61 -0.15 -9.90
C LEU D 316 -39.06 -0.93 -11.11
N ASN D 317 -39.29 -0.42 -12.31
CA ASN D 317 -38.81 -1.08 -13.52
C ASN D 317 -37.73 -0.31 -14.29
N ASP D 318 -37.30 0.83 -13.72
CA ASP D 318 -36.25 1.63 -14.33
C ASP D 318 -34.88 1.08 -13.96
N ASP D 319 -33.96 1.10 -14.91
CA ASP D 319 -32.60 0.63 -14.65
C ASP D 319 -31.90 1.56 -13.65
N ILE D 320 -30.97 1.00 -12.88
CA ILE D 320 -30.19 1.78 -11.93
C ILE D 320 -28.74 1.38 -11.99
N LEU D 321 -27.87 2.38 -12.12
CA LEU D 321 -26.44 2.13 -12.25
C LEU D 321 -25.72 2.13 -10.91
N PHE D 322 -25.81 1.00 -10.20
CA PHE D 322 -25.04 0.82 -8.98
C PHE D 322 -23.56 0.74 -9.33
N ALA D 323 -22.76 1.54 -8.64
CA ALA D 323 -21.34 1.60 -8.91
C ALA D 323 -20.54 1.84 -7.63
N VAL D 324 -19.63 0.93 -7.34
CA VAL D 324 -18.72 1.08 -6.21
C VAL D 324 -17.50 1.89 -6.63
N PHE D 325 -17.35 3.08 -6.06
CA PHE D 325 -16.21 3.94 -6.39
C PHE D 325 -15.07 3.78 -5.39
N ALA D 326 -14.08 4.67 -5.47
CA ALA D 326 -12.95 4.64 -4.57
C ALA D 326 -12.06 5.87 -4.73
N GLN D 327 -11.92 6.62 -3.65
CA GLN D 327 -11.00 7.75 -3.63
C GLN D 327 -9.58 7.26 -3.91
N SER D 328 -8.96 7.84 -4.92
CA SER D 328 -7.63 7.41 -5.35
C SER D 328 -6.53 8.08 -4.53
N LYS D 329 -5.31 7.55 -4.65
CA LYS D 329 -4.15 8.14 -4.01
C LYS D 329 -3.81 9.48 -4.66
N PRO D 330 -2.93 10.27 -4.02
CA PRO D 330 -2.60 11.61 -4.50
C PRO D 330 -2.13 11.67 -5.96
N ASP D 331 -2.95 12.24 -6.83
CA ASP D 331 -2.61 12.47 -8.24
C ASP D 331 -2.43 11.21 -9.08
N SER D 332 -2.90 10.08 -8.54
CA SER D 332 -2.76 8.79 -9.23
C SER D 332 -4.11 8.16 -9.53
N ALA D 333 -4.09 7.01 -10.20
CA ALA D 333 -5.30 6.26 -10.48
C ALA D 333 -5.34 5.00 -9.62
N GLU D 334 -4.34 4.84 -8.77
CA GLU D 334 -4.28 3.72 -7.84
C GLU D 334 -5.22 4.00 -6.67
N PRO D 335 -6.26 3.16 -6.54
CA PRO D 335 -7.29 3.34 -5.51
C PRO D 335 -6.76 3.09 -4.11
N MET D 336 -7.24 3.86 -3.14
CA MET D 336 -6.94 3.60 -1.74
C MET D 336 -7.96 2.61 -1.19
N ASP D 337 -7.75 2.19 0.05
CA ASP D 337 -8.69 1.31 0.73
C ASP D 337 -9.82 2.14 1.34
N ARG D 338 -10.32 3.11 0.57
CA ARG D 338 -11.40 3.97 1.00
C ARG D 338 -12.50 4.01 -0.05
N SER D 339 -13.53 3.20 0.13
CA SER D 339 -14.55 3.01 -0.90
C SER D 339 -15.88 3.70 -0.60
N ALA D 340 -16.50 4.22 -1.64
CA ALA D 340 -17.85 4.76 -1.56
C ALA D 340 -18.78 3.93 -2.45
N MET D 341 -19.93 4.48 -2.78
CA MET D 341 -20.88 3.82 -3.67
C MET D 341 -22.17 4.65 -3.78
N CYS D 342 -22.71 4.73 -4.99
CA CYS D 342 -24.00 5.38 -5.20
C CYS D 342 -24.69 4.86 -6.45
N ALA D 343 -25.98 5.14 -6.57
CA ALA D 343 -26.77 4.66 -7.69
C ALA D 343 -27.15 5.81 -8.63
N PHE D 344 -27.16 5.50 -9.92
CA PHE D 344 -27.43 6.50 -10.94
C PHE D 344 -28.59 6.03 -11.81
N PRO D 345 -29.80 6.56 -11.55
CA PRO D 345 -30.98 6.25 -12.36
C PRO D 345 -30.67 6.50 -13.83
N ILE D 346 -30.66 5.45 -14.65
CA ILE D 346 -30.29 5.60 -16.07
C ILE D 346 -31.13 6.67 -16.78
N LYS D 347 -32.39 6.80 -16.39
CA LYS D 347 -33.27 7.81 -16.97
C LYS D 347 -32.82 9.21 -16.57
N TYR D 348 -32.35 9.36 -15.33
CA TYR D 348 -31.83 10.63 -14.83
C TYR D 348 -30.51 10.97 -15.53
N VAL D 349 -29.68 9.97 -15.75
CA VAL D 349 -28.45 10.14 -16.51
C VAL D 349 -28.81 10.65 -17.91
N ASN D 350 -29.91 10.13 -18.46
CA ASN D 350 -30.39 10.56 -19.76
C ASN D 350 -31.12 11.89 -19.73
N ASP D 351 -30.91 12.65 -18.65
CA ASP D 351 -31.44 14.00 -18.57
C ASP D 351 -30.30 15.00 -18.52
N PHE D 352 -29.22 14.62 -17.83
CA PHE D 352 -28.00 15.41 -17.82
C PHE D 352 -27.46 15.57 -19.24
N PHE D 353 -27.48 14.48 -20.00
CA PHE D 353 -27.07 14.50 -21.41
C PHE D 353 -27.98 15.43 -22.21
N ASN D 354 -29.26 15.46 -21.85
CA ASN D 354 -30.23 16.33 -22.51
C ASN D 354 -30.19 17.76 -21.97
N LYS D 355 -29.14 18.09 -21.24
CA LYS D 355 -28.90 19.44 -20.75
C LYS D 355 -27.65 20.04 -21.41
N ILE D 356 -27.74 21.31 -21.80
CA ILE D 356 -26.82 21.88 -22.78
C ILE D 356 -25.72 22.83 -22.26
N ARG D 363 -18.24 20.81 -24.40
CA ARG D 363 -16.91 21.19 -24.85
C ARG D 363 -16.32 20.06 -25.68
N CYS D 364 -15.65 20.41 -26.78
CA CYS D 364 -15.09 19.42 -27.68
C CYS D 364 -14.23 18.37 -27.00
N LEU D 365 -14.27 17.14 -27.54
CA LEU D 365 -13.52 16.02 -26.98
C LEU D 365 -12.04 16.17 -27.31
N GLN D 366 -11.19 16.06 -26.29
CA GLN D 366 -9.76 16.32 -26.47
C GLN D 366 -9.01 15.23 -27.22
N HIS D 367 -9.38 13.97 -27.00
CA HIS D 367 -8.60 12.86 -27.55
C HIS D 367 -8.97 12.43 -28.97
N PHE D 368 -10.24 12.60 -29.36
CA PHE D 368 -10.62 12.29 -30.74
C PHE D 368 -10.12 13.36 -31.67
N TYR D 369 -10.53 14.60 -31.42
CA TYR D 369 -10.08 15.71 -32.24
C TYR D 369 -8.82 16.35 -31.66
N GLY D 370 -8.42 17.46 -32.26
CA GLY D 370 -7.27 18.21 -31.78
C GLY D 370 -7.65 19.08 -30.60
N PRO D 371 -6.86 19.01 -29.51
CA PRO D 371 -7.10 19.76 -28.28
C PRO D 371 -7.30 21.26 -28.53
N ASN D 372 -6.66 21.76 -29.59
CA ASN D 372 -6.63 23.19 -29.82
C ASN D 372 -7.41 23.66 -31.05
N ASP D 393 -19.19 12.64 -38.21
CA ASP D 393 -19.90 13.33 -39.27
C ASP D 393 -21.07 13.84 -38.46
N GLU D 394 -21.69 12.88 -37.78
CA GLU D 394 -22.49 13.13 -36.60
C GLU D 394 -21.48 13.01 -35.45
N TYR D 395 -20.92 14.14 -35.03
CA TYR D 395 -19.73 14.11 -34.19
C TYR D 395 -19.92 13.81 -32.70
N ARG D 396 -18.81 13.79 -31.98
CA ARG D 396 -18.77 13.39 -30.59
C ARG D 396 -18.36 14.54 -29.68
N THR D 397 -18.87 14.55 -28.45
CA THR D 397 -18.67 15.67 -27.54
C THR D 397 -18.40 15.24 -26.10
N GLU D 398 -17.84 16.14 -25.30
CA GLU D 398 -17.56 15.91 -23.90
C GLU D 398 -18.43 16.82 -23.03
N PHE D 399 -18.37 16.63 -21.71
CA PHE D 399 -19.17 17.45 -20.79
C PHE D 399 -18.35 18.11 -19.68
N THR D 400 -18.68 19.36 -19.38
CA THR D 400 -17.97 20.12 -18.36
C THR D 400 -18.60 19.95 -16.97
N THR D 401 -19.91 19.81 -16.92
CA THR D 401 -20.63 19.66 -15.65
C THR D 401 -20.88 18.21 -15.26
N ALA D 402 -20.23 17.77 -14.19
CA ALA D 402 -20.27 16.38 -13.76
C ALA D 402 -21.58 15.97 -13.09
N LEU D 403 -22.07 14.78 -13.45
CA LEU D 403 -23.21 14.18 -12.79
C LEU D 403 -22.71 13.47 -11.54
N GLN D 404 -23.42 13.61 -10.43
CA GLN D 404 -22.92 13.08 -9.16
C GLN D 404 -24.03 12.77 -8.13
N ARG D 405 -23.85 11.70 -7.38
CA ARG D 405 -24.74 11.37 -6.28
C ARG D 405 -23.93 11.32 -4.99
N VAL D 406 -24.59 10.92 -3.91
CA VAL D 406 -23.93 10.81 -2.61
C VAL D 406 -23.78 9.35 -2.24
N ASP D 407 -22.84 9.07 -1.33
CA ASP D 407 -22.64 7.71 -0.85
C ASP D 407 -23.92 7.20 -0.16
N LEU D 408 -24.45 6.10 -0.67
CA LEU D 408 -25.67 5.52 -0.12
C LEU D 408 -25.42 4.88 1.23
N PHE D 409 -24.20 4.40 1.45
CA PHE D 409 -23.83 3.78 2.71
C PHE D 409 -23.28 4.78 3.72
N MET D 410 -23.47 6.07 3.44
CA MET D 410 -22.93 7.13 4.28
C MET D 410 -21.44 6.94 4.50
N GLY D 411 -20.81 6.17 3.63
CA GLY D 411 -19.40 5.86 3.76
C GLY D 411 -19.10 4.89 4.88
N GLN D 412 -20.00 3.92 5.08
CA GLN D 412 -19.78 2.88 6.08
C GLN D 412 -18.49 2.14 5.72
N PHE D 413 -18.17 2.15 4.43
CA PHE D 413 -17.00 1.47 3.91
C PHE D 413 -15.87 2.45 3.64
N SER D 414 -15.69 3.38 4.57
CA SER D 414 -14.67 4.41 4.45
C SER D 414 -13.26 3.83 4.53
N GLU D 415 -13.08 2.79 5.33
CA GLU D 415 -11.76 2.16 5.45
C GLU D 415 -11.78 0.70 5.00
N VAL D 416 -12.30 0.48 3.81
CA VAL D 416 -12.26 -0.83 3.16
C VAL D 416 -12.35 -0.66 1.64
N LEU D 417 -11.69 -1.53 0.90
CA LEU D 417 -11.67 -1.44 -0.55
C LEU D 417 -12.65 -2.41 -1.19
N LEU D 418 -13.76 -1.87 -1.70
CA LEU D 418 -14.79 -2.68 -2.35
C LEU D 418 -14.41 -2.95 -3.80
N THR D 419 -14.55 -4.20 -4.22
CA THR D 419 -14.11 -4.63 -5.54
C THR D 419 -15.24 -5.15 -6.41
N SER D 420 -16.25 -5.76 -5.79
CA SER D 420 -17.36 -6.35 -6.53
C SER D 420 -18.70 -5.76 -6.13
N ILE D 421 -19.67 -5.78 -7.04
CA ILE D 421 -21.01 -5.31 -6.72
C ILE D 421 -22.09 -6.07 -7.51
N SER D 422 -23.09 -6.57 -6.79
CA SER D 422 -24.23 -7.27 -7.40
C SER D 422 -25.49 -6.85 -6.66
N THR D 423 -26.58 -6.67 -7.40
CA THR D 423 -27.81 -6.17 -6.79
C THR D 423 -29.05 -6.99 -7.16
N PHE D 424 -29.77 -7.43 -6.13
CA PHE D 424 -31.03 -8.12 -6.33
C PHE D 424 -32.09 -7.54 -5.40
N ILE D 425 -33.35 -7.88 -5.64
CA ILE D 425 -34.44 -7.40 -4.82
C ILE D 425 -35.23 -8.55 -4.22
N LYS D 426 -35.30 -8.58 -2.89
CA LYS D 426 -36.16 -9.51 -2.18
C LYS D 426 -37.25 -8.72 -1.47
N GLY D 427 -38.35 -8.49 -2.18
CA GLY D 427 -39.44 -7.70 -1.65
C GLY D 427 -39.21 -6.22 -1.85
N ASP D 428 -39.07 -5.49 -0.75
CA ASP D 428 -38.82 -4.05 -0.81
C ASP D 428 -37.33 -3.82 -0.67
N LEU D 429 -36.67 -4.73 0.04
CA LEU D 429 -35.25 -4.62 0.31
C LEU D 429 -34.44 -4.72 -0.98
N THR D 430 -33.44 -3.87 -1.11
CA THR D 430 -32.57 -3.87 -2.27
C THR D 430 -31.17 -4.29 -1.85
N ILE D 431 -31.01 -5.57 -1.53
CA ILE D 431 -29.72 -6.08 -1.07
C ILE D 431 -28.74 -6.18 -2.20
N ALA D 432 -27.51 -5.72 -1.94
CA ALA D 432 -26.44 -5.82 -2.92
C ALA D 432 -25.19 -6.38 -2.26
N ASN D 433 -24.77 -7.56 -2.70
CA ASN D 433 -23.58 -8.19 -2.15
C ASN D 433 -22.28 -7.66 -2.76
N LEU D 434 -21.29 -7.50 -1.89
CA LEU D 434 -20.05 -6.81 -2.25
C LEU D 434 -18.83 -7.69 -2.02
N GLY D 435 -17.74 -7.34 -2.70
CA GLY D 435 -16.47 -8.01 -2.49
C GLY D 435 -15.45 -7.02 -1.96
N THR D 436 -14.34 -7.53 -1.43
CA THR D 436 -13.32 -6.66 -0.87
C THR D 436 -11.93 -7.05 -1.35
N SER D 437 -10.99 -6.11 -1.27
CA SER D 437 -9.60 -6.35 -1.63
C SER D 437 -8.96 -7.35 -0.68
N GLU D 438 -9.78 -7.99 0.15
CA GLU D 438 -9.29 -8.96 1.12
C GLU D 438 -10.19 -10.20 1.14
N GLY D 439 -11.00 -10.34 0.10
CA GLY D 439 -11.82 -11.52 -0.06
C GLY D 439 -13.08 -11.47 0.80
N ARG D 440 -13.32 -10.36 1.46
CA ARG D 440 -14.51 -10.20 2.27
C ARG D 440 -15.75 -10.09 1.40
N PHE D 441 -16.65 -11.06 1.55
CA PHE D 441 -17.94 -11.01 0.89
C PHE D 441 -19.00 -10.64 1.92
N MET D 442 -20.03 -9.94 1.48
CA MET D 442 -21.09 -9.52 2.38
C MET D 442 -22.32 -9.02 1.64
N GLN D 443 -23.49 -9.40 2.15
CA GLN D 443 -24.76 -8.92 1.61
C GLN D 443 -25.30 -7.81 2.49
N VAL D 444 -25.25 -6.58 1.98
CA VAL D 444 -25.72 -5.43 2.73
C VAL D 444 -27.01 -4.89 2.16
N VAL D 445 -27.97 -4.62 3.04
CA VAL D 445 -29.24 -4.03 2.64
C VAL D 445 -29.03 -2.56 2.28
N VAL D 446 -29.16 -2.26 0.98
CA VAL D 446 -28.96 -0.90 0.49
C VAL D 446 -30.11 0.02 0.89
N SER D 447 -29.76 1.16 1.47
CA SER D 447 -30.74 2.16 1.85
C SER D 447 -30.06 3.44 2.31
N ARG D 448 -30.65 4.59 1.97
CA ARG D 448 -30.11 5.88 2.36
C ARG D 448 -30.17 6.06 3.87
N SER D 449 -31.25 5.56 4.46
CA SER D 449 -31.54 5.74 5.87
C SER D 449 -30.38 5.34 6.79
N GLY D 450 -30.26 4.04 7.03
CA GLY D 450 -29.17 3.52 7.85
C GLY D 450 -28.32 2.55 7.07
N PRO D 451 -26.99 2.66 7.22
CA PRO D 451 -26.06 1.75 6.56
C PRO D 451 -26.10 0.39 7.25
N SER D 452 -27.10 -0.42 6.93
CA SER D 452 -27.31 -1.68 7.64
C SER D 452 -26.09 -2.59 7.61
N THR D 453 -25.81 -3.19 8.75
CA THR D 453 -24.71 -4.14 8.89
C THR D 453 -24.93 -5.32 7.95
N PRO D 454 -23.86 -5.80 7.31
CA PRO D 454 -23.93 -6.98 6.43
C PRO D 454 -24.47 -8.18 7.19
N HIS D 455 -25.72 -8.57 6.90
CA HIS D 455 -26.31 -9.74 7.53
C HIS D 455 -25.58 -11.01 7.08
N VAL D 456 -24.64 -10.83 6.15
CA VAL D 456 -23.75 -11.89 5.73
C VAL D 456 -22.36 -11.30 5.60
N ASN D 457 -21.40 -11.83 6.34
CA ASN D 457 -20.03 -11.31 6.29
C ASN D 457 -18.98 -12.35 6.63
N PHE D 458 -18.01 -12.52 5.73
CA PHE D 458 -16.98 -13.53 5.90
C PHE D 458 -15.86 -13.38 4.87
N LEU D 459 -14.93 -14.33 4.88
CA LEU D 459 -13.79 -14.32 3.98
C LEU D 459 -13.82 -15.52 3.05
N LEU D 460 -13.66 -15.28 1.75
CA LEU D 460 -13.51 -16.36 0.78
C LEU D 460 -12.07 -16.85 0.80
N ASP D 461 -11.14 -15.98 0.43
CA ASP D 461 -9.72 -16.25 0.55
C ASP D 461 -8.91 -14.96 0.50
N SER D 462 -7.59 -15.07 0.65
CA SER D 462 -6.72 -13.90 0.70
C SER D 462 -6.71 -13.13 -0.62
N HIS D 463 -7.30 -13.73 -1.65
CA HIS D 463 -7.38 -13.10 -2.96
C HIS D 463 -8.64 -12.23 -3.05
N PRO D 464 -8.46 -10.93 -3.30
CA PRO D 464 -9.55 -9.95 -3.42
C PRO D 464 -10.64 -10.43 -4.38
N VAL D 465 -11.88 -10.12 -4.05
CA VAL D 465 -13.02 -10.47 -4.88
C VAL D 465 -12.94 -9.76 -6.23
N SER D 466 -13.41 -10.44 -7.27
CA SER D 466 -13.41 -9.88 -8.62
C SER D 466 -14.76 -9.22 -8.90
N PRO D 467 -14.74 -8.11 -9.64
CA PRO D 467 -15.94 -7.37 -10.03
C PRO D 467 -16.83 -8.20 -10.94
N GLU D 468 -16.26 -9.26 -11.50
CA GLU D 468 -17.00 -10.19 -12.34
C GLU D 468 -17.93 -11.04 -11.50
N VAL D 469 -19.22 -10.90 -11.74
CA VAL D 469 -20.23 -11.68 -11.01
C VAL D 469 -21.48 -11.95 -11.85
N ILE D 470 -22.16 -13.04 -11.52
CA ILE D 470 -23.41 -13.42 -12.17
C ILE D 470 -24.53 -13.44 -11.15
N VAL D 471 -25.68 -12.88 -11.54
CA VAL D 471 -26.86 -12.90 -10.68
C VAL D 471 -27.96 -13.72 -11.34
N GLU D 472 -28.32 -14.85 -10.72
CA GLU D 472 -29.28 -15.77 -11.30
C GLU D 472 -30.55 -15.84 -10.47
N HIS D 473 -31.69 -15.75 -11.13
CA HIS D 473 -32.99 -15.84 -10.46
C HIS D 473 -33.74 -17.13 -10.79
N THR D 474 -34.17 -17.84 -9.75
CA THR D 474 -34.95 -19.06 -9.91
C THR D 474 -36.33 -18.92 -9.27
N LEU D 475 -37.17 -19.94 -9.46
CA LEU D 475 -38.57 -19.88 -9.00
C LEU D 475 -38.69 -19.71 -7.49
N ASN D 476 -39.65 -18.88 -7.08
CA ASN D 476 -39.90 -18.59 -5.66
C ASN D 476 -38.70 -17.91 -5.00
N GLN D 477 -37.83 -17.34 -5.83
CA GLN D 477 -36.61 -16.66 -5.39
C GLN D 477 -35.69 -17.49 -4.51
N ASN D 478 -34.83 -18.28 -5.15
CA ASN D 478 -33.73 -18.94 -4.46
C ASN D 478 -32.48 -18.14 -4.72
N GLY D 479 -32.14 -18.00 -6.00
CA GLY D 479 -31.06 -17.13 -6.43
C GLY D 479 -29.67 -17.51 -5.95
N TYR D 480 -28.67 -16.87 -6.56
CA TYR D 480 -27.28 -17.08 -6.18
C TYR D 480 -26.38 -16.18 -7.03
N THR D 481 -25.33 -15.66 -6.40
CA THR D 481 -24.33 -14.89 -7.12
C THR D 481 -23.05 -15.71 -7.24
N LEU D 482 -22.50 -15.79 -8.45
CA LEU D 482 -21.24 -16.47 -8.66
C LEU D 482 -20.10 -15.47 -8.47
N VAL D 483 -19.41 -15.59 -7.34
CA VAL D 483 -18.34 -14.66 -7.01
C VAL D 483 -16.99 -15.32 -7.22
N ILE D 484 -16.07 -14.58 -7.84
CA ILE D 484 -14.75 -15.11 -8.13
C ILE D 484 -13.68 -14.48 -7.25
N THR D 485 -12.74 -15.29 -6.80
CA THR D 485 -11.62 -14.81 -6.00
C THR D 485 -10.32 -15.46 -6.46
N GLY D 486 -9.78 -14.95 -7.56
CA GLY D 486 -8.59 -15.53 -8.16
C GLY D 486 -8.96 -16.68 -9.07
N LYS D 487 -8.86 -17.90 -8.55
CA LYS D 487 -9.23 -19.10 -9.29
C LYS D 487 -10.55 -19.66 -8.80
N LYS D 488 -10.84 -19.45 -7.51
CA LYS D 488 -12.04 -19.99 -6.90
C LYS D 488 -13.27 -19.12 -7.17
N ILE D 489 -14.22 -19.67 -7.91
CA ILE D 489 -15.52 -19.03 -8.05
C ILE D 489 -16.56 -19.81 -7.26
N THR D 490 -17.14 -19.17 -6.26
CA THR D 490 -18.06 -19.83 -5.34
C THR D 490 -19.52 -19.49 -5.63
N LYS D 491 -20.41 -20.44 -5.36
CA LYS D 491 -21.84 -20.25 -5.57
C LYS D 491 -22.56 -19.91 -4.26
N ILE D 492 -22.88 -18.64 -4.10
CA ILE D 492 -23.51 -18.17 -2.86
C ILE D 492 -24.98 -17.83 -3.09
N PRO D 493 -25.86 -18.37 -2.25
CA PRO D 493 -27.31 -18.11 -2.31
C PRO D 493 -27.66 -16.71 -1.82
N LEU D 494 -28.77 -16.17 -2.31
CA LEU D 494 -29.22 -14.84 -1.92
C LEU D 494 -30.01 -14.90 -0.60
N ASN D 495 -30.55 -16.07 -0.30
CA ASN D 495 -31.36 -16.27 0.90
C ASN D 495 -30.54 -16.22 2.17
N GLY D 496 -29.25 -15.97 2.03
CA GLY D 496 -28.35 -15.96 3.17
C GLY D 496 -27.96 -17.36 3.58
N LEU D 497 -26.96 -17.47 4.44
CA LEU D 497 -26.45 -18.77 4.87
C LEU D 497 -27.32 -19.35 5.98
N GLY D 498 -28.64 -19.27 5.80
CA GLY D 498 -29.57 -19.77 6.79
C GLY D 498 -29.55 -18.92 8.05
N CYS D 499 -29.40 -19.55 9.22
CA CYS D 499 -29.43 -18.85 10.50
C CYS D 499 -28.31 -19.31 11.42
N ARG D 500 -27.61 -20.37 11.00
CA ARG D 500 -26.61 -21.00 11.84
C ARG D 500 -25.36 -20.14 12.03
N HIS D 501 -25.11 -19.22 11.11
CA HIS D 501 -23.87 -18.45 11.13
C HIS D 501 -24.00 -17.10 11.87
N PHE D 502 -25.14 -16.89 12.52
CA PHE D 502 -25.35 -15.66 13.30
C PHE D 502 -24.76 -15.79 14.70
N GLN D 503 -24.03 -14.75 15.12
CA GLN D 503 -23.24 -14.82 16.34
C GLN D 503 -24.02 -14.52 17.62
N SER D 504 -24.67 -13.36 17.69
CA SER D 504 -25.39 -12.98 18.91
C SER D 504 -26.91 -12.91 18.70
N CYS D 505 -27.63 -12.68 19.78
CA CYS D 505 -29.08 -12.70 19.76
C CYS D 505 -29.67 -11.56 18.92
N SER D 506 -29.15 -10.35 19.12
CA SER D 506 -29.58 -9.20 18.36
C SER D 506 -29.34 -9.41 16.87
N GLN D 507 -28.19 -9.99 16.55
CA GLN D 507 -27.82 -10.24 15.17
C GLN D 507 -28.68 -11.33 14.55
N CYS D 508 -29.31 -12.14 15.40
CA CYS D 508 -30.14 -13.25 14.94
C CYS D 508 -31.50 -12.76 14.44
N LEU D 509 -31.90 -11.57 14.89
CA LEU D 509 -33.18 -11.00 14.49
C LEU D 509 -32.97 -9.84 13.50
N SER D 510 -31.70 -9.52 13.27
CA SER D 510 -31.35 -8.47 12.32
C SER D 510 -31.43 -8.97 10.88
N ALA D 511 -31.55 -10.29 10.74
CA ALA D 511 -31.73 -10.90 9.43
C ALA D 511 -33.07 -10.48 8.85
N PRO D 512 -33.11 -10.34 7.51
CA PRO D 512 -34.31 -9.91 6.77
C PRO D 512 -35.54 -10.75 7.10
N PRO D 513 -36.72 -10.28 6.70
CA PRO D 513 -38.00 -10.96 6.97
C PRO D 513 -38.07 -12.38 6.41
N PHE D 514 -37.36 -12.65 5.33
CA PHE D 514 -37.49 -13.93 4.65
C PHE D 514 -36.68 -15.08 5.27
N VAL D 515 -35.63 -14.73 6.00
CA VAL D 515 -34.72 -15.75 6.55
C VAL D 515 -35.40 -16.62 7.62
N GLN D 516 -36.21 -16.01 8.47
CA GLN D 516 -36.99 -16.74 9.48
C GLN D 516 -36.12 -17.47 10.51
N CYS D 517 -35.24 -16.73 11.19
CA CYS D 517 -34.43 -17.31 12.25
C CYS D 517 -35.17 -17.25 13.58
N GLY D 518 -34.47 -17.57 14.66
CA GLY D 518 -35.05 -17.54 15.99
C GLY D 518 -34.07 -17.98 17.05
N TRP D 519 -33.47 -17.01 17.73
CA TRP D 519 -32.50 -17.28 18.79
C TRP D 519 -33.08 -18.26 19.79
N CYS D 520 -32.39 -19.37 20.00
CA CYS D 520 -32.90 -20.44 20.85
C CYS D 520 -32.02 -20.65 22.07
N HIS D 521 -32.19 -19.77 23.06
CA HIS D 521 -31.50 -19.87 24.35
C HIS D 521 -30.01 -19.51 24.29
N ASP D 522 -29.27 -20.23 23.45
CA ASP D 522 -27.82 -20.05 23.39
C ASP D 522 -27.31 -19.96 21.95
N LYS D 523 -27.91 -20.75 21.07
CA LYS D 523 -27.52 -20.74 19.66
C LYS D 523 -28.64 -20.15 18.82
N CYS D 524 -28.31 -19.74 17.60
CA CYS D 524 -29.31 -19.24 16.67
C CYS D 524 -29.66 -20.32 15.66
N VAL D 525 -30.95 -20.53 15.42
CA VAL D 525 -31.38 -21.58 14.51
C VAL D 525 -32.68 -21.20 13.81
N ARG D 526 -33.15 -22.06 12.91
CA ARG D 526 -34.37 -21.81 12.16
C ARG D 526 -35.60 -21.85 13.06
N SER D 527 -36.76 -21.55 12.48
CA SER D 527 -38.01 -21.48 13.22
C SER D 527 -38.35 -22.73 14.02
N GLU D 528 -38.82 -23.77 13.32
CA GLU D 528 -39.31 -24.97 13.96
C GLU D 528 -38.19 -25.86 14.50
N GLU D 529 -36.97 -25.32 14.53
CA GLU D 529 -35.81 -26.10 14.95
C GLU D 529 -35.37 -25.74 16.37
N CYS D 530 -36.31 -25.22 17.17
CA CYS D 530 -36.01 -24.82 18.53
C CYS D 530 -36.25 -25.95 19.53
N LEU D 531 -35.17 -26.37 20.20
CA LEU D 531 -35.23 -27.48 21.15
C LEU D 531 -36.06 -27.15 22.38
N SER D 532 -35.97 -25.89 22.81
CA SER D 532 -36.68 -25.44 24.01
C SER D 532 -37.71 -24.36 23.72
N GLY D 533 -38.52 -24.03 24.73
CA GLY D 533 -39.55 -23.02 24.59
C GLY D 533 -39.03 -21.60 24.79
N THR D 534 -38.00 -21.25 24.05
CA THR D 534 -37.38 -19.94 24.16
C THR D 534 -37.14 -19.33 22.78
N TRP D 535 -37.85 -19.86 21.79
CA TRP D 535 -37.76 -19.35 20.43
C TRP D 535 -38.63 -18.11 20.27
N THR D 536 -38.03 -17.03 19.78
CA THR D 536 -38.76 -15.78 19.57
C THR D 536 -38.04 -14.90 18.54
N GLN D 537 -38.76 -13.92 18.01
CA GLN D 537 -38.20 -13.00 17.04
C GLN D 537 -38.25 -11.55 17.52
N GLN D 538 -38.41 -11.36 18.82
CA GLN D 538 -38.48 -10.02 19.39
C GLN D 538 -37.64 -9.87 20.65
N ILE D 539 -37.88 -10.76 21.62
CA ILE D 539 -37.29 -10.62 22.95
C ILE D 539 -35.81 -10.99 23.00
N CYS D 540 -34.95 -9.96 23.04
CA CYS D 540 -33.53 -10.15 23.25
C CYS D 540 -33.09 -9.37 24.47
N LEU D 541 -32.63 -10.07 25.49
CA LEU D 541 -32.23 -9.43 26.74
C LEU D 541 -30.76 -9.01 26.72
N PRO D 542 -30.43 -7.92 27.43
CA PRO D 542 -29.07 -7.42 27.55
C PRO D 542 -28.18 -8.37 28.34
N ALA D 543 -26.90 -8.03 28.48
CA ALA D 543 -25.95 -8.84 29.24
C ALA D 543 -24.64 -8.07 29.40
N ILE D 544 -24.21 -7.90 30.64
CA ILE D 544 -22.99 -7.16 30.93
C ILE D 544 -21.82 -8.10 31.22
N TYR D 545 -20.76 -7.99 30.43
CA TYR D 545 -19.58 -8.84 30.62
C TYR D 545 -18.63 -8.22 31.63
N LYS D 546 -18.23 -6.99 31.37
CA LYS D 546 -17.29 -6.29 32.25
C LYS D 546 -17.46 -4.78 32.11
N VAL D 547 -17.09 -4.06 33.15
CA VAL D 547 -17.19 -2.60 33.15
C VAL D 547 -15.87 -1.97 33.58
N PHE D 548 -15.52 -0.85 32.95
CA PHE D 548 -14.29 -0.14 33.28
C PHE D 548 -14.59 1.34 33.50
N PRO D 549 -14.17 1.88 34.66
CA PRO D 549 -13.45 1.16 35.72
C PRO D 549 -14.39 0.34 36.61
N ASN D 550 -13.83 -0.31 37.63
CA ASN D 550 -14.64 -1.08 38.56
C ASN D 550 -15.14 -0.23 39.73
N SER D 551 -14.58 0.98 39.86
CA SER D 551 -14.97 1.88 40.93
C SER D 551 -15.10 3.33 40.45
N ALA D 552 -15.29 4.25 41.38
CA ALA D 552 -15.47 5.66 41.05
C ALA D 552 -15.19 6.58 42.25
N PRO D 553 -14.92 7.87 41.98
CA PRO D 553 -14.66 8.85 43.03
C PRO D 553 -15.96 9.31 43.66
N LEU D 554 -15.88 9.81 44.89
CA LEU D 554 -17.04 10.23 45.66
C LEU D 554 -18.08 10.99 44.84
N GLU D 555 -17.65 12.06 44.18
CA GLU D 555 -18.57 12.91 43.43
C GLU D 555 -18.24 12.86 41.95
N GLY D 556 -17.04 12.37 41.64
CA GLY D 556 -16.53 12.34 40.29
C GLY D 556 -17.46 11.76 39.25
N GLY D 557 -17.32 12.24 38.01
CA GLY D 557 -18.14 11.75 36.91
C GLY D 557 -17.34 10.96 35.89
N THR D 558 -16.60 9.97 36.38
CA THR D 558 -15.78 9.13 35.52
C THR D 558 -16.52 8.58 34.31
N ARG D 559 -15.79 8.32 33.22
CA ARG D 559 -16.36 7.68 32.05
C ARG D 559 -16.45 6.17 32.26
N LEU D 560 -17.53 5.58 31.74
CA LEU D 560 -17.75 4.15 31.87
C LEU D 560 -17.76 3.46 30.52
N THR D 561 -17.03 2.36 30.41
CA THR D 561 -17.12 1.51 29.24
C THR D 561 -17.68 0.16 29.67
N ILE D 562 -18.90 -0.12 29.24
CA ILE D 562 -19.59 -1.35 29.61
C ILE D 562 -19.75 -2.26 28.40
N CYS D 563 -18.93 -3.30 28.33
CA CYS D 563 -18.96 -4.23 27.21
C CYS D 563 -19.86 -5.42 27.48
N GLY D 564 -20.68 -5.75 26.48
CA GLY D 564 -21.61 -6.87 26.57
C GLY D 564 -22.28 -7.17 25.24
N TRP D 565 -23.49 -7.75 25.31
CA TRP D 565 -24.22 -8.13 24.12
C TRP D 565 -25.65 -7.59 24.16
N ASP D 566 -26.19 -7.28 22.98
CA ASP D 566 -27.60 -6.94 22.85
C ASP D 566 -28.00 -5.72 23.68
N PHE D 567 -27.77 -4.53 23.12
CA PHE D 567 -28.19 -3.31 23.78
C PHE D 567 -29.13 -2.50 22.90
N GLY D 568 -29.37 -2.98 21.69
CA GLY D 568 -30.19 -2.27 20.73
C GLY D 568 -31.59 -2.83 20.59
N PHE D 569 -32.50 -2.00 20.07
CA PHE D 569 -33.90 -2.40 19.92
C PHE D 569 -34.19 -2.95 18.52
N ARG D 570 -35.22 -3.79 18.42
CA ARG D 570 -35.56 -4.46 17.16
C ARG D 570 -36.70 -3.80 16.38
N ARG D 571 -36.44 -3.45 15.12
CA ARG D 571 -37.48 -3.12 14.14
C ARG D 571 -36.93 -2.46 12.88
N ASN D 572 -37.69 -2.52 11.79
CA ASN D 572 -37.27 -2.04 10.47
C ASN D 572 -35.99 -2.76 10.02
N ASN D 573 -35.72 -3.89 10.67
CA ASN D 573 -34.48 -4.66 10.48
C ASN D 573 -33.34 -4.14 11.36
N LYS D 574 -33.17 -2.83 11.39
CA LYS D 574 -32.03 -2.20 12.06
C LYS D 574 -32.17 -2.17 13.58
N PHE D 575 -31.04 -2.03 14.26
CA PHE D 575 -31.00 -1.90 15.72
C PHE D 575 -30.24 -0.64 16.11
N ASP D 576 -30.82 0.13 17.03
CA ASP D 576 -30.18 1.35 17.52
C ASP D 576 -30.19 1.40 19.04
N LEU D 577 -29.49 2.38 19.60
CA LEU D 577 -29.47 2.55 21.04
C LEU D 577 -30.47 3.60 21.49
N LYS D 578 -31.64 3.62 20.85
CA LYS D 578 -32.70 4.56 21.20
C LYS D 578 -33.24 4.22 22.58
N LYS D 579 -33.89 3.07 22.67
CA LYS D 579 -34.44 2.59 23.94
C LYS D 579 -33.36 1.95 24.80
N THR D 580 -32.19 2.57 24.83
CA THR D 580 -31.09 2.09 25.67
C THR D 580 -30.87 3.05 26.83
N ARG D 581 -31.09 2.54 28.04
CA ARG D 581 -30.92 3.36 29.24
C ARG D 581 -30.04 2.66 30.27
N VAL D 582 -29.09 3.41 30.82
CA VAL D 582 -28.24 2.88 31.87
C VAL D 582 -28.64 3.46 33.21
N LEU D 583 -28.65 2.62 34.24
CA LEU D 583 -29.07 3.04 35.57
C LEU D 583 -28.03 2.60 36.60
N LEU D 584 -27.31 3.56 37.17
CA LEU D 584 -26.32 3.24 38.18
C LEU D 584 -26.89 3.37 39.58
N GLY D 585 -27.27 2.23 40.17
CA GLY D 585 -27.87 2.21 41.49
C GLY D 585 -29.27 2.79 41.47
N ASN D 586 -29.38 4.08 41.80
CA ASN D 586 -30.64 4.79 41.72
C ASN D 586 -30.49 6.01 40.82
N GLU D 587 -29.25 6.49 40.73
CA GLU D 587 -28.92 7.63 39.88
C GLU D 587 -28.93 7.22 38.40
N SER D 588 -29.88 7.76 37.64
CA SER D 588 -29.95 7.50 36.21
C SER D 588 -28.67 7.95 35.53
N CYS D 589 -28.20 7.17 34.57
CA CYS D 589 -26.92 7.44 33.93
C CYS D 589 -27.10 8.11 32.57
N THR D 590 -26.09 8.86 32.14
CA THR D 590 -26.16 9.65 30.91
C THR D 590 -25.31 9.05 29.79
N LEU D 591 -25.97 8.56 28.76
CA LEU D 591 -25.28 7.91 27.65
C LEU D 591 -24.99 8.85 26.50
N THR D 592 -23.74 8.85 26.05
CA THR D 592 -23.37 9.53 24.82
C THR D 592 -23.53 8.53 23.68
N LEU D 593 -24.72 8.53 23.09
CA LEU D 593 -25.12 7.51 22.11
C LEU D 593 -24.17 7.38 20.92
N SER D 594 -23.60 8.49 20.48
CA SER D 594 -22.70 8.48 19.33
C SER D 594 -21.52 7.54 19.54
N GLU D 595 -20.94 7.58 20.74
CA GLU D 595 -19.75 6.78 21.04
C GLU D 595 -20.10 5.36 21.46
N SER D 596 -21.39 5.06 21.56
CA SER D 596 -21.83 3.75 21.99
C SER D 596 -22.21 2.86 20.81
N THR D 597 -21.94 1.57 20.94
CA THR D 597 -22.28 0.61 19.90
C THR D 597 -23.15 -0.50 20.46
N MET D 598 -23.50 -1.46 19.60
CA MET D 598 -24.35 -2.57 19.99
C MET D 598 -23.69 -3.47 21.03
N ASN D 599 -22.41 -3.24 21.28
CA ASN D 599 -21.66 -4.04 22.23
C ASN D 599 -20.89 -3.19 23.24
N THR D 600 -20.62 -1.94 22.87
CA THR D 600 -19.86 -1.04 23.73
C THR D 600 -20.72 0.14 24.20
N LEU D 601 -20.99 0.18 25.50
CA LEU D 601 -21.77 1.27 26.07
C LEU D 601 -20.89 2.24 26.85
N LYS D 602 -20.87 3.49 26.41
CA LYS D 602 -20.09 4.52 27.08
C LYS D 602 -20.98 5.53 27.79
N CYS D 603 -20.99 5.46 29.12
CA CYS D 603 -21.78 6.34 29.95
C CYS D 603 -20.86 7.20 30.81
N THR D 604 -21.39 8.31 31.33
CA THR D 604 -20.63 9.19 32.22
C THR D 604 -21.35 9.36 33.55
N VAL D 605 -20.74 8.86 34.62
CA VAL D 605 -21.42 8.78 35.92
C VAL D 605 -21.30 10.02 36.81
N GLY D 606 -21.34 9.79 38.12
CA GLY D 606 -21.41 10.86 39.10
C GLY D 606 -22.83 11.03 39.58
N PHE D 613 -20.24 3.63 48.67
CA PHE D 613 -21.25 2.68 48.22
C PHE D 613 -20.63 1.45 47.55
N ASN D 614 -21.48 0.48 47.22
CA ASN D 614 -21.06 -0.74 46.54
C ASN D 614 -22.18 -1.15 45.59
N MET D 615 -22.64 -0.17 44.81
CA MET D 615 -23.89 -0.29 44.06
C MET D 615 -23.84 -1.26 42.90
N SER D 616 -24.98 -1.40 42.23
CA SER D 616 -25.10 -2.25 41.05
C SER D 616 -25.47 -1.40 39.85
N ILE D 617 -25.22 -1.94 38.66
CA ILE D 617 -25.51 -1.22 37.42
C ILE D 617 -26.61 -1.93 36.63
N ILE D 618 -27.51 -1.16 36.05
CA ILE D 618 -28.66 -1.71 35.33
C ILE D 618 -28.67 -1.23 33.88
N ILE D 619 -29.10 -2.10 32.97
CA ILE D 619 -29.15 -1.74 31.56
C ILE D 619 -30.43 -2.24 30.89
N SER D 620 -31.22 -1.32 30.37
CA SER D 620 -32.48 -1.67 29.71
C SER D 620 -32.37 -1.44 28.21
N ASN D 621 -32.77 -2.45 27.44
CA ASN D 621 -32.81 -2.32 25.99
C ASN D 621 -34.24 -2.30 25.44
N GLY D 622 -35.18 -1.87 26.27
CA GLY D 622 -36.56 -1.73 25.87
C GLY D 622 -37.40 -2.97 26.13
N HIS D 623 -36.73 -4.11 26.28
CA HIS D 623 -37.42 -5.36 26.53
C HIS D 623 -37.19 -5.85 27.94
N GLY D 624 -35.92 -5.95 28.33
CA GLY D 624 -35.56 -6.40 29.66
C GLY D 624 -34.36 -5.64 30.19
N THR D 625 -33.84 -6.08 31.33
CA THR D 625 -32.68 -5.43 31.93
C THR D 625 -31.72 -6.43 32.55
N THR D 626 -30.52 -5.96 32.85
CA THR D 626 -29.51 -6.78 33.53
C THR D 626 -28.85 -5.95 34.61
N GLN D 627 -28.04 -6.62 35.44
CA GLN D 627 -27.33 -5.94 36.52
C GLN D 627 -25.85 -6.29 36.54
N TYR D 628 -25.10 -5.61 37.40
CA TYR D 628 -23.67 -5.82 37.52
C TYR D 628 -23.22 -5.17 38.82
N SER D 629 -22.93 -6.00 39.82
CA SER D 629 -22.71 -5.51 41.18
C SER D 629 -21.26 -5.49 41.63
N THR D 630 -20.38 -4.92 40.81
CA THR D 630 -18.98 -4.76 41.19
C THR D 630 -18.66 -3.30 41.45
N PHE D 631 -19.33 -2.43 40.70
CA PHE D 631 -19.08 -0.99 40.75
C PHE D 631 -19.23 -0.41 42.16
N SER D 632 -18.15 0.22 42.63
CA SER D 632 -18.12 0.81 43.97
C SER D 632 -17.76 2.29 43.89
N TYR D 633 -18.17 3.04 44.91
CA TYR D 633 -17.92 4.48 44.93
C TYR D 633 -16.85 4.88 45.95
N VAL D 634 -15.77 4.10 45.99
CA VAL D 634 -14.72 4.29 46.98
C VAL D 634 -14.26 5.74 47.16
N ASP D 635 -13.78 6.06 48.36
CA ASP D 635 -13.27 7.39 48.67
C ASP D 635 -11.75 7.41 48.57
N PRO D 636 -11.22 8.21 47.62
CA PRO D 636 -9.78 8.36 47.39
C PRO D 636 -9.12 9.16 48.50
N VAL D 637 -8.09 8.61 49.14
CA VAL D 637 -7.39 9.31 50.22
C VAL D 637 -5.90 9.04 50.20
N ILE D 638 -5.11 10.08 50.48
CA ILE D 638 -3.66 9.94 50.52
C ILE D 638 -3.14 9.89 51.94
N THR D 639 -2.75 8.70 52.41
CA THR D 639 -2.18 8.59 53.74
C THR D 639 -0.89 9.40 53.88
N SER D 640 0.18 8.94 53.25
CA SER D 640 1.47 9.60 53.44
C SER D 640 2.26 9.77 52.14
N ILE D 641 3.27 10.62 52.20
CA ILE D 641 4.07 10.94 51.01
C ILE D 641 5.57 10.99 51.34
N SER D 642 6.37 10.34 50.49
CA SER D 642 7.82 10.31 50.67
C SER D 642 8.50 10.16 49.31
N PRO D 643 9.67 10.80 49.14
CA PRO D 643 10.38 11.63 50.12
C PRO D 643 9.68 12.96 50.36
N LYS D 644 9.94 13.58 51.52
CA LYS D 644 9.29 14.81 51.90
C LYS D 644 9.98 16.06 51.33
N TYR D 645 11.29 16.00 51.19
CA TYR D 645 12.06 17.07 50.55
C TYR D 645 12.61 16.59 49.22
N GLY D 646 13.25 17.49 48.47
CA GLY D 646 13.78 17.12 47.17
C GLY D 646 14.60 18.19 46.45
N PRO D 647 15.17 17.82 45.29
CA PRO D 647 15.99 18.71 44.46
C PRO D 647 15.30 20.03 44.20
N MET D 648 16.01 21.13 44.40
CA MET D 648 15.43 22.46 44.17
C MET D 648 14.86 22.56 42.77
N ALA D 649 15.62 22.09 41.79
CA ALA D 649 15.15 22.05 40.42
C ALA D 649 13.91 21.17 40.35
N GLY D 650 14.09 19.88 40.64
CA GLY D 650 12.98 18.95 40.67
C GLY D 650 13.12 17.83 39.67
N GLY D 651 13.09 16.60 40.16
CA GLY D 651 13.20 15.43 39.31
C GLY D 651 13.24 14.14 40.11
N THR D 652 12.88 14.24 41.39
CA THR D 652 12.89 13.09 42.29
C THR D 652 11.58 12.30 42.22
N LEU D 653 11.67 11.01 42.49
CA LEU D 653 10.51 10.14 42.49
C LEU D 653 9.70 10.29 43.78
N LEU D 654 8.48 10.79 43.64
CA LEU D 654 7.60 11.00 44.78
C LEU D 654 6.58 9.88 44.90
N THR D 655 6.49 9.28 46.08
CA THR D 655 5.62 8.12 46.29
C THR D 655 4.44 8.45 47.22
N LEU D 656 3.22 8.21 46.73
CA LEU D 656 2.00 8.47 47.49
C LEU D 656 1.35 7.17 47.93
N THR D 657 0.69 7.18 49.08
CA THR D 657 0.04 5.98 49.62
C THR D 657 -1.44 6.24 49.98
N GLY D 658 -2.27 5.19 49.95
CA GLY D 658 -3.68 5.33 50.28
C GLY D 658 -4.61 4.36 49.57
N ASN D 659 -5.65 4.89 48.92
CA ASN D 659 -6.61 4.10 48.13
C ASN D 659 -6.95 4.85 46.84
N HIS D 668 -4.44 12.60 39.23
CA HIS D 668 -3.82 12.72 37.93
C HIS D 668 -2.72 13.73 38.30
N ILE D 669 -1.93 13.32 39.30
CA ILE D 669 -1.05 14.20 40.08
C ILE D 669 -0.46 15.43 39.39
N SER D 670 -0.47 16.54 40.13
CA SER D 670 0.11 17.79 39.65
C SER D 670 0.33 18.75 40.83
N ILE D 671 1.60 19.01 41.15
CA ILE D 671 1.92 19.91 42.26
C ILE D 671 2.31 21.28 41.75
N GLY D 672 2.12 22.30 42.59
CA GLY D 672 2.47 23.67 42.23
C GLY D 672 1.74 24.17 40.99
N GLY D 673 0.75 23.40 40.54
CA GLY D 673 0.00 23.73 39.34
C GLY D 673 0.46 22.94 38.13
N LYS D 674 1.71 23.16 37.73
CA LYS D 674 2.26 22.51 36.56
C LYS D 674 2.43 21.01 36.81
N THR D 675 1.66 20.21 36.07
CA THR D 675 1.54 18.77 36.32
C THR D 675 2.87 18.03 36.43
N CYS D 676 2.92 17.10 37.38
CA CYS D 676 4.03 16.16 37.43
C CYS D 676 3.64 14.97 36.59
N THR D 677 4.44 13.91 36.63
CA THR D 677 4.18 12.75 35.79
C THR D 677 4.00 11.47 36.61
N LEU D 678 3.10 10.60 36.15
CA LEU D 678 2.85 9.35 36.83
C LEU D 678 3.70 8.21 36.26
N LYS D 679 4.40 7.51 37.15
CA LYS D 679 5.26 6.39 36.75
C LYS D 679 4.57 5.05 36.92
N SER D 680 4.08 4.77 38.13
CA SER D 680 3.38 3.53 38.39
C SER D 680 2.09 3.79 39.17
N VAL D 681 0.96 3.40 38.57
CA VAL D 681 -0.34 3.61 39.21
C VAL D 681 -0.74 2.39 40.02
N SER D 682 -1.66 2.58 40.95
CA SER D 682 -2.12 1.50 41.81
C SER D 682 -3.36 1.95 42.58
N ASN D 683 -3.77 1.15 43.55
CA ASN D 683 -4.86 1.55 44.44
C ASN D 683 -4.27 1.76 45.82
N SER D 684 -3.00 1.43 45.96
CA SER D 684 -2.34 1.50 47.25
C SER D 684 -1.12 2.42 47.20
N ILE D 685 -0.55 2.60 46.02
CA ILE D 685 0.69 3.35 45.91
C ILE D 685 0.90 4.02 44.55
N LEU D 686 1.33 5.28 44.57
CA LEU D 686 1.56 6.05 43.35
C LEU D 686 3.00 6.57 43.28
N GLU D 687 3.64 6.38 42.12
CA GLU D 687 4.97 6.93 41.89
C GLU D 687 4.91 8.06 40.87
N CYS D 688 5.57 9.17 41.17
CA CYS D 688 5.49 10.35 40.33
C CYS D 688 6.83 11.08 40.25
N TYR D 689 7.10 11.69 39.10
CA TYR D 689 8.30 12.51 38.95
C TYR D 689 7.95 13.98 39.09
N THR D 690 8.64 14.65 40.00
CA THR D 690 8.37 16.06 40.30
C THR D 690 8.77 16.99 39.16
N PRO D 691 7.87 17.93 38.81
CA PRO D 691 8.11 18.98 37.83
C PRO D 691 9.23 19.91 38.28
N ALA D 692 10.19 20.16 37.39
CA ALA D 692 11.29 21.07 37.70
C ALA D 692 10.81 22.51 37.73
N GLN D 693 10.22 22.91 38.87
CA GLN D 693 9.68 24.24 39.01
C GLN D 693 10.75 25.27 39.39
N THR D 694 10.53 26.51 38.97
CA THR D 694 11.47 27.59 39.24
C THR D 694 11.17 28.27 40.58
N ILE D 695 11.08 27.48 41.63
CA ILE D 695 10.76 27.99 42.96
C ILE D 695 11.73 27.45 44.00
N SER D 696 11.59 27.91 45.24
CA SER D 696 12.41 27.44 46.34
C SER D 696 11.55 27.27 47.60
N THR D 697 10.24 27.34 47.42
CA THR D 697 9.30 27.20 48.52
C THR D 697 8.55 25.86 48.41
N GLU D 698 7.63 25.63 49.34
CA GLU D 698 6.93 24.36 49.42
C GLU D 698 5.55 24.44 48.78
N PHE D 699 5.02 23.28 48.36
CA PHE D 699 3.74 23.25 47.65
C PHE D 699 2.89 22.05 48.06
N ALA D 700 1.57 22.19 47.92
CA ALA D 700 0.64 21.12 48.21
C ALA D 700 0.49 20.20 47.00
N VAL D 701 0.46 18.89 47.26
CA VAL D 701 0.36 17.90 46.20
C VAL D 701 -1.10 17.55 45.94
N LYS D 702 -1.58 17.83 44.74
CA LYS D 702 -3.00 17.70 44.44
C LYS D 702 -3.36 16.57 43.47
N LEU D 703 -4.10 15.60 43.99
CA LEU D 703 -4.69 14.53 43.18
C LEU D 703 -5.94 15.04 42.49
N LYS D 704 -6.11 14.72 41.21
CA LYS D 704 -7.27 15.20 40.47
C LYS D 704 -8.03 14.05 39.80
N ILE D 705 -8.47 13.10 40.61
CA ILE D 705 -9.23 11.96 40.10
C ILE D 705 -10.72 12.29 39.94
N ASP D 706 -11.04 13.19 39.00
CA ASP D 706 -12.43 13.59 38.71
C ASP D 706 -13.04 14.43 39.85
N LEU D 707 -12.53 14.20 41.05
CA LEU D 707 -12.82 14.98 42.22
C LEU D 707 -11.46 15.39 42.78
N ALA D 708 -11.08 16.65 42.60
CA ALA D 708 -9.82 17.16 43.12
C ALA D 708 -9.71 16.85 44.60
N ASN D 709 -8.91 15.85 44.94
CA ASN D 709 -8.85 15.41 46.33
C ASN D 709 -7.63 15.88 47.09
N ARG D 710 -7.32 15.15 48.17
CA ARG D 710 -6.41 15.60 49.22
C ARG D 710 -5.14 16.29 48.74
N GLU D 711 -4.79 17.38 49.42
CA GLU D 711 -3.50 18.03 49.24
C GLU D 711 -2.64 17.64 50.43
N THR D 712 -2.45 16.34 50.58
CA THR D 712 -1.75 15.77 51.73
C THR D 712 -0.34 16.35 51.89
N SER D 713 0.30 16.00 52.99
CA SER D 713 1.63 16.47 53.36
C SER D 713 2.39 17.19 52.24
N ILE D 714 2.72 18.45 52.51
CA ILE D 714 3.32 19.32 51.51
C ILE D 714 4.80 19.02 51.27
N PHE D 715 5.19 18.99 50.00
CA PHE D 715 6.57 18.75 49.59
C PHE D 715 7.35 20.05 49.59
N SER D 716 8.65 19.96 49.89
CA SER D 716 9.48 21.16 50.01
C SER D 716 10.66 21.20 49.04
N TYR D 717 10.61 22.12 48.09
CA TYR D 717 11.75 22.39 47.22
C TYR D 717 12.75 23.25 47.97
N ARG D 718 13.98 22.78 48.07
CA ARG D 718 15.01 23.53 48.76
C ARG D 718 16.38 23.29 48.13
N GLU D 719 17.15 24.36 47.97
CA GLU D 719 18.51 24.25 47.47
C GLU D 719 19.41 23.69 48.56
N ASP D 720 20.19 22.66 48.22
CA ASP D 720 21.06 22.02 49.19
C ASP D 720 22.30 22.87 49.49
#